data_5C5W
# 
_entry.id   5C5W 
# 
_audit_conform.dict_name       mmcif_pdbx.dic 
_audit_conform.dict_version    5.391 
_audit_conform.dict_location   http://mmcif.pdb.org/dictionaries/ascii/mmcif_pdbx.dic 
# 
loop_
_database_2.database_id 
_database_2.database_code 
_database_2.pdbx_database_accession 
_database_2.pdbx_DOI 
PDB   5C5W         pdb_00005c5w 10.2210/pdb5c5w/pdb 
WWPDB D_1000209599 ?            ?                   
# 
loop_
_pdbx_audit_revision_history.ordinal 
_pdbx_audit_revision_history.data_content_type 
_pdbx_audit_revision_history.major_revision 
_pdbx_audit_revision_history.minor_revision 
_pdbx_audit_revision_history.revision_date 
1 'Structure model' 1 0 2015-10-14 
2 'Structure model' 1 1 2015-10-28 
3 'Structure model' 1 2 2017-09-13 
4 'Structure model' 1 3 2024-05-08 
# 
_pdbx_audit_revision_details.ordinal             1 
_pdbx_audit_revision_details.revision_ordinal    1 
_pdbx_audit_revision_details.data_content_type   'Structure model' 
_pdbx_audit_revision_details.provider            repository 
_pdbx_audit_revision_details.type                'Initial release' 
_pdbx_audit_revision_details.description         ? 
_pdbx_audit_revision_details.details             ? 
# 
loop_
_pdbx_audit_revision_group.ordinal 
_pdbx_audit_revision_group.revision_ordinal 
_pdbx_audit_revision_group.data_content_type 
_pdbx_audit_revision_group.group 
1 2 'Structure model' 'Database references'        
2 3 'Structure model' 'Author supporting evidence' 
3 3 'Structure model' 'Derived calculations'       
4 4 'Structure model' 'Data collection'            
5 4 'Structure model' 'Database references'        
# 
loop_
_pdbx_audit_revision_category.ordinal 
_pdbx_audit_revision_category.revision_ordinal 
_pdbx_audit_revision_category.data_content_type 
_pdbx_audit_revision_category.category 
1 3 'Structure model' pdbx_audit_support 
2 3 'Structure model' struct_conn        
3 4 'Structure model' chem_comp_atom     
4 4 'Structure model' chem_comp_bond     
5 4 'Structure model' database_2         
# 
loop_
_pdbx_audit_revision_item.ordinal 
_pdbx_audit_revision_item.revision_ordinal 
_pdbx_audit_revision_item.data_content_type 
_pdbx_audit_revision_item.item 
1 3 'Structure model' '_pdbx_audit_support.funding_organization' 
2 4 'Structure model' '_database_2.pdbx_DOI'                     
3 4 'Structure model' '_database_2.pdbx_database_accession'      
# 
_pdbx_database_status.status_code                     REL 
_pdbx_database_status.status_code_sf                  REL 
_pdbx_database_status.status_code_mr                  ? 
_pdbx_database_status.entry_id                        5C5W 
_pdbx_database_status.recvd_initial_deposition_date   2015-06-22 
_pdbx_database_status.SG_entry                        N 
_pdbx_database_status.deposit_site                    RCSB 
_pdbx_database_status.process_site                    PDBE 
_pdbx_database_status.status_code_cs                  ? 
_pdbx_database_status.methods_development_category    ? 
_pdbx_database_status.pdb_format_compatible           Y 
_pdbx_database_status.status_code_nmr_data            ? 
# 
loop_
_audit_author.name 
_audit_author.pdbx_ordinal 
'Stewart, M.' 1 
'Valkov, E.'  2 
# 
_citation.abstract                  ? 
_citation.abstract_id_CAS           ? 
_citation.book_id_ISBN              ? 
_citation.book_publisher            ? 
_citation.book_publisher_city       ? 
_citation.book_title                ? 
_citation.coordinate_linkage        ? 
_citation.country                   US 
_citation.database_id_Medline       ? 
_citation.details                   ? 
_citation.id                        primary 
_citation.journal_abbrev            'Acta Crystallogr.,Sect.F' 
_citation.journal_id_ASTM           ACSFEN 
_citation.journal_id_CSD            ? 
_citation.journal_id_ISSN           2053-230X 
_citation.journal_full              ? 
_citation.journal_issue             ? 
_citation.journal_volume            71 
_citation.language                  ? 
_citation.page_first                1318 
_citation.page_last                 1321 
_citation.title                     '1.25 angstrom resolution structure of an RNA 20-mer that binds to the TREX2 complex.' 
_citation.year                      2015 
_citation.database_id_CSD           ? 
_citation.pdbx_database_id_DOI      10.1107/S2053230X1501643X 
_citation.pdbx_database_id_PubMed   26457524 
_citation.unpublished_flag          ? 
# 
loop_
_citation_author.citation_id 
_citation_author.name 
_citation_author.ordinal 
_citation_author.identifier_ORCID 
primary 'Valkov, E.'  1 ? 
primary 'Stewart, M.' 2 ? 
# 
loop_
_entity.id 
_entity.type 
_entity.src_method 
_entity.pdbx_description 
_entity.formula_weight 
_entity.pdbx_number_of_molecules 
_entity.pdbx_ec 
_entity.pdbx_mutation 
_entity.pdbx_fragment 
_entity.details 
1 polymer syn 
;RNA (5'-R(P*CP*CP*UP*GP*AP*GP*UP*UP*CP*AP*AP*UP*UP*CP*UP*AP*GP*CP*G)-3')
;
6015.593 1  ? ? ? ? 
2 water   nat water                                                                      18.015   97 ? ? ? ? 
# 
_entity_poly.entity_id                      1 
_entity_poly.type                           polyribonucleotide 
_entity_poly.nstd_linkage                   no 
_entity_poly.nstd_monomer                   no 
_entity_poly.pdbx_seq_one_letter_code       CCUGAGUUCAAUUCUAGCG 
_entity_poly.pdbx_seq_one_letter_code_can   CCUGAGUUCAAUUCUAGCG 
_entity_poly.pdbx_strand_id                 A 
_entity_poly.pdbx_target_identifier         ? 
# 
_pdbx_entity_nonpoly.entity_id   2 
_pdbx_entity_nonpoly.name        water 
_pdbx_entity_nonpoly.comp_id     HOH 
# 
loop_
_entity_poly_seq.entity_id 
_entity_poly_seq.num 
_entity_poly_seq.mon_id 
_entity_poly_seq.hetero 
1 1  C n 
1 2  C n 
1 3  U n 
1 4  G n 
1 5  A n 
1 6  G n 
1 7  U n 
1 8  U n 
1 9  C n 
1 10 A n 
1 11 A n 
1 12 U n 
1 13 U n 
1 14 C n 
1 15 U n 
1 16 A n 
1 17 G n 
1 18 C n 
1 19 G n 
# 
_pdbx_entity_src_syn.entity_id              1 
_pdbx_entity_src_syn.pdbx_src_id            1 
_pdbx_entity_src_syn.pdbx_alt_source_flag   sample 
_pdbx_entity_src_syn.pdbx_beg_seq_num       1 
_pdbx_entity_src_syn.pdbx_end_seq_num       19 
_pdbx_entity_src_syn.organism_scientific    Saccharomyces 
_pdbx_entity_src_syn.organism_common_name   ? 
_pdbx_entity_src_syn.ncbi_taxonomy_id       4930 
_pdbx_entity_src_syn.details                ? 
# 
loop_
_chem_comp.id 
_chem_comp.type 
_chem_comp.mon_nstd_flag 
_chem_comp.name 
_chem_comp.pdbx_synonyms 
_chem_comp.formula 
_chem_comp.formula_weight 
A   'RNA linking' y "ADENOSINE-5'-MONOPHOSPHATE" ? 'C10 H14 N5 O7 P' 347.221 
C   'RNA linking' y "CYTIDINE-5'-MONOPHOSPHATE"  ? 'C9 H14 N3 O8 P'  323.197 
G   'RNA linking' y "GUANOSINE-5'-MONOPHOSPHATE" ? 'C10 H14 N5 O8 P' 363.221 
HOH non-polymer   . WATER                        ? 'H2 O'            18.015  
U   'RNA linking' y "URIDINE-5'-MONOPHOSPHATE"   ? 'C9 H13 N2 O9 P'  324.181 
# 
loop_
_pdbx_poly_seq_scheme.asym_id 
_pdbx_poly_seq_scheme.entity_id 
_pdbx_poly_seq_scheme.seq_id 
_pdbx_poly_seq_scheme.mon_id 
_pdbx_poly_seq_scheme.ndb_seq_num 
_pdbx_poly_seq_scheme.pdb_seq_num 
_pdbx_poly_seq_scheme.auth_seq_num 
_pdbx_poly_seq_scheme.pdb_mon_id 
_pdbx_poly_seq_scheme.auth_mon_id 
_pdbx_poly_seq_scheme.pdb_strand_id 
_pdbx_poly_seq_scheme.pdb_ins_code 
_pdbx_poly_seq_scheme.hetero 
A 1 1  C 1  2  2  C C A . n 
A 1 2  C 2  3  3  C C A . n 
A 1 3  U 3  4  4  U U A . n 
A 1 4  G 4  5  5  G G A . n 
A 1 5  A 5  6  6  A A A . n 
A 1 6  G 6  7  7  G G A . n 
A 1 7  U 7  8  8  U U A . n 
A 1 8  U 8  9  9  U U A . n 
A 1 9  C 9  10 10 C C A . n 
A 1 10 A 10 11 11 A A A . n 
A 1 11 A 11 12 12 A A A . n 
A 1 12 U 12 13 13 U U A . n 
A 1 13 U 13 14 14 U U A . n 
A 1 14 C 14 15 15 C C A . n 
A 1 15 U 15 16 16 U U A . n 
A 1 16 A 16 17 17 A A A . n 
A 1 17 G 17 18 18 G G A . n 
A 1 18 C 18 19 19 C C A . n 
A 1 19 G 19 20 20 G G A . n 
# 
loop_
_pdbx_nonpoly_scheme.asym_id 
_pdbx_nonpoly_scheme.entity_id 
_pdbx_nonpoly_scheme.mon_id 
_pdbx_nonpoly_scheme.ndb_seq_num 
_pdbx_nonpoly_scheme.pdb_seq_num 
_pdbx_nonpoly_scheme.auth_seq_num 
_pdbx_nonpoly_scheme.pdb_mon_id 
_pdbx_nonpoly_scheme.auth_mon_id 
_pdbx_nonpoly_scheme.pdb_strand_id 
_pdbx_nonpoly_scheme.pdb_ins_code 
B 2 HOH 1  101 56 HOH HOH A . 
B 2 HOH 2  102 95 HOH HOH A . 
B 2 HOH 3  103 51 HOH HOH A . 
B 2 HOH 4  104 32 HOH HOH A . 
B 2 HOH 5  105 81 HOH HOH A . 
B 2 HOH 6  106 33 HOH HOH A . 
B 2 HOH 7  107 9  HOH HOH A . 
B 2 HOH 8  108 34 HOH HOH A . 
B 2 HOH 9  109 39 HOH HOH A . 
B 2 HOH 10 110 64 HOH HOH A . 
B 2 HOH 11 111 3  HOH HOH A . 
B 2 HOH 12 112 35 HOH HOH A . 
B 2 HOH 13 113 11 HOH HOH A . 
B 2 HOH 14 114 28 HOH HOH A . 
B 2 HOH 15 115 57 HOH HOH A . 
B 2 HOH 16 116 50 HOH HOH A . 
B 2 HOH 17 117 30 HOH HOH A . 
B 2 HOH 18 118 24 HOH HOH A . 
B 2 HOH 19 119 23 HOH HOH A . 
B 2 HOH 20 120 27 HOH HOH A . 
B 2 HOH 21 121 52 HOH HOH A . 
B 2 HOH 22 122 48 HOH HOH A . 
B 2 HOH 23 123 94 HOH HOH A . 
B 2 HOH 24 124 6  HOH HOH A . 
B 2 HOH 25 125 21 HOH HOH A . 
B 2 HOH 26 126 58 HOH HOH A . 
B 2 HOH 27 127 75 HOH HOH A . 
B 2 HOH 28 128 69 HOH HOH A . 
B 2 HOH 29 129 65 HOH HOH A . 
B 2 HOH 30 130 7  HOH HOH A . 
B 2 HOH 31 131 22 HOH HOH A . 
B 2 HOH 32 132 2  HOH HOH A . 
B 2 HOH 33 133 86 HOH HOH A . 
B 2 HOH 34 134 43 HOH HOH A . 
B 2 HOH 35 135 78 HOH HOH A . 
B 2 HOH 36 136 18 HOH HOH A . 
B 2 HOH 37 137 68 HOH HOH A . 
B 2 HOH 38 138 47 HOH HOH A . 
B 2 HOH 39 139 83 HOH HOH A . 
B 2 HOH 40 140 38 HOH HOH A . 
B 2 HOH 41 141 26 HOH HOH A . 
B 2 HOH 42 142 62 HOH HOH A . 
B 2 HOH 43 143 40 HOH HOH A . 
B 2 HOH 44 144 36 HOH HOH A . 
B 2 HOH 45 145 14 HOH HOH A . 
B 2 HOH 46 146 20 HOH HOH A . 
B 2 HOH 47 147 17 HOH HOH A . 
B 2 HOH 48 148 8  HOH HOH A . 
B 2 HOH 49 149 19 HOH HOH A . 
B 2 HOH 50 150 29 HOH HOH A . 
B 2 HOH 51 151 46 HOH HOH A . 
B 2 HOH 52 152 31 HOH HOH A . 
B 2 HOH 53 153 42 HOH HOH A . 
B 2 HOH 54 154 16 HOH HOH A . 
B 2 HOH 55 155 72 HOH HOH A . 
B 2 HOH 56 156 59 HOH HOH A . 
B 2 HOH 57 157 79 HOH HOH A . 
B 2 HOH 58 158 15 HOH HOH A . 
B 2 HOH 59 159 25 HOH HOH A . 
B 2 HOH 60 160 66 HOH HOH A . 
B 2 HOH 61 161 10 HOH HOH A . 
B 2 HOH 62 162 60 HOH HOH A . 
B 2 HOH 63 163 44 HOH HOH A . 
B 2 HOH 64 164 5  HOH HOH A . 
B 2 HOH 65 165 71 HOH HOH A . 
B 2 HOH 66 166 67 HOH HOH A . 
B 2 HOH 67 167 1  HOH HOH A . 
B 2 HOH 68 168 49 HOH HOH A . 
B 2 HOH 69 169 90 HOH HOH A . 
B 2 HOH 70 170 12 HOH HOH A . 
B 2 HOH 71 171 41 HOH HOH A . 
B 2 HOH 72 172 74 HOH HOH A . 
B 2 HOH 73 173 4  HOH HOH A . 
B 2 HOH 74 174 88 HOH HOH A . 
B 2 HOH 75 175 85 HOH HOH A . 
B 2 HOH 76 176 13 HOH HOH A . 
B 2 HOH 77 177 97 HOH HOH A . 
B 2 HOH 78 178 84 HOH HOH A . 
B 2 HOH 79 179 92 HOH HOH A . 
B 2 HOH 80 180 53 HOH HOH A . 
B 2 HOH 81 181 91 HOH HOH A . 
B 2 HOH 82 182 61 HOH HOH A . 
B 2 HOH 83 183 37 HOH HOH A . 
B 2 HOH 84 184 45 HOH HOH A . 
B 2 HOH 85 185 89 HOH HOH A . 
B 2 HOH 86 186 63 HOH HOH A . 
B 2 HOH 87 187 76 HOH HOH A . 
B 2 HOH 88 188 82 HOH HOH A . 
B 2 HOH 89 189 70 HOH HOH A . 
B 2 HOH 90 190 87 HOH HOH A . 
B 2 HOH 91 191 54 HOH HOH A . 
B 2 HOH 92 192 77 HOH HOH A . 
B 2 HOH 93 193 73 HOH HOH A . 
B 2 HOH 94 194 55 HOH HOH A . 
B 2 HOH 95 195 80 HOH HOH A . 
B 2 HOH 96 196 98 HOH HOH A . 
B 2 HOH 97 197 93 HOH HOH A . 
# 
loop_
_software.citation_id 
_software.classification 
_software.compiler_name 
_software.compiler_version 
_software.contact_author 
_software.contact_author_email 
_software.date 
_software.description 
_software.dependencies 
_software.hardware 
_software.language 
_software.location 
_software.mods 
_software.name 
_software.os 
_software.os_version 
_software.type 
_software.version 
_software.pdbx_ordinal 
? refinement       ? ? ? ? ? ? ? ? ? ? ? PHENIX  ? ? ? 1.9_1692 1 
? 'data reduction' ? ? ? ? ? ? ? ? ? ? ? XDS     ? ? ? .        2 
? 'data scaling'   ? ? ? ? ? ? ? ? ? ? ? Aimless ? ? ? .        3 
? phasing          ? ? ? ? ? ? ? ? ? ? ? PHASER  ? ? ? .        4 
# 
_cell.angle_alpha                  90.00 
_cell.angle_alpha_esd              ? 
_cell.angle_beta                   90.00 
_cell.angle_beta_esd               ? 
_cell.angle_gamma                  120.00 
_cell.angle_gamma_esd              ? 
_cell.entry_id                     5C5W 
_cell.details                      ? 
_cell.formula_units_Z              ? 
_cell.length_a                     39.870 
_cell.length_a_esd                 ? 
_cell.length_b                     39.870 
_cell.length_b_esd                 ? 
_cell.length_c                     156.870 
_cell.length_c_esd                 ? 
_cell.volume                       ? 
_cell.volume_esd                   ? 
_cell.Z_PDB                        18 
_cell.reciprocal_angle_alpha       ? 
_cell.reciprocal_angle_beta        ? 
_cell.reciprocal_angle_gamma       ? 
_cell.reciprocal_angle_alpha_esd   ? 
_cell.reciprocal_angle_beta_esd    ? 
_cell.reciprocal_angle_gamma_esd   ? 
_cell.reciprocal_length_a          ? 
_cell.reciprocal_length_b          ? 
_cell.reciprocal_length_c          ? 
_cell.reciprocal_length_a_esd      ? 
_cell.reciprocal_length_b_esd      ? 
_cell.reciprocal_length_c_esd      ? 
_cell.pdbx_unique_axis             ? 
# 
_symmetry.entry_id                         5C5W 
_symmetry.cell_setting                     ? 
_symmetry.Int_Tables_number                155 
_symmetry.space_group_name_Hall            ? 
_symmetry.space_group_name_H-M             'H 3 2' 
_symmetry.pdbx_full_space_group_name_H-M   ? 
# 
_exptl.absorpt_coefficient_mu     ? 
_exptl.absorpt_correction_T_max   ? 
_exptl.absorpt_correction_T_min   ? 
_exptl.absorpt_correction_type    ? 
_exptl.absorpt_process_details    ? 
_exptl.entry_id                   5C5W 
_exptl.crystals_number            ? 
_exptl.details                    ? 
_exptl.method                     'X-RAY DIFFRACTION' 
_exptl.method_details             ? 
# 
_exptl_crystal.colour                      ? 
_exptl_crystal.density_diffrn              ? 
_exptl_crystal.density_Matthews            1.99 
_exptl_crystal.density_method              ? 
_exptl_crystal.density_percent_sol         38.33 
_exptl_crystal.description                 ? 
_exptl_crystal.F_000                       ? 
_exptl_crystal.id                          1 
_exptl_crystal.preparation                 ? 
_exptl_crystal.size_max                    ? 
_exptl_crystal.size_mid                    ? 
_exptl_crystal.size_min                    ? 
_exptl_crystal.size_rad                    ? 
_exptl_crystal.colour_lustre               ? 
_exptl_crystal.colour_modifier             ? 
_exptl_crystal.colour_primary              ? 
_exptl_crystal.density_meas                ? 
_exptl_crystal.density_meas_esd            ? 
_exptl_crystal.density_meas_gt             ? 
_exptl_crystal.density_meas_lt             ? 
_exptl_crystal.density_meas_temp           ? 
_exptl_crystal.density_meas_temp_esd       ? 
_exptl_crystal.density_meas_temp_gt        ? 
_exptl_crystal.density_meas_temp_lt        ? 
_exptl_crystal.pdbx_crystal_image_url      ? 
_exptl_crystal.pdbx_crystal_image_format   ? 
_exptl_crystal.pdbx_mosaicity              ? 
_exptl_crystal.pdbx_mosaicity_esd          ? 
# 
_exptl_crystal_grow.apparatus       ? 
_exptl_crystal_grow.atmosphere      ? 
_exptl_crystal_grow.crystal_id      1 
_exptl_crystal_grow.details         ? 
_exptl_crystal_grow.method          'VAPOR DIFFUSION, SITTING DROP' 
_exptl_crystal_grow.method_ref      ? 
_exptl_crystal_grow.pH              6.5 
_exptl_crystal_grow.pressure        ? 
_exptl_crystal_grow.pressure_esd    ? 
_exptl_crystal_grow.seeding         ? 
_exptl_crystal_grow.seeding_ref     ? 
_exptl_crystal_grow.temp            291 
_exptl_crystal_grow.temp_details    ? 
_exptl_crystal_grow.temp_esd        ? 
_exptl_crystal_grow.time            ? 
_exptl_crystal_grow.pdbx_details    'See manuscript for details. 2M ammonium sulphate, 0.2 M NaCl, 0.1 M cacodylate buffer.' 
_exptl_crystal_grow.pdbx_pH_range   ? 
# 
_diffrn.ambient_environment    ? 
_diffrn.ambient_temp           100 
_diffrn.ambient_temp_details   ? 
_diffrn.ambient_temp_esd       ? 
_diffrn.crystal_id             1 
_diffrn.crystal_support        ? 
_diffrn.crystal_treatment      ? 
_diffrn.details                ? 
_diffrn.id                     1 
_diffrn.ambient_pressure       ? 
_diffrn.ambient_pressure_esd   ? 
_diffrn.ambient_pressure_gt    ? 
_diffrn.ambient_pressure_lt    ? 
_diffrn.ambient_temp_gt        ? 
_diffrn.ambient_temp_lt        ? 
# 
_diffrn_detector.details                      ? 
_diffrn_detector.detector                     PIXEL 
_diffrn_detector.diffrn_id                    1 
_diffrn_detector.type                         'DECTRIS PILATUS 2M' 
_diffrn_detector.area_resol_mean              ? 
_diffrn_detector.dtime                        ? 
_diffrn_detector.pdbx_frames_total            ? 
_diffrn_detector.pdbx_collection_time_total   ? 
_diffrn_detector.pdbx_collection_date         2014-01-27 
# 
_diffrn_radiation.collimation                      ? 
_diffrn_radiation.diffrn_id                        1 
_diffrn_radiation.filter_edge                      ? 
_diffrn_radiation.inhomogeneity                    ? 
_diffrn_radiation.monochromator                    ? 
_diffrn_radiation.polarisn_norm                    ? 
_diffrn_radiation.polarisn_ratio                   ? 
_diffrn_radiation.probe                            ? 
_diffrn_radiation.type                             ? 
_diffrn_radiation.xray_symbol                      ? 
_diffrn_radiation.wavelength_id                    1 
_diffrn_radiation.pdbx_monochromatic_or_laue_m_l   M 
_diffrn_radiation.pdbx_wavelength_list             ? 
_diffrn_radiation.pdbx_wavelength                  ? 
_diffrn_radiation.pdbx_diffrn_protocol             'SINGLE WAVELENGTH' 
_diffrn_radiation.pdbx_analyzer                    ? 
_diffrn_radiation.pdbx_scattering_type             x-ray 
# 
_diffrn_radiation_wavelength.id           1 
_diffrn_radiation_wavelength.wavelength   0.9200 
_diffrn_radiation_wavelength.wt           1.0 
# 
_diffrn_source.current                     ? 
_diffrn_source.details                     ? 
_diffrn_source.diffrn_id                   1 
_diffrn_source.power                       ? 
_diffrn_source.size                        ? 
_diffrn_source.source                      SYNCHROTRON 
_diffrn_source.target                      ? 
_diffrn_source.type                        'DIAMOND BEAMLINE I04-1' 
_diffrn_source.voltage                     ? 
_diffrn_source.take-off_angle              ? 
_diffrn_source.pdbx_wavelength_list        0.9200 
_diffrn_source.pdbx_wavelength             ? 
_diffrn_source.pdbx_synchrotron_beamline   I04-1 
_diffrn_source.pdbx_synchrotron_site       Diamond 
# 
_reflns.B_iso_Wilson_estimate            ? 
_reflns.entry_id                         5C5W 
_reflns.data_reduction_details           ? 
_reflns.data_reduction_method            ? 
_reflns.d_resolution_high                1.25 
_reflns.d_resolution_low                 52.29 
_reflns.details                          ? 
_reflns.limit_h_max                      ? 
_reflns.limit_h_min                      ? 
_reflns.limit_k_max                      ? 
_reflns.limit_k_min                      ? 
_reflns.limit_l_max                      ? 
_reflns.limit_l_min                      ? 
_reflns.number_all                       ? 
_reflns.number_obs                       13567 
_reflns.observed_criterion               ? 
_reflns.observed_criterion_F_max         ? 
_reflns.observed_criterion_F_min         ? 
_reflns.observed_criterion_I_max         ? 
_reflns.observed_criterion_I_min         ? 
_reflns.observed_criterion_sigma_F       ? 
_reflns.observed_criterion_sigma_I       ? 
_reflns.percent_possible_obs             100 
_reflns.R_free_details                   ? 
_reflns.Rmerge_F_all                     ? 
_reflns.Rmerge_F_obs                     ? 
_reflns.Friedel_coverage                 ? 
_reflns.number_gt                        ? 
_reflns.threshold_expression             ? 
_reflns.pdbx_redundancy                  23.5 
_reflns.pdbx_Rmerge_I_obs                0.1 
_reflns.pdbx_Rmerge_I_all                ? 
_reflns.pdbx_Rsym_value                  ? 
_reflns.pdbx_netI_over_av_sigmaI         ? 
_reflns.pdbx_netI_over_sigmaI            21.5 
_reflns.pdbx_res_netI_over_av_sigmaI_2   ? 
_reflns.pdbx_res_netI_over_sigmaI_2      ? 
_reflns.pdbx_chi_squared                 ? 
_reflns.pdbx_scaling_rejects             ? 
_reflns.pdbx_d_res_high_opt              ? 
_reflns.pdbx_d_res_low_opt               ? 
_reflns.pdbx_d_res_opt_method            ? 
_reflns.phase_calculation_details        ? 
_reflns.pdbx_Rrim_I_all                  ? 
_reflns.pdbx_Rpim_I_all                  ? 
_reflns.pdbx_d_opt                       ? 
_reflns.pdbx_number_measured_all         ? 
_reflns.pdbx_diffrn_id                   1 
_reflns.pdbx_ordinal                     1 
_reflns.pdbx_CC_half                     ? 
_reflns.pdbx_R_split                     ? 
# 
_reflns_shell.Rmerge_F_all                ? 
_reflns_shell.Rmerge_F_gt                 ? 
_reflns_shell.Rmerge_F_obs                ? 
_reflns_shell.Rmerge_I_all                ? 
_reflns_shell.Rmerge_I_gt                 ? 
_reflns_shell.Rmerge_I_obs                1.383 
_reflns_shell.d_res_high                  1.25 
_reflns_shell.d_res_low                   1.28 
_reflns_shell.meanI_over_sigI_all         ? 
_reflns_shell.meanI_over_sigI_gt          ? 
_reflns_shell.meanI_over_sigI_obs         1.6 
_reflns_shell.meanI_over_uI_all           ? 
_reflns_shell.meanI_over_uI_gt            ? 
_reflns_shell.number_measured_all         ? 
_reflns_shell.number_measured_gt          ? 
_reflns_shell.number_measured_obs         ? 
_reflns_shell.number_possible             ? 
_reflns_shell.number_unique_all           ? 
_reflns_shell.number_unique_gt            ? 
_reflns_shell.number_unique_obs           ? 
_reflns_shell.pdbx_CC_half                ? 
_reflns_shell.pdbx_R_split                ? 
_reflns_shell.pdbx_Rpim_I_all             ? 
_reflns_shell.pdbx_Rrim_I_all             ? 
_reflns_shell.pdbx_Rsym_value             ? 
_reflns_shell.pdbx_chi_squared            ? 
_reflns_shell.pdbx_diffrn_id              1 
_reflns_shell.pdbx_netI_over_sigmaI_all   ? 
_reflns_shell.pdbx_netI_over_sigmaI_obs   ? 
_reflns_shell.pdbx_ordinal                1 
_reflns_shell.pdbx_redundancy             ? 
_reflns_shell.pdbx_rejects                ? 
_reflns_shell.percent_possible_all        89.9 
_reflns_shell.percent_possible_gt         ? 
_reflns_shell.percent_possible_obs        ? 
# 
_refine.aniso_B[1][1]                            ? 
_refine.aniso_B[1][2]                            ? 
_refine.aniso_B[1][3]                            ? 
_refine.aniso_B[2][2]                            ? 
_refine.aniso_B[2][3]                            ? 
_refine.aniso_B[3][3]                            ? 
_refine.B_iso_max                                ? 
_refine.B_iso_mean                               ? 
_refine.B_iso_min                                ? 
_refine.correlation_coeff_Fo_to_Fc               ? 
_refine.correlation_coeff_Fo_to_Fc_free          ? 
_refine.details                                  ? 
_refine.diff_density_max                         ? 
_refine.diff_density_max_esd                     ? 
_refine.diff_density_min                         ? 
_refine.diff_density_min_esd                     ? 
_refine.diff_density_rms                         ? 
_refine.diff_density_rms_esd                     ? 
_refine.entry_id                                 5C5W 
_refine.pdbx_refine_id                           'X-RAY DIFFRACTION' 
_refine.ls_abs_structure_details                 ? 
_refine.ls_abs_structure_Flack                   ? 
_refine.ls_abs_structure_Flack_esd               ? 
_refine.ls_abs_structure_Rogers                  ? 
_refine.ls_abs_structure_Rogers_esd              ? 
_refine.ls_d_res_high                            1.250 
_refine.ls_d_res_low                             52.290 
_refine.ls_extinction_coef                       ? 
_refine.ls_extinction_coef_esd                   ? 
_refine.ls_extinction_expression                 ? 
_refine.ls_extinction_method                     ? 
_refine.ls_goodness_of_fit_all                   ? 
_refine.ls_goodness_of_fit_all_esd               ? 
_refine.ls_goodness_of_fit_obs                   ? 
_refine.ls_goodness_of_fit_obs_esd               ? 
_refine.ls_hydrogen_treatment                    ? 
_refine.ls_matrix_type                           ? 
_refine.ls_number_constraints                    ? 
_refine.ls_number_parameters                     ? 
_refine.ls_number_reflns_all                     ? 
_refine.ls_number_reflns_obs                     13563 
_refine.ls_number_reflns_R_free                  667 
_refine.ls_number_reflns_R_work                  ? 
_refine.ls_number_restraints                     ? 
_refine.ls_percent_reflns_obs                    98.40 
_refine.ls_percent_reflns_R_free                 4.92 
_refine.ls_R_factor_all                          ? 
_refine.ls_R_factor_obs                          0.1798 
_refine.ls_R_factor_R_free                       0.1879 
_refine.ls_R_factor_R_free_error                 ? 
_refine.ls_R_factor_R_free_error_details         ? 
_refine.ls_R_factor_R_work                       0.1794 
_refine.ls_R_Fsqd_factor_obs                     ? 
_refine.ls_R_I_factor_obs                        ? 
_refine.ls_redundancy_reflns_all                 ? 
_refine.ls_redundancy_reflns_obs                 ? 
_refine.ls_restrained_S_all                      ? 
_refine.ls_restrained_S_obs                      ? 
_refine.ls_shift_over_esd_max                    ? 
_refine.ls_shift_over_esd_mean                   ? 
_refine.ls_structure_factor_coef                 ? 
_refine.ls_weighting_details                     ? 
_refine.ls_weighting_scheme                      ? 
_refine.ls_wR_factor_all                         ? 
_refine.ls_wR_factor_obs                         ? 
_refine.ls_wR_factor_R_free                      ? 
_refine.ls_wR_factor_R_work                      ? 
_refine.occupancy_max                            ? 
_refine.occupancy_min                            ? 
_refine.solvent_model_details                    'FLAT BULK SOLVENT MODEL' 
_refine.solvent_model_param_bsol                 ? 
_refine.solvent_model_param_ksol                 ? 
_refine.ls_R_factor_gt                           ? 
_refine.ls_goodness_of_fit_gt                    ? 
_refine.ls_goodness_of_fit_ref                   ? 
_refine.ls_shift_over_su_max                     ? 
_refine.ls_shift_over_su_max_lt                  ? 
_refine.ls_shift_over_su_mean                    ? 
_refine.ls_shift_over_su_mean_lt                 ? 
_refine.pdbx_ls_sigma_I                          ? 
_refine.pdbx_ls_sigma_F                          2.00 
_refine.pdbx_ls_sigma_Fsqd                       ? 
_refine.pdbx_data_cutoff_high_absF               ? 
_refine.pdbx_data_cutoff_high_rms_absF           ? 
_refine.pdbx_data_cutoff_low_absF                ? 
_refine.pdbx_isotropic_thermal_model             ? 
_refine.pdbx_ls_cross_valid_method               'FREE R-VALUE' 
_refine.pdbx_method_to_determine_struct          ? 
_refine.pdbx_starting_model                      ? 
_refine.pdbx_stereochemistry_target_values       ML 
_refine.pdbx_R_Free_selection_details            ? 
_refine.pdbx_stereochem_target_val_spec_case     ? 
_refine.pdbx_overall_ESU_R                       ? 
_refine.pdbx_overall_ESU_R_Free                  ? 
_refine.pdbx_solvent_vdw_probe_radii             1.11 
_refine.pdbx_solvent_ion_probe_radii             ? 
_refine.pdbx_solvent_shrinkage_radii             0.90 
_refine.pdbx_real_space_R                        ? 
_refine.pdbx_density_correlation                 ? 
_refine.pdbx_pd_number_of_powder_patterns        ? 
_refine.pdbx_pd_number_of_points                 ? 
_refine.pdbx_pd_meas_number_of_points            ? 
_refine.pdbx_pd_proc_ls_prof_R_factor            ? 
_refine.pdbx_pd_proc_ls_prof_wR_factor           ? 
_refine.pdbx_pd_Marquardt_correlation_coeff      ? 
_refine.pdbx_pd_Fsqrd_R_factor                   ? 
_refine.pdbx_pd_ls_matrix_band_width             ? 
_refine.pdbx_overall_phase_error                 22.25 
_refine.pdbx_overall_SU_R_free_Cruickshank_DPI   ? 
_refine.pdbx_overall_SU_R_free_Blow_DPI          ? 
_refine.pdbx_overall_SU_R_Blow_DPI               ? 
_refine.pdbx_TLS_residual_ADP_flag               ? 
_refine.pdbx_diffrn_id                           1 
_refine.overall_SU_B                             ? 
_refine.overall_SU_ML                            0.15 
_refine.overall_SU_R_Cruickshank_DPI             ? 
_refine.overall_SU_R_free                        ? 
_refine.overall_FOM_free_R_set                   ? 
_refine.overall_FOM_work_R_set                   ? 
_refine.pdbx_average_fsc_overall                 ? 
_refine.pdbx_average_fsc_work                    ? 
_refine.pdbx_average_fsc_free                    ? 
# 
_refine_hist.pdbx_refine_id                   'X-RAY DIFFRACTION' 
_refine_hist.cycle_id                         LAST 
_refine_hist.pdbx_number_atoms_protein        0 
_refine_hist.pdbx_number_atoms_nucleic_acid   400 
_refine_hist.pdbx_number_atoms_ligand         0 
_refine_hist.number_atoms_solvent             97 
_refine_hist.number_atoms_total               497 
_refine_hist.d_res_high                       1.250 
_refine_hist.d_res_low                        52.290 
# 
loop_
_refine_ls_restr.pdbx_refine_id 
_refine_ls_restr.criterion 
_refine_ls_restr.dev_ideal 
_refine_ls_restr.dev_ideal_target 
_refine_ls_restr.number 
_refine_ls_restr.rejects 
_refine_ls_restr.type 
_refine_ls_restr.weight 
_refine_ls_restr.pdbx_restraint_function 
'X-RAY DIFFRACTION' ? 0.008 ? 515 ? f_bond_d           ? ? 
'X-RAY DIFFRACTION' ? 1.375 ? 801 ? f_angle_d          ? ? 
'X-RAY DIFFRACTION' ? 9.604 ? 264 ? f_dihedral_angle_d ? ? 
'X-RAY DIFFRACTION' ? 0.053 ? 110 ? f_chiral_restr     ? ? 
'X-RAY DIFFRACTION' ? 0.014 ? 22  ? f_plane_restr      ? ? 
# 
loop_
_refine_ls_shell.pdbx_refine_id 
_refine_ls_shell.d_res_high 
_refine_ls_shell.d_res_low 
_refine_ls_shell.number_reflns_all 
_refine_ls_shell.number_reflns_obs 
_refine_ls_shell.number_reflns_R_free 
_refine_ls_shell.number_reflns_R_work 
_refine_ls_shell.percent_reflns_obs 
_refine_ls_shell.percent_reflns_R_free 
_refine_ls_shell.R_factor_all 
_refine_ls_shell.R_factor_obs 
_refine_ls_shell.R_factor_R_free 
_refine_ls_shell.R_factor_R_free_error 
_refine_ls_shell.R_factor_R_work 
_refine_ls_shell.redundancy_reflns_all 
_refine_ls_shell.redundancy_reflns_obs 
_refine_ls_shell.wR_factor_all 
_refine_ls_shell.wR_factor_obs 
_refine_ls_shell.wR_factor_R_free 
_refine_ls_shell.wR_factor_R_work 
_refine_ls_shell.pdbx_total_number_of_bins_used 
_refine_ls_shell.pdbx_phase_error 
_refine_ls_shell.pdbx_fsc_work 
_refine_ls_shell.pdbx_fsc_free 
'X-RAY DIFFRACTION' 1.2505 1.3470  . . 146 2392 94.00  . . . 0.2990 . 0.2311 . . . . . . . . . . 
'X-RAY DIFFRACTION' 1.3470 1.4826  . . 141 2576 100.00 . . . 0.1919 . 0.1719 . . . . . . . . . . 
'X-RAY DIFFRACTION' 1.4826 1.6971  . . 120 2583 99.00  . . . 0.1966 . 0.1458 . . . . . . . . . . 
'X-RAY DIFFRACTION' 1.6971 2.1382  . . 119 2625 100.00 . . . 0.1744 . 0.1612 . . . . . . . . . . 
'X-RAY DIFFRACTION' 2.1382 52.3358 . . 141 2720 99.00  . . . 0.1727 . 0.1915 . . . . . . . . . . 
# 
_struct.entry_id                     5C5W 
_struct.title                        '1.25 A resolution structure of an RNA 20-mer' 
_struct.pdbx_model_details           ? 
_struct.pdbx_formula_weight          ? 
_struct.pdbx_formula_weight_method   ? 
_struct.pdbx_model_type_details      ? 
_struct.pdbx_CASP_flag               ? 
# 
_struct_keywords.entry_id        5C5W 
_struct_keywords.text            'RNA, duplex, C-C, A-C, G-U base pairing' 
_struct_keywords.pdbx_keywords   RNA 
# 
loop_
_struct_asym.id 
_struct_asym.pdbx_blank_PDB_chainid_flag 
_struct_asym.pdbx_modified 
_struct_asym.entity_id 
_struct_asym.details 
A N N 1 ? 
B N N 2 ? 
# 
_struct_ref.id                         1 
_struct_ref.db_name                    PDB 
_struct_ref.db_code                    5C5W 
_struct_ref.pdbx_db_accession          5C5W 
_struct_ref.pdbx_db_isoform            ? 
_struct_ref.entity_id                  1 
_struct_ref.pdbx_seq_one_letter_code   ? 
_struct_ref.pdbx_align_begin           1 
# 
_struct_ref_seq.align_id                      1 
_struct_ref_seq.ref_id                        1 
_struct_ref_seq.pdbx_PDB_id_code              5C5W 
_struct_ref_seq.pdbx_strand_id                A 
_struct_ref_seq.seq_align_beg                 1 
_struct_ref_seq.pdbx_seq_align_beg_ins_code   ? 
_struct_ref_seq.seq_align_end                 19 
_struct_ref_seq.pdbx_seq_align_end_ins_code   ? 
_struct_ref_seq.pdbx_db_accession             5C5W 
_struct_ref_seq.db_align_beg                  2 
_struct_ref_seq.pdbx_db_align_beg_ins_code    ? 
_struct_ref_seq.db_align_end                  20 
_struct_ref_seq.pdbx_db_align_end_ins_code    ? 
_struct_ref_seq.pdbx_auth_seq_align_beg       2 
_struct_ref_seq.pdbx_auth_seq_align_end       20 
# 
_pdbx_struct_assembly.id                   1 
_pdbx_struct_assembly.details              software_defined_assembly 
_pdbx_struct_assembly.method_details       PISA 
_pdbx_struct_assembly.oligomeric_details   dimeric 
_pdbx_struct_assembly.oligomeric_count     2 
# 
loop_
_pdbx_struct_assembly_prop.biol_id 
_pdbx_struct_assembly_prop.type 
_pdbx_struct_assembly_prop.value 
_pdbx_struct_assembly_prop.details 
1 'ABSA (A^2)' 1720 ? 
1 MORE         -10  ? 
1 'SSA (A^2)'  7240 ? 
# 
_pdbx_struct_assembly_gen.assembly_id       1 
_pdbx_struct_assembly_gen.oper_expression   1,2 
_pdbx_struct_assembly_gen.asym_id_list      A,B 
# 
loop_
_pdbx_struct_oper_list.id 
_pdbx_struct_oper_list.type 
_pdbx_struct_oper_list.name 
_pdbx_struct_oper_list.symmetry_operation 
_pdbx_struct_oper_list.matrix[1][1] 
_pdbx_struct_oper_list.matrix[1][2] 
_pdbx_struct_oper_list.matrix[1][3] 
_pdbx_struct_oper_list.vector[1] 
_pdbx_struct_oper_list.matrix[2][1] 
_pdbx_struct_oper_list.matrix[2][2] 
_pdbx_struct_oper_list.matrix[2][3] 
_pdbx_struct_oper_list.vector[2] 
_pdbx_struct_oper_list.matrix[3][1] 
_pdbx_struct_oper_list.matrix[3][2] 
_pdbx_struct_oper_list.matrix[3][3] 
_pdbx_struct_oper_list.vector[3] 
1 'identity operation'         1_555 x,y,z       1.0000000000  0.0000000000  0.0000000000 0.0000000000  0.0000000000  1.0000000000 0.0000000000  0.0000000000  0.0000000000 0.0000000000  1.0000000000  0.0000000000  
2 'crystal symmetry operation' 5_556 x-y,-y,-z+1 -0.9763490510 -0.1852191644 0.1115185710 -7.6824727494 -0.1852191644 0.4505184936 -0.8733424002 -2.3028195296 0.1115185710 -0.8733424002 -0.4741694426 -2.1954059845 
# 
loop_
_struct_conn.id 
_struct_conn.conn_type_id 
_struct_conn.pdbx_leaving_atom_flag 
_struct_conn.pdbx_PDB_id 
_struct_conn.ptnr1_label_asym_id 
_struct_conn.ptnr1_label_comp_id 
_struct_conn.ptnr1_label_seq_id 
_struct_conn.ptnr1_label_atom_id 
_struct_conn.pdbx_ptnr1_label_alt_id 
_struct_conn.pdbx_ptnr1_PDB_ins_code 
_struct_conn.pdbx_ptnr1_standard_comp_id 
_struct_conn.ptnr1_symmetry 
_struct_conn.ptnr2_label_asym_id 
_struct_conn.ptnr2_label_comp_id 
_struct_conn.ptnr2_label_seq_id 
_struct_conn.ptnr2_label_atom_id 
_struct_conn.pdbx_ptnr2_label_alt_id 
_struct_conn.pdbx_ptnr2_PDB_ins_code 
_struct_conn.ptnr1_auth_asym_id 
_struct_conn.ptnr1_auth_comp_id 
_struct_conn.ptnr1_auth_seq_id 
_struct_conn.ptnr2_auth_asym_id 
_struct_conn.ptnr2_auth_comp_id 
_struct_conn.ptnr2_auth_seq_id 
_struct_conn.ptnr2_symmetry 
_struct_conn.pdbx_ptnr3_label_atom_id 
_struct_conn.pdbx_ptnr3_label_seq_id 
_struct_conn.pdbx_ptnr3_label_comp_id 
_struct_conn.pdbx_ptnr3_label_asym_id 
_struct_conn.pdbx_ptnr3_label_alt_id 
_struct_conn.pdbx_ptnr3_PDB_ins_code 
_struct_conn.details 
_struct_conn.pdbx_dist_value 
_struct_conn.pdbx_value_order 
_struct_conn.pdbx_role 
hydrog1  hydrog ? ? A C 1  N3 ? ? ? 1_555 A G 17 N1 ? ? A C 2  A G 18 5_556 ? ? ? ? ? ? WATSON-CRICK  ? ? ? 
hydrog2  hydrog ? ? A C 1  N4 ? ? ? 1_555 A G 17 O6 ? ? A C 2  A G 18 5_556 ? ? ? ? ? ? WATSON-CRICK  ? ? ? 
hydrog3  hydrog ? ? A C 1  O2 ? ? ? 1_555 A G 17 N2 ? ? A C 2  A G 18 5_556 ? ? ? ? ? ? WATSON-CRICK  ? ? ? 
hydrog4  hydrog ? ? A C 2  O2 ? ? ? 1_555 A A 16 N6 ? ? A C 3  A A 17 5_556 ? ? ? ? ? ? 'C-A MISPAIR' ? ? ? 
hydrog5  hydrog ? ? A U 3  N3 ? ? ? 1_555 A U 15 O2 ? ? A U 4  A U 16 5_556 ? ? ? ? ? ? TYPE_16_PAIR  ? ? ? 
hydrog6  hydrog ? ? A U 3  O4 ? ? ? 1_555 A U 15 N3 ? ? A U 4  A U 16 5_556 ? ? ? ? ? ? TYPE_16_PAIR  ? ? ? 
hydrog7  hydrog ? ? A G 4  N1 ? ? ? 1_555 A C 14 N3 ? ? A G 5  A C 15 5_556 ? ? ? ? ? ? WATSON-CRICK  ? ? ? 
hydrog8  hydrog ? ? A G 4  N2 ? ? ? 1_555 A C 14 O2 ? ? A G 5  A C 15 5_556 ? ? ? ? ? ? WATSON-CRICK  ? ? ? 
hydrog9  hydrog ? ? A G 4  O6 ? ? ? 1_555 A C 14 N4 ? ? A G 5  A C 15 5_556 ? ? ? ? ? ? WATSON-CRICK  ? ? ? 
hydrog10 hydrog ? ? A A 5  N1 ? ? ? 1_555 A U 13 N3 ? ? A A 6  A U 14 5_556 ? ? ? ? ? ? WATSON-CRICK  ? ? ? 
hydrog11 hydrog ? ? A A 5  N6 ? ? ? 1_555 A U 13 O4 ? ? A A 6  A U 14 5_556 ? ? ? ? ? ? WATSON-CRICK  ? ? ? 
hydrog12 hydrog ? ? A G 6  N1 ? ? ? 1_555 A U 12 O2 ? ? A G 7  A U 13 5_556 ? ? ? ? ? ? TYPE_28_PAIR  ? ? ? 
hydrog13 hydrog ? ? A G 6  O6 ? ? ? 1_555 A U 12 N3 ? ? A G 7  A U 13 5_556 ? ? ? ? ? ? TYPE_28_PAIR  ? ? ? 
hydrog14 hydrog ? ? A U 7  N3 ? ? ? 1_555 A A 11 N1 ? ? A U 8  A A 12 5_556 ? ? ? ? ? ? WATSON-CRICK  ? ? ? 
hydrog15 hydrog ? ? A U 7  O4 ? ? ? 1_555 A A 11 N6 ? ? A U 8  A A 12 5_556 ? ? ? ? ? ? WATSON-CRICK  ? ? ? 
hydrog16 hydrog ? ? A U 8  N3 A ? ? 1_555 A A 10 N1 A ? A U 9  A A 11 5_556 ? ? ? ? ? ? WATSON-CRICK  ? ? ? 
hydrog17 hydrog ? ? A U 8  N3 B ? ? 1_555 A A 10 N1 B ? A U 9  A A 11 5_556 ? ? ? ? ? ? WATSON-CRICK  ? ? ? 
hydrog18 hydrog ? ? A U 8  O4 A ? ? 1_555 A A 10 N6 A ? A U 9  A A 11 5_556 ? ? ? ? ? ? WATSON-CRICK  ? ? ? 
hydrog19 hydrog ? ? A U 8  O4 B ? ? 1_555 A A 10 N6 B ? A U 9  A A 11 5_556 ? ? ? ? ? ? WATSON-CRICK  ? ? ? 
hydrog20 hydrog ? ? A C 9  N3 B ? ? 1_555 A C 9  N4 B ? A C 10 A C 10 5_556 ? ? ? ? ? ? TYPE_14_PAIR  ? ? ? 
hydrog21 hydrog ? ? A C 9  N4 B ? ? 1_555 A C 9  N3 B ? A C 10 A C 10 5_556 ? ? ? ? ? ? TYPE_14_PAIR  ? ? ? 
hydrog22 hydrog ? ? A A 10 N1 A ? ? 1_555 A U 8  N3 A ? A A 11 A U 9  5_556 ? ? ? ? ? ? WATSON-CRICK  ? ? ? 
hydrog23 hydrog ? ? A A 10 N1 B ? ? 1_555 A U 8  N3 B ? A A 11 A U 9  5_556 ? ? ? ? ? ? WATSON-CRICK  ? ? ? 
hydrog24 hydrog ? ? A A 10 N6 A ? ? 1_555 A U 8  O4 A ? A A 11 A U 9  5_556 ? ? ? ? ? ? WATSON-CRICK  ? ? ? 
hydrog25 hydrog ? ? A A 10 N6 B ? ? 1_555 A U 8  O4 B ? A A 11 A U 9  5_556 ? ? ? ? ? ? WATSON-CRICK  ? ? ? 
hydrog26 hydrog ? ? A A 11 N1 ? ? ? 1_555 A U 7  N3 ? ? A A 12 A U 8  5_556 ? ? ? ? ? ? WATSON-CRICK  ? ? ? 
hydrog27 hydrog ? ? A A 11 N6 ? ? ? 1_555 A U 7  O4 ? ? A A 12 A U 8  5_556 ? ? ? ? ? ? WATSON-CRICK  ? ? ? 
hydrog28 hydrog ? ? A U 12 N3 ? ? ? 1_555 A G 6  O6 ? ? A U 13 A G 7  5_556 ? ? ? ? ? ? TYPE_28_PAIR  ? ? ? 
hydrog29 hydrog ? ? A U 12 O2 ? ? ? 1_555 A G 6  N1 ? ? A U 13 A G 7  5_556 ? ? ? ? ? ? TYPE_28_PAIR  ? ? ? 
hydrog30 hydrog ? ? A U 13 N3 ? ? ? 1_555 A A 5  N1 ? ? A U 14 A A 6  5_556 ? ? ? ? ? ? WATSON-CRICK  ? ? ? 
hydrog31 hydrog ? ? A U 13 O4 ? ? ? 1_555 A A 5  N6 ? ? A U 14 A A 6  5_556 ? ? ? ? ? ? WATSON-CRICK  ? ? ? 
hydrog32 hydrog ? ? A C 14 N3 ? ? ? 1_555 A G 4  N1 ? ? A C 15 A G 5  5_556 ? ? ? ? ? ? WATSON-CRICK  ? ? ? 
hydrog33 hydrog ? ? A C 14 N4 ? ? ? 1_555 A G 4  O6 ? ? A C 15 A G 5  5_556 ? ? ? ? ? ? WATSON-CRICK  ? ? ? 
hydrog34 hydrog ? ? A C 14 O2 ? ? ? 1_555 A G 4  N2 ? ? A C 15 A G 5  5_556 ? ? ? ? ? ? WATSON-CRICK  ? ? ? 
hydrog35 hydrog ? ? A U 15 N3 ? ? ? 1_555 A U 3  O4 ? ? A U 16 A U 4  5_556 ? ? ? ? ? ? TYPE_16_PAIR  ? ? ? 
hydrog36 hydrog ? ? A U 15 O2 ? ? ? 1_555 A U 3  N3 ? ? A U 16 A U 4  5_556 ? ? ? ? ? ? TYPE_16_PAIR  ? ? ? 
hydrog37 hydrog ? ? A A 16 N6 ? ? ? 1_555 A C 2  O2 ? ? A A 17 A C 3  5_556 ? ? ? ? ? ? 'A-C MISPAIR' ? ? ? 
hydrog38 hydrog ? ? A G 17 N1 ? ? ? 1_555 A C 1  N3 ? ? A G 18 A C 2  5_556 ? ? ? ? ? ? WATSON-CRICK  ? ? ? 
hydrog39 hydrog ? ? A G 17 N2 ? ? ? 1_555 A C 1  O2 ? ? A G 18 A C 2  5_556 ? ? ? ? ? ? WATSON-CRICK  ? ? ? 
hydrog40 hydrog ? ? A G 17 O6 ? ? ? 1_555 A C 1  N4 ? ? A G 18 A C 2  5_556 ? ? ? ? ? ? WATSON-CRICK  ? ? ? 
# 
_struct_conn_type.id          hydrog 
_struct_conn_type.criteria    ? 
_struct_conn_type.reference   ? 
# 
loop_
_pdbx_validate_close_contact.id 
_pdbx_validate_close_contact.PDB_model_num 
_pdbx_validate_close_contact.auth_atom_id_1 
_pdbx_validate_close_contact.auth_asym_id_1 
_pdbx_validate_close_contact.auth_comp_id_1 
_pdbx_validate_close_contact.auth_seq_id_1 
_pdbx_validate_close_contact.PDB_ins_code_1 
_pdbx_validate_close_contact.label_alt_id_1 
_pdbx_validate_close_contact.auth_atom_id_2 
_pdbx_validate_close_contact.auth_asym_id_2 
_pdbx_validate_close_contact.auth_comp_id_2 
_pdbx_validate_close_contact.auth_seq_id_2 
_pdbx_validate_close_contact.PDB_ins_code_2 
_pdbx_validate_close_contact.label_alt_id_2 
_pdbx_validate_close_contact.dist 
1 1 O A HOH 135 ? ? O A HOH 180 ? ? 1.73 
2 1 O A HOH 160 ? ? O A HOH 188 ? ? 1.83 
3 1 O A HOH 139 ? ? O A HOH 177 ? ? 1.99 
4 1 O A HOH 187 ? ? O A HOH 192 ? ? 2.02 
5 1 O A HOH 163 ? ? O A HOH 194 ? ? 2.06 
# 
loop_
_pdbx_validate_symm_contact.id 
_pdbx_validate_symm_contact.PDB_model_num 
_pdbx_validate_symm_contact.auth_atom_id_1 
_pdbx_validate_symm_contact.auth_asym_id_1 
_pdbx_validate_symm_contact.auth_comp_id_1 
_pdbx_validate_symm_contact.auth_seq_id_1 
_pdbx_validate_symm_contact.PDB_ins_code_1 
_pdbx_validate_symm_contact.label_alt_id_1 
_pdbx_validate_symm_contact.site_symmetry_1 
_pdbx_validate_symm_contact.auth_atom_id_2 
_pdbx_validate_symm_contact.auth_asym_id_2 
_pdbx_validate_symm_contact.auth_comp_id_2 
_pdbx_validate_symm_contact.auth_seq_id_2 
_pdbx_validate_symm_contact.PDB_ins_code_2 
_pdbx_validate_symm_contact.label_alt_id_2 
_pdbx_validate_symm_contact.site_symmetry_2 
_pdbx_validate_symm_contact.dist 
1 1 O A HOH 187 ? ? 1_555 O A HOH 187 ? ? 2_545 1.08 
2 1 O A HOH 123 ? ? 1_555 O A HOH 161 ? ? 3_655 1.68 
3 1 O A HOH 192 ? ? 1_555 O A HOH 192 ? ? 2_545 1.90 
# 
_pdbx_validate_rmsd_angle.id                         1 
_pdbx_validate_rmsd_angle.PDB_model_num              1 
_pdbx_validate_rmsd_angle.auth_atom_id_1             "C5'" 
_pdbx_validate_rmsd_angle.auth_asym_id_1             A 
_pdbx_validate_rmsd_angle.auth_comp_id_1             C 
_pdbx_validate_rmsd_angle.auth_seq_id_1              10 
_pdbx_validate_rmsd_angle.PDB_ins_code_1             ? 
_pdbx_validate_rmsd_angle.label_alt_id_1             B 
_pdbx_validate_rmsd_angle.auth_atom_id_2             "C4'" 
_pdbx_validate_rmsd_angle.auth_asym_id_2             A 
_pdbx_validate_rmsd_angle.auth_comp_id_2             C 
_pdbx_validate_rmsd_angle.auth_seq_id_2              10 
_pdbx_validate_rmsd_angle.PDB_ins_code_2             ? 
_pdbx_validate_rmsd_angle.label_alt_id_2             B 
_pdbx_validate_rmsd_angle.auth_atom_id_3             "O4'" 
_pdbx_validate_rmsd_angle.auth_asym_id_3             A 
_pdbx_validate_rmsd_angle.auth_comp_id_3             C 
_pdbx_validate_rmsd_angle.auth_seq_id_3              10 
_pdbx_validate_rmsd_angle.PDB_ins_code_3             ? 
_pdbx_validate_rmsd_angle.label_alt_id_3             B 
_pdbx_validate_rmsd_angle.angle_value                115.26 
_pdbx_validate_rmsd_angle.angle_target_value         109.80 
_pdbx_validate_rmsd_angle.angle_deviation            5.46 
_pdbx_validate_rmsd_angle.angle_standard_deviation   0.90 
_pdbx_validate_rmsd_angle.linker_flag                N 
# 
loop_
_pdbx_struct_special_symmetry.id 
_pdbx_struct_special_symmetry.PDB_model_num 
_pdbx_struct_special_symmetry.auth_asym_id 
_pdbx_struct_special_symmetry.auth_comp_id 
_pdbx_struct_special_symmetry.auth_seq_id 
_pdbx_struct_special_symmetry.PDB_ins_code 
_pdbx_struct_special_symmetry.label_asym_id 
_pdbx_struct_special_symmetry.label_comp_id 
_pdbx_struct_special_symmetry.label_seq_id 
1  1 A C   10  ? A C   9 
2  1 A HOH 116 ? B HOH . 
3  1 A HOH 118 ? B HOH . 
4  1 A HOH 121 ? B HOH . 
5  1 A HOH 124 ? B HOH . 
6  1 A HOH 125 ? B HOH . 
7  1 A HOH 148 ? B HOH . 
8  1 A HOH 167 ? B HOH . 
9  1 A HOH 171 ? B HOH . 
10 1 A HOH 173 ? B HOH . 
11 1 A HOH 186 ? B HOH . 
12 1 A HOH 197 ? B HOH . 
# 
_pdbx_distant_solvent_atoms.id                                1 
_pdbx_distant_solvent_atoms.PDB_model_num                     1 
_pdbx_distant_solvent_atoms.auth_atom_id                      O 
_pdbx_distant_solvent_atoms.label_alt_id                      ? 
_pdbx_distant_solvent_atoms.auth_asym_id                      A 
_pdbx_distant_solvent_atoms.auth_comp_id                      HOH 
_pdbx_distant_solvent_atoms.auth_seq_id                       197 
_pdbx_distant_solvent_atoms.PDB_ins_code                      ? 
_pdbx_distant_solvent_atoms.neighbor_macromolecule_distance   6.06 
_pdbx_distant_solvent_atoms.neighbor_ligand_distance          . 
# 
loop_
_chem_comp_atom.comp_id 
_chem_comp_atom.atom_id 
_chem_comp_atom.type_symbol 
_chem_comp_atom.pdbx_aromatic_flag 
_chem_comp_atom.pdbx_stereo_config 
_chem_comp_atom.pdbx_ordinal 
A   OP3    O N N 1   
A   P      P N N 2   
A   OP1    O N N 3   
A   OP2    O N N 4   
A   "O5'"  O N N 5   
A   "C5'"  C N N 6   
A   "C4'"  C N R 7   
A   "O4'"  O N N 8   
A   "C3'"  C N S 9   
A   "O3'"  O N N 10  
A   "C2'"  C N R 11  
A   "O2'"  O N N 12  
A   "C1'"  C N R 13  
A   N9     N Y N 14  
A   C8     C Y N 15  
A   N7     N Y N 16  
A   C5     C Y N 17  
A   C6     C Y N 18  
A   N6     N N N 19  
A   N1     N Y N 20  
A   C2     C Y N 21  
A   N3     N Y N 22  
A   C4     C Y N 23  
A   HOP3   H N N 24  
A   HOP2   H N N 25  
A   "H5'"  H N N 26  
A   "H5''" H N N 27  
A   "H4'"  H N N 28  
A   "H3'"  H N N 29  
A   "HO3'" H N N 30  
A   "H2'"  H N N 31  
A   "HO2'" H N N 32  
A   "H1'"  H N N 33  
A   H8     H N N 34  
A   H61    H N N 35  
A   H62    H N N 36  
A   H2     H N N 37  
C   OP3    O N N 38  
C   P      P N N 39  
C   OP1    O N N 40  
C   OP2    O N N 41  
C   "O5'"  O N N 42  
C   "C5'"  C N N 43  
C   "C4'"  C N R 44  
C   "O4'"  O N N 45  
C   "C3'"  C N S 46  
C   "O3'"  O N N 47  
C   "C2'"  C N R 48  
C   "O2'"  O N N 49  
C   "C1'"  C N R 50  
C   N1     N N N 51  
C   C2     C N N 52  
C   O2     O N N 53  
C   N3     N N N 54  
C   C4     C N N 55  
C   N4     N N N 56  
C   C5     C N N 57  
C   C6     C N N 58  
C   HOP3   H N N 59  
C   HOP2   H N N 60  
C   "H5'"  H N N 61  
C   "H5''" H N N 62  
C   "H4'"  H N N 63  
C   "H3'"  H N N 64  
C   "HO3'" H N N 65  
C   "H2'"  H N N 66  
C   "HO2'" H N N 67  
C   "H1'"  H N N 68  
C   H41    H N N 69  
C   H42    H N N 70  
C   H5     H N N 71  
C   H6     H N N 72  
G   OP3    O N N 73  
G   P      P N N 74  
G   OP1    O N N 75  
G   OP2    O N N 76  
G   "O5'"  O N N 77  
G   "C5'"  C N N 78  
G   "C4'"  C N R 79  
G   "O4'"  O N N 80  
G   "C3'"  C N S 81  
G   "O3'"  O N N 82  
G   "C2'"  C N R 83  
G   "O2'"  O N N 84  
G   "C1'"  C N R 85  
G   N9     N Y N 86  
G   C8     C Y N 87  
G   N7     N Y N 88  
G   C5     C Y N 89  
G   C6     C N N 90  
G   O6     O N N 91  
G   N1     N N N 92  
G   C2     C N N 93  
G   N2     N N N 94  
G   N3     N N N 95  
G   C4     C Y N 96  
G   HOP3   H N N 97  
G   HOP2   H N N 98  
G   "H5'"  H N N 99  
G   "H5''" H N N 100 
G   "H4'"  H N N 101 
G   "H3'"  H N N 102 
G   "HO3'" H N N 103 
G   "H2'"  H N N 104 
G   "HO2'" H N N 105 
G   "H1'"  H N N 106 
G   H8     H N N 107 
G   H1     H N N 108 
G   H21    H N N 109 
G   H22    H N N 110 
HOH O      O N N 111 
HOH H1     H N N 112 
HOH H2     H N N 113 
U   OP3    O N N 114 
U   P      P N N 115 
U   OP1    O N N 116 
U   OP2    O N N 117 
U   "O5'"  O N N 118 
U   "C5'"  C N N 119 
U   "C4'"  C N R 120 
U   "O4'"  O N N 121 
U   "C3'"  C N S 122 
U   "O3'"  O N N 123 
U   "C2'"  C N R 124 
U   "O2'"  O N N 125 
U   "C1'"  C N R 126 
U   N1     N N N 127 
U   C2     C N N 128 
U   O2     O N N 129 
U   N3     N N N 130 
U   C4     C N N 131 
U   O4     O N N 132 
U   C5     C N N 133 
U   C6     C N N 134 
U   HOP3   H N N 135 
U   HOP2   H N N 136 
U   "H5'"  H N N 137 
U   "H5''" H N N 138 
U   "H4'"  H N N 139 
U   "H3'"  H N N 140 
U   "HO3'" H N N 141 
U   "H2'"  H N N 142 
U   "HO2'" H N N 143 
U   "H1'"  H N N 144 
U   H3     H N N 145 
U   H5     H N N 146 
U   H6     H N N 147 
# 
loop_
_chem_comp_bond.comp_id 
_chem_comp_bond.atom_id_1 
_chem_comp_bond.atom_id_2 
_chem_comp_bond.value_order 
_chem_comp_bond.pdbx_aromatic_flag 
_chem_comp_bond.pdbx_stereo_config 
_chem_comp_bond.pdbx_ordinal 
A   OP3   P      sing N N 1   
A   OP3   HOP3   sing N N 2   
A   P     OP1    doub N N 3   
A   P     OP2    sing N N 4   
A   P     "O5'"  sing N N 5   
A   OP2   HOP2   sing N N 6   
A   "O5'" "C5'"  sing N N 7   
A   "C5'" "C4'"  sing N N 8   
A   "C5'" "H5'"  sing N N 9   
A   "C5'" "H5''" sing N N 10  
A   "C4'" "O4'"  sing N N 11  
A   "C4'" "C3'"  sing N N 12  
A   "C4'" "H4'"  sing N N 13  
A   "O4'" "C1'"  sing N N 14  
A   "C3'" "O3'"  sing N N 15  
A   "C3'" "C2'"  sing N N 16  
A   "C3'" "H3'"  sing N N 17  
A   "O3'" "HO3'" sing N N 18  
A   "C2'" "O2'"  sing N N 19  
A   "C2'" "C1'"  sing N N 20  
A   "C2'" "H2'"  sing N N 21  
A   "O2'" "HO2'" sing N N 22  
A   "C1'" N9     sing N N 23  
A   "C1'" "H1'"  sing N N 24  
A   N9    C8     sing Y N 25  
A   N9    C4     sing Y N 26  
A   C8    N7     doub Y N 27  
A   C8    H8     sing N N 28  
A   N7    C5     sing Y N 29  
A   C5    C6     sing Y N 30  
A   C5    C4     doub Y N 31  
A   C6    N6     sing N N 32  
A   C6    N1     doub Y N 33  
A   N6    H61    sing N N 34  
A   N6    H62    sing N N 35  
A   N1    C2     sing Y N 36  
A   C2    N3     doub Y N 37  
A   C2    H2     sing N N 38  
A   N3    C4     sing Y N 39  
C   OP3   P      sing N N 40  
C   OP3   HOP3   sing N N 41  
C   P     OP1    doub N N 42  
C   P     OP2    sing N N 43  
C   P     "O5'"  sing N N 44  
C   OP2   HOP2   sing N N 45  
C   "O5'" "C5'"  sing N N 46  
C   "C5'" "C4'"  sing N N 47  
C   "C5'" "H5'"  sing N N 48  
C   "C5'" "H5''" sing N N 49  
C   "C4'" "O4'"  sing N N 50  
C   "C4'" "C3'"  sing N N 51  
C   "C4'" "H4'"  sing N N 52  
C   "O4'" "C1'"  sing N N 53  
C   "C3'" "O3'"  sing N N 54  
C   "C3'" "C2'"  sing N N 55  
C   "C3'" "H3'"  sing N N 56  
C   "O3'" "HO3'" sing N N 57  
C   "C2'" "O2'"  sing N N 58  
C   "C2'" "C1'"  sing N N 59  
C   "C2'" "H2'"  sing N N 60  
C   "O2'" "HO2'" sing N N 61  
C   "C1'" N1     sing N N 62  
C   "C1'" "H1'"  sing N N 63  
C   N1    C2     sing N N 64  
C   N1    C6     sing N N 65  
C   C2    O2     doub N N 66  
C   C2    N3     sing N N 67  
C   N3    C4     doub N N 68  
C   C4    N4     sing N N 69  
C   C4    C5     sing N N 70  
C   N4    H41    sing N N 71  
C   N4    H42    sing N N 72  
C   C5    C6     doub N N 73  
C   C5    H5     sing N N 74  
C   C6    H6     sing N N 75  
G   OP3   P      sing N N 76  
G   OP3   HOP3   sing N N 77  
G   P     OP1    doub N N 78  
G   P     OP2    sing N N 79  
G   P     "O5'"  sing N N 80  
G   OP2   HOP2   sing N N 81  
G   "O5'" "C5'"  sing N N 82  
G   "C5'" "C4'"  sing N N 83  
G   "C5'" "H5'"  sing N N 84  
G   "C5'" "H5''" sing N N 85  
G   "C4'" "O4'"  sing N N 86  
G   "C4'" "C3'"  sing N N 87  
G   "C4'" "H4'"  sing N N 88  
G   "O4'" "C1'"  sing N N 89  
G   "C3'" "O3'"  sing N N 90  
G   "C3'" "C2'"  sing N N 91  
G   "C3'" "H3'"  sing N N 92  
G   "O3'" "HO3'" sing N N 93  
G   "C2'" "O2'"  sing N N 94  
G   "C2'" "C1'"  sing N N 95  
G   "C2'" "H2'"  sing N N 96  
G   "O2'" "HO2'" sing N N 97  
G   "C1'" N9     sing N N 98  
G   "C1'" "H1'"  sing N N 99  
G   N9    C8     sing Y N 100 
G   N9    C4     sing Y N 101 
G   C8    N7     doub Y N 102 
G   C8    H8     sing N N 103 
G   N7    C5     sing Y N 104 
G   C5    C6     sing N N 105 
G   C5    C4     doub Y N 106 
G   C6    O6     doub N N 107 
G   C6    N1     sing N N 108 
G   N1    C2     sing N N 109 
G   N1    H1     sing N N 110 
G   C2    N2     sing N N 111 
G   C2    N3     doub N N 112 
G   N2    H21    sing N N 113 
G   N2    H22    sing N N 114 
G   N3    C4     sing N N 115 
HOH O     H1     sing N N 116 
HOH O     H2     sing N N 117 
U   OP3   P      sing N N 118 
U   OP3   HOP3   sing N N 119 
U   P     OP1    doub N N 120 
U   P     OP2    sing N N 121 
U   P     "O5'"  sing N N 122 
U   OP2   HOP2   sing N N 123 
U   "O5'" "C5'"  sing N N 124 
U   "C5'" "C4'"  sing N N 125 
U   "C5'" "H5'"  sing N N 126 
U   "C5'" "H5''" sing N N 127 
U   "C4'" "O4'"  sing N N 128 
U   "C4'" "C3'"  sing N N 129 
U   "C4'" "H4'"  sing N N 130 
U   "O4'" "C1'"  sing N N 131 
U   "C3'" "O3'"  sing N N 132 
U   "C3'" "C2'"  sing N N 133 
U   "C3'" "H3'"  sing N N 134 
U   "O3'" "HO3'" sing N N 135 
U   "C2'" "O2'"  sing N N 136 
U   "C2'" "C1'"  sing N N 137 
U   "C2'" "H2'"  sing N N 138 
U   "O2'" "HO2'" sing N N 139 
U   "C1'" N1     sing N N 140 
U   "C1'" "H1'"  sing N N 141 
U   N1    C2     sing N N 142 
U   N1    C6     sing N N 143 
U   C2    O2     doub N N 144 
U   C2    N3     sing N N 145 
U   N3    C4     sing N N 146 
U   N3    H3     sing N N 147 
U   C4    O4     doub N N 148 
U   C4    C5     sing N N 149 
U   C5    C6     doub N N 150 
U   C5    H5     sing N N 151 
U   C6    H6     sing N N 152 
# 
loop_
_ndb_struct_conf_na.entry_id 
_ndb_struct_conf_na.feature 
5C5W 'double helix'         
5C5W 'a-form double helix'  
5C5W 'mismatched base pair' 
# 
loop_
_ndb_struct_na_base_pair.model_number 
_ndb_struct_na_base_pair.i_label_asym_id 
_ndb_struct_na_base_pair.i_label_comp_id 
_ndb_struct_na_base_pair.i_label_seq_id 
_ndb_struct_na_base_pair.i_symmetry 
_ndb_struct_na_base_pair.j_label_asym_id 
_ndb_struct_na_base_pair.j_label_comp_id 
_ndb_struct_na_base_pair.j_label_seq_id 
_ndb_struct_na_base_pair.j_symmetry 
_ndb_struct_na_base_pair.shear 
_ndb_struct_na_base_pair.stretch 
_ndb_struct_na_base_pair.stagger 
_ndb_struct_na_base_pair.buckle 
_ndb_struct_na_base_pair.propeller 
_ndb_struct_na_base_pair.opening 
_ndb_struct_na_base_pair.pair_number 
_ndb_struct_na_base_pair.pair_name 
_ndb_struct_na_base_pair.i_auth_asym_id 
_ndb_struct_na_base_pair.i_auth_seq_id 
_ndb_struct_na_base_pair.i_PDB_ins_code 
_ndb_struct_na_base_pair.j_auth_asym_id 
_ndb_struct_na_base_pair.j_auth_seq_id 
_ndb_struct_na_base_pair.j_PDB_ins_code 
_ndb_struct_na_base_pair.hbond_type_28 
_ndb_struct_na_base_pair.hbond_type_12 
1 A C 1  1_555 A G 17 5_556 -0.095 0.070  0.064  -0.018  -9.940  1.236  1  A_C2:G18_A  A 2  ? A 18 ? 19 1 
1 A C 2  1_555 A A 16 5_556 4.043  -0.828 0.097  -9.556  -13.532 4.686  2  A_C3:A17_A  A 3  ? A 17 ? ?  1 
1 A U 3  1_555 A U 15 5_556 -2.450 -1.679 -0.053 -9.970  -13.320 8.482  3  A_U4:U16_A  A 4  ? A 16 ? 16 1 
1 A G 4  1_555 A C 14 5_556 -0.262 -0.115 -0.414 -10.665 -7.009  -1.141 4  A_G5:C15_A  A 5  ? A 15 ? 19 1 
1 A A 5  1_555 A U 13 5_556 0.009  -0.052 -0.149 -8.279  -3.313  0.716  5  A_A6:U14_A  A 6  ? A 14 ? 20 1 
1 A G 6  1_555 A U 12 5_556 -2.318 -0.523 -0.032 -3.461  -10.529 -1.403 6  A_G7:U13_A  A 7  ? A 13 ? 28 1 
1 A U 7  1_555 A A 11 5_556 0.061  -0.096 -0.134 0.666   -10.413 2.495  7  A_U8:A12_A  A 8  ? A 12 ? 20 1 
1 A U 8  1_555 A A 10 5_556 -0.108 -0.255 -0.015 6.111   -4.366  2.091  8  A_U9:A11_A  A 9  ? A 11 ? 20 1 
1 A C 9  1_555 A C 9  5_556 0.000  0.329  -0.972 0.000   -7.970  12.558 9  A_C10:C10_A A 10 ? A 10 ? 14 1 
1 A A 10 1_555 A U 8  5_556 0.108  -0.255 -0.015 -6.111  -4.366  2.091  10 A_A11:U9_A  A 11 ? A 9  ? 20 1 
1 A A 11 1_555 A U 7  5_556 -0.061 -0.096 -0.134 -0.666  -10.413 2.495  11 A_A12:U8_A  A 12 ? A 8  ? 20 1 
1 A U 12 1_555 A G 6  5_556 2.318  -0.523 -0.032 3.461   -10.529 -1.403 12 A_U13:G7_A  A 13 ? A 7  ? 28 1 
1 A U 13 1_555 A A 5  5_556 -0.009 -0.052 -0.149 8.279   -3.313  0.716  13 A_U14:A6_A  A 14 ? A 6  ? 20 1 
1 A C 14 1_555 A G 4  5_556 0.262  -0.115 -0.414 10.665  -7.009  -1.141 14 A_C15:G5_A  A 15 ? A 5  ? 19 1 
1 A U 15 1_555 A U 3  5_556 2.450  -1.679 -0.053 9.970   -13.320 8.482  15 A_U16:U4_A  A 16 ? A 4  ? 16 1 
1 A A 16 1_555 A C 2  5_556 -4.043 -0.828 0.097  9.556   -13.532 4.686  16 A_A17:C3_A  A 17 ? A 3  ? ?  1 
1 A G 17 1_555 A C 1  5_556 0.095  0.070  0.064  0.018   -9.940  1.236  17 A_G18:C2_A  A 18 ? A 2  ? 19 1 
# 
loop_
_ndb_struct_na_base_pair_step.model_number 
_ndb_struct_na_base_pair_step.i_label_asym_id_1 
_ndb_struct_na_base_pair_step.i_label_comp_id_1 
_ndb_struct_na_base_pair_step.i_label_seq_id_1 
_ndb_struct_na_base_pair_step.i_symmetry_1 
_ndb_struct_na_base_pair_step.j_label_asym_id_1 
_ndb_struct_na_base_pair_step.j_label_comp_id_1 
_ndb_struct_na_base_pair_step.j_label_seq_id_1 
_ndb_struct_na_base_pair_step.j_symmetry_1 
_ndb_struct_na_base_pair_step.i_label_asym_id_2 
_ndb_struct_na_base_pair_step.i_label_comp_id_2 
_ndb_struct_na_base_pair_step.i_label_seq_id_2 
_ndb_struct_na_base_pair_step.i_symmetry_2 
_ndb_struct_na_base_pair_step.j_label_asym_id_2 
_ndb_struct_na_base_pair_step.j_label_comp_id_2 
_ndb_struct_na_base_pair_step.j_label_seq_id_2 
_ndb_struct_na_base_pair_step.j_symmetry_2 
_ndb_struct_na_base_pair_step.shift 
_ndb_struct_na_base_pair_step.slide 
_ndb_struct_na_base_pair_step.rise 
_ndb_struct_na_base_pair_step.tilt 
_ndb_struct_na_base_pair_step.roll 
_ndb_struct_na_base_pair_step.twist 
_ndb_struct_na_base_pair_step.x_displacement 
_ndb_struct_na_base_pair_step.y_displacement 
_ndb_struct_na_base_pair_step.helical_rise 
_ndb_struct_na_base_pair_step.inclination 
_ndb_struct_na_base_pair_step.tip 
_ndb_struct_na_base_pair_step.helical_twist 
_ndb_struct_na_base_pair_step.step_number 
_ndb_struct_na_base_pair_step.step_name 
_ndb_struct_na_base_pair_step.i_auth_asym_id_1 
_ndb_struct_na_base_pair_step.i_auth_seq_id_1 
_ndb_struct_na_base_pair_step.i_PDB_ins_code_1 
_ndb_struct_na_base_pair_step.j_auth_asym_id_1 
_ndb_struct_na_base_pair_step.j_auth_seq_id_1 
_ndb_struct_na_base_pair_step.j_PDB_ins_code_1 
_ndb_struct_na_base_pair_step.i_auth_asym_id_2 
_ndb_struct_na_base_pair_step.i_auth_seq_id_2 
_ndb_struct_na_base_pair_step.i_PDB_ins_code_2 
_ndb_struct_na_base_pair_step.j_auth_asym_id_2 
_ndb_struct_na_base_pair_step.j_auth_seq_id_2 
_ndb_struct_na_base_pair_step.j_PDB_ins_code_2 
1 A C 1  1_555 A G 17 5_556 A C 2  1_555 A A 16 5_556 0.227  -1.411 3.552 3.557  6.791  47.769 -2.282  0.016  3.341  8.323  -4.360 
48.345 1  AA_C2C3:A17G18_AA  A 2  ? A 18 ? A 3  ? A 17 ? 
1 A C 2  1_555 A A 16 5_556 A U 3  1_555 A U 15 5_556 0.364  -2.217 3.007 3.648  15.627 7.617  -12.018 -0.052 -0.580 63.075 
-14.723 17.752 2  AA_C3U4:U16A17_AA  A 3  ? A 17 ? A 4  ? A 16 ? 
1 A U 3  1_555 A U 15 5_556 A G 4  1_555 A C 14 5_556 -0.178 -1.554 3.341 2.764  10.294 37.208 -3.564  0.595  2.809  15.741 -4.227 
38.653 3  AA_U4G5:C15U16_AA  A 4  ? A 16 ? A 5  ? A 15 ? 
1 A G 4  1_555 A C 14 5_556 A A 5  1_555 A U 13 5_556 0.863  -2.192 3.295 0.797  4.446  25.189 -6.154  -1.733 2.896  10.092 -1.810 
25.584 4  AA_G5A6:U14C15_AA  A 5  ? A 15 ? A 6  ? A 14 ? 
1 A A 5  1_555 A U 13 5_556 A G 6  1_555 A U 12 5_556 -0.161 -2.275 3.062 -1.794 4.910  22.113 -7.306  -0.150 2.509  12.577 4.595 
22.715 5  AA_A6G7:U13U14_AA  A 6  ? A 14 ? A 7  ? A 13 ? 
1 A G 6  1_555 A U 12 5_556 A U 7  1_555 A A 11 5_556 0.150  -1.248 3.228 -1.253 8.209  38.768 -2.753  -0.360 2.908  12.196 1.862 
39.614 6  AA_G7U8:A12U13_AA  A 7  ? A 13 ? A 8  ? A 12 ? 
1 A U 7  1_555 A A 11 5_556 A U 8  1_555 A A 10 5_556 0.477  -1.861 3.133 -0.676 7.217  28.987 -4.944  -1.051 2.592  14.142 1.325 
29.861 7  AA_U8U9:A11A12_AA  A 8  ? A 12 ? A 9  ? A 11 ? 
1 A U 8  1_555 A A 10 5_556 A C 9  1_555 A C 9  5_556 0.524  -1.771 3.629 7.048  5.584  29.555 -4.500  0.496  3.283  10.640 
-13.429 30.863 8  AA_U9C10:C10A11_AA A 9  ? A 11 ? A 10 ? A 10 ? 
1 A C 9  1_555 A C 9  5_556 A A 10 1_555 A U 8  5_556 -0.524 -1.771 3.629 -7.048 5.584  29.555 -4.500  -0.496 3.283  10.640 13.429 
30.863 9  AA_C10A11:U9C10_AA A 10 ? A 10 ? A 11 ? A 9  ? 
1 A A 10 1_555 A U 8  5_556 A A 11 1_555 A U 7  5_556 -0.477 -1.861 3.133 0.676  7.217  28.987 -4.944  1.051  2.592  14.142 -1.325 
29.861 10 AA_A11A12:U8U9_AA  A 11 ? A 9  ? A 12 ? A 8  ? 
1 A A 11 1_555 A U 7  5_556 A U 12 1_555 A G 6  5_556 -0.150 -1.248 3.228 1.253  8.209  38.768 -2.753  0.360  2.908  12.196 -1.862 
39.614 11 AA_A12U13:G7U8_AA  A 12 ? A 8  ? A 13 ? A 7  ? 
1 A U 12 1_555 A G 6  5_556 A U 13 1_555 A A 5  5_556 0.161  -2.275 3.062 1.794  4.910  22.113 -7.306  0.150  2.509  12.577 -4.595 
22.715 12 AA_U13U14:A6G7_AA  A 13 ? A 7  ? A 14 ? A 6  ? 
1 A U 13 1_555 A A 5  5_556 A C 14 1_555 A G 4  5_556 -0.863 -2.192 3.295 -0.797 4.446  25.189 -6.154  1.733  2.896  10.092 1.810 
25.584 13 AA_U14C15:G5A6_AA  A 14 ? A 6  ? A 15 ? A 5  ? 
1 A C 14 1_555 A G 4  5_556 A U 15 1_555 A U 3  5_556 0.178  -1.554 3.341 -2.764 10.294 37.208 -3.564  -0.595 2.809  15.741 4.227 
38.653 14 AA_C15U16:U4G5_AA  A 15 ? A 5  ? A 16 ? A 4  ? 
1 A U 15 1_555 A U 3  5_556 A A 16 1_555 A C 2  5_556 -0.364 -2.217 3.007 -3.648 15.627 7.617  -12.018 0.052  -0.580 63.075 14.723 
17.752 15 AA_U16A17:C3U4_AA  A 16 ? A 4  ? A 17 ? A 3  ? 
1 A A 16 1_555 A C 2  5_556 A G 17 1_555 A C 1  5_556 -0.227 -1.411 3.552 -3.557 6.791  47.769 -2.282  -0.016 3.341  8.323  4.360 
48.345 16 AA_A17G18:C2C3_AA  A 17 ? A 3  ? A 18 ? A 2  ? 
# 
_pdbx_audit_support.funding_organization   'Medical Research Council (United Kingdom)' 
_pdbx_audit_support.country                'United Kingdom' 
_pdbx_audit_support.grant_number           U105178939 
_pdbx_audit_support.ordinal                1 
# 
_atom_sites.entry_id                    5C5W 
_atom_sites.fract_transf_matrix[1][1]   0.00358697 
_atom_sites.fract_transf_matrix[1][2]   0.01523968 
_atom_sites.fract_transf_matrix[1][3]   -0.02436579 
_atom_sites.fract_transf_matrix[2][1]   0.01262902 
_atom_sites.fract_transf_matrix[2][2]   -0.01224138 
_atom_sites.fract_transf_matrix[2][3]   -0.02300986 
_atom_sites.fract_transf_matrix[3][1]   -0.00569495 
_atom_sites.fract_transf_matrix[3][2]   -0.00197615 
_atom_sites.fract_transf_matrix[3][3]   -0.00207436 
_atom_sites.fract_transf_vector[1]      0.322452 
_atom_sites.fract_transf_vector[2]      0.009158 
_atom_sites.fract_transf_vector[3]      0.473595 
# 
loop_
_atom_type.symbol 
C 
H 
N 
O 
P 
# 
loop_
_atom_site.group_PDB 
_atom_site.id 
_atom_site.type_symbol 
_atom_site.label_atom_id 
_atom_site.label_alt_id 
_atom_site.label_comp_id 
_atom_site.label_asym_id 
_atom_site.label_entity_id 
_atom_site.label_seq_id 
_atom_site.pdbx_PDB_ins_code 
_atom_site.Cartn_x 
_atom_site.Cartn_y 
_atom_site.Cartn_z 
_atom_site.occupancy 
_atom_site.B_iso_or_equiv 
_atom_site.pdbx_formal_charge 
_atom_site.auth_seq_id 
_atom_site.auth_comp_id 
_atom_site.auth_asym_id 
_atom_site.auth_atom_id 
_atom_site.pdbx_PDB_model_num 
ATOM   1   P P      . C   A 1 1  ? -23.261 -0.125  -3.517  1.00 58.36 ? 2   C   A P      1 
ATOM   2   O OP1    . C   A 1 1  ? -22.617 -0.648  -4.752  1.00 58.89 ? 2   C   A OP1    1 
ATOM   3   O OP2    . C   A 1 1  ? -22.964 1.260   -3.022  1.00 58.42 ? 2   C   A OP2    1 
ATOM   4   O "O5'"  . C   A 1 1  ? -24.833 -0.295  -3.669  1.00 54.46 ? 2   C   A "O5'"  1 
ATOM   5   C "C5'"  . C   A 1 1  ? -25.716 0.214   -2.681  1.00 50.08 ? 2   C   A "C5'"  1 
ATOM   6   C "C4'"  . C   A 1 1  ? -26.413 -0.897  -1.927  1.00 45.20 ? 2   C   A "C4'"  1 
ATOM   7   O "O4'"  . C   A 1 1  ? -27.147 -1.752  -2.847  1.00 43.16 ? 2   C   A "O4'"  1 
ATOM   8   C "C3'"  . C   A 1 1  ? -25.511 -1.860  -1.174  1.00 41.82 ? 2   C   A "C3'"  1 
ATOM   9   O "O3'"  . C   A 1 1  ? -25.062 -1.337  0.055   1.00 40.37 ? 2   C   A "O3'"  1 
ATOM   10  C "C2'"  . C   A 1 1  ? -26.388 -3.093  -1.040  1.00 40.02 ? 2   C   A "C2'"  1 
ATOM   11  O "O2'"  . C   A 1 1  ? -27.352 -2.941  0.003   1.00 40.11 ? 2   C   A "O2'"  1 
ATOM   12  C "C1'"  . C   A 1 1  ? -27.099 -3.091  -2.397  1.00 39.20 ? 2   C   A "C1'"  1 
ATOM   13  N N1     . C   A 1 1  ? -26.357 -3.895  -3.398  1.00 35.48 ? 2   C   A N1     1 
ATOM   14  C C2     . C   A 1 1  ? -26.421 -5.295  -3.287  1.00 34.31 ? 2   C   A C2     1 
ATOM   15  O O2     . C   A 1 1  ? -27.094 -5.813  -2.370  1.00 35.09 ? 2   C   A O2     1 
ATOM   16  N N3     . C   A 1 1  ? -25.750 -6.058  -4.176  1.00 30.81 ? 2   C   A N3     1 
ATOM   17  C C4     . C   A 1 1  ? -25.036 -5.487  -5.137  1.00 29.38 ? 2   C   A C4     1 
ATOM   18  N N4     . C   A 1 1  ? -24.399 -6.317  -5.962  1.00 28.81 ? 2   C   A N4     1 
ATOM   19  C C5     . C   A 1 1  ? -24.957 -4.068  -5.282  1.00 29.74 ? 2   C   A C5     1 
ATOM   20  C C6     . C   A 1 1  ? -25.631 -3.314  -4.407  1.00 32.88 ? 2   C   A C6     1 
ATOM   21  H "H5'"  . C   A 1 1  ? -26.384 0.772   -3.111  1.00 60.10 ? 2   C   A "H5'"  1 
ATOM   22  H "H5''" . C   A 1 1  ? -25.211 0.754   -2.053  1.00 60.10 ? 2   C   A "H5''" 1 
ATOM   23  H "H4'"  . C   A 1 1  ? -27.040 -0.502  -1.301  1.00 54.24 ? 2   C   A "H4'"  1 
ATOM   24  H "H3'"  . C   A 1 1  ? -24.744 -2.074  -1.728  1.00 50.19 ? 2   C   A "H3'"  1 
ATOM   25  H "H2'"  . C   A 1 1  ? -25.856 -3.895  -0.921  1.00 48.03 ? 2   C   A "H2'"  1 
ATOM   26  H "HO2'" . C   A 1 1  ? -26.955 -2.944  0.745   1.00 48.14 ? 2   C   A "HO2'" 1 
ATOM   27  H "H1'"  . C   A 1 1  ? -28.000 -3.437  -2.298  1.00 47.04 ? 2   C   A "H1'"  1 
ATOM   28  H H41    . C   A 1 1  ? -23.921 -6.002  -6.604  1.00 34.58 ? 2   C   A H41    1 
ATOM   29  H H42    . C   A 1 1  ? -24.466 -7.167  -5.853  1.00 34.58 ? 2   C   A H42    1 
ATOM   30  H H5     . C   A 1 1  ? -24.455 -3.682  -5.962  1.00 35.69 ? 2   C   A H5     1 
ATOM   31  H H6     . C   A 1 1  ? -25.587 -2.387  -4.468  1.00 39.46 ? 2   C   A H6     1 
ATOM   32  P P      . C   A 1 2  ? -23.539 -1.571  0.500   1.00 39.44 ? 3   C   A P      1 
ATOM   33  O OP1    . C   A 1 2  ? -23.367 -0.849  1.787   1.00 42.15 ? 3   C   A OP1    1 
ATOM   34  O OP2    . C   A 1 2  ? -22.636 -1.235  -0.663  1.00 36.53 ? 3   C   A OP2    1 
ATOM   35  O "O5'"  . C   A 1 2  ? -23.450 -3.153  0.742   1.00 38.52 ? 3   C   A "O5'"  1 
ATOM   36  C "C5'"  . C   A 1 2  ? -24.268 -3.795  1.711   1.00 35.81 ? 3   C   A "C5'"  1 
ATOM   37  C "C4'"  . C   A 1 2  ? -24.250 -5.300  1.568   1.00 35.38 ? 3   C   A "C4'"  1 
ATOM   38  O "O4'"  . C   A 1 2  ? -24.833 -5.693  0.297   1.00 36.81 ? 3   C   A "O4'"  1 
ATOM   39  C "C3'"  . C   A 1 2  ? -22.879 -5.957  1.549   1.00 32.82 ? 3   C   A "C3'"  1 
ATOM   40  O "O3'"  . C   A 1 2  ? -22.268 -6.073  2.823   1.00 30.77 ? 3   C   A "O3'"  1 
ATOM   41  C "C2'"  . C   A 1 2  ? -23.170 -7.286  0.869   1.00 34.75 ? 3   C   A "C2'"  1 
ATOM   42  O "O2'"  . C   A 1 2  ? -23.780 -8.211  1.762   1.00 34.81 ? 3   C   A "O2'"  1 
ATOM   43  C "C1'"  . C   A 1 2  ? -24.177 -6.847  -0.195  1.00 35.58 ? 3   C   A "C1'"  1 
ATOM   44  N N1     . C   A 1 2  ? -23.472 -6.461  -1.427  1.00 33.86 ? 3   C   A N1     1 
ATOM   45  C C2     . C   A 1 2  ? -22.983 -7.478  -2.244  1.00 33.56 ? 3   C   A C2     1 
ATOM   46  O O2     . C   A 1 2  ? -23.198 -8.664  -1.910  1.00 33.71 ? 3   C   A O2     1 
ATOM   47  N N3     . C   A 1 2  ? -22.285 -7.135  -3.351  1.00 33.26 ? 3   C   A N3     1 
ATOM   48  C C4     . C   A 1 2  ? -22.076 -5.841  -3.617  1.00 33.49 ? 3   C   A C4     1 
ATOM   49  N N4     . C   A 1 2  ? -21.400 -5.524  -4.708  1.00 34.84 ? 3   C   A N4     1 
ATOM   50  C C5     . C   A 1 2  ? -22.570 -4.791  -2.801  1.00 34.68 ? 3   C   A C5     1 
ATOM   51  C C6     . C   A 1 2  ? -23.252 -5.140  -1.707  1.00 33.62 ? 3   C   A C6     1 
ATOM   52  H "H5'"  . C   A 1 2  ? -25.180 -3.482  1.610   1.00 42.97 ? 3   C   A "H5'"  1 
ATOM   53  H "H5''" . C   A 1 2  ? -23.951 -3.559  2.596   1.00 42.97 ? 3   C   A "H5''" 1 
ATOM   54  H "H4'"  . C   A 1 2  ? -24.773 -5.689  2.287   1.00 42.46 ? 3   C   A "H4'"  1 
ATOM   55  H "H3'"  . C   A 1 2  ? -22.295 -5.437  0.975   1.00 39.39 ? 3   C   A "H3'"  1 
ATOM   56  H "H2'"  . C   A 1 2  ? -22.371 -7.656  0.464   1.00 41.70 ? 3   C   A "H2'"  1 
ATOM   57  H "HO2'" . C   A 1 2  ? -24.577 -8.334  1.525   1.00 41.78 ? 3   C   A "HO2'" 1 
ATOM   58  H "H1'"  . C   A 1 2  ? -24.817 -7.553  -0.374  1.00 42.70 ? 3   C   A "H1'"  1 
ATOM   59  H H41    . C   A 1 2  ? -21.254 -4.699  -4.899  1.00 41.80 ? 3   C   A H41    1 
ATOM   60  H H42    . C   A 1 2  ? -21.107 -6.144  -5.228  1.00 41.80 ? 3   C   A H42    1 
ATOM   61  H H5     . C   A 1 2  ? -22.415 -3.899  -3.012  1.00 41.61 ? 3   C   A H5     1 
ATOM   62  H H6     . C   A 1 2  ? -23.579 -4.483  -1.135  1.00 40.35 ? 3   C   A H6     1 
ATOM   63  P P      . U   A 1 3  ? -20.672 -6.249  2.907   1.00 27.09 ? 4   U   A P      1 
ATOM   64  O OP1    . U   A 1 3  ? -20.227 -6.048  4.323   1.00 30.09 ? 4   U   A OP1    1 
ATOM   65  O OP2    . U   A 1 3  ? -20.013 -5.440  1.839   1.00 27.30 ? 4   U   A OP2    1 
ATOM   66  O "O5'"  . U   A 1 3  ? -20.454 -7.788  2.549   1.00 25.07 ? 4   U   A "O5'"  1 
ATOM   67  C "C5'"  . U   A 1 3  ? -20.911 -8.803  3.424   1.00 23.14 ? 4   U   A "C5'"  1 
ATOM   68  C "C4'"  . U   A 1 3  ? -20.400 -10.159 3.017   1.00 19.93 ? 4   U   A "C4'"  1 
ATOM   69  O "O4'"  . U   A 1 3  ? -20.992 -10.568 1.754   1.00 20.40 ? 4   U   A "O4'"  1 
ATOM   70  C "C3'"  . U   A 1 3  ? -18.914 -10.257 2.748   1.00 18.11 ? 4   U   A "C3'"  1 
ATOM   71  O "O3'"  . U   A 1 3  ? -18.120 -10.293 3.914   1.00 16.17 ? 4   U   A "O3'"  1 
ATOM   72  C "C2'"  . U   A 1 3  ? -18.832 -11.522 1.927   1.00 18.22 ? 4   U   A "C2'"  1 
ATOM   73  O "O2'"  . U   A 1 3  ? -18.979 -12.642 2.785   1.00 19.35 ? 4   U   A "O2'"  1 
ATOM   74  C "C1'"  . U   A 1 3  ? -20.076 -11.373 1.041   1.00 20.05 ? 4   U   A "C1'"  1 
ATOM   75  N N1     . U   A 1 3  ? -19.762 -10.722 -0.268  1.00 21.55 ? 4   U   A N1     1 
ATOM   76  C C2     . U   A 1 3  ? -19.272 -11.508 -1.295  1.00 21.98 ? 4   U   A C2     1 
ATOM   77  O O2     . U   A 1 3  ? -19.099 -12.704 -1.201  1.00 22.29 ? 4   U   A O2     1 
ATOM   78  N N3     . U   A 1 3  ? -18.956 -10.855 -2.468  1.00 20.61 ? 4   U   A N3     1 
ATOM   79  C C4     . U   A 1 3  ? -19.071 -9.501  -2.725  1.00 21.55 ? 4   U   A C4     1 
ATOM   80  O O4     . U   A 1 3  ? -18.740 -9.044  -3.831  1.00 21.73 ? 4   U   A O4     1 
ATOM   81  C C5     . U   A 1 3  ? -19.577 -8.748  -1.629  1.00 19.20 ? 4   U   A C5     1 
ATOM   82  C C6     . U   A 1 3  ? -19.884 -9.371  -0.471  1.00 20.78 ? 4   U   A C6     1 
ATOM   83  H "H5'"  . U   A 1 3  ? -21.880 -8.814  3.417   1.00 27.76 ? 4   U   A "H5'"  1 
ATOM   84  H "H5''" . U   A 1 3  ? -20.605 -8.606  4.324   1.00 27.76 ? 4   U   A "H5''" 1 
ATOM   85  H "H4'"  . U   A 1 3  ? -20.639 -10.804 3.701   1.00 23.92 ? 4   U   A "H4'"  1 
ATOM   86  H "H3'"  . U   A 1 3  ? -18.640 -9.504  2.201   1.00 21.73 ? 4   U   A "H3'"  1 
ATOM   87  H "H2'"  . U   A 1 3  ? -18.016 -11.563 1.404   1.00 21.86 ? 4   U   A "H2'"  1 
ATOM   88  H "HO2'" . U   A 1 3  ? -18.291 -12.711 3.263   1.00 23.22 ? 4   U   A "HO2'" 1 
ATOM   89  H "H1'"  . U   A 1 3  ? -20.468 -12.247 0.883   1.00 24.05 ? 4   U   A "H1'"  1 
ATOM   90  H H3     . U   A 1 3  ? -18.650 -11.342 -3.108  1.00 24.74 ? 4   U   A H3     1 
ATOM   91  H H5     . U   A 1 3  ? -19.690 -7.828  -1.707  1.00 23.04 ? 4   U   A H5     1 
ATOM   92  H H6     . U   A 1 3  ? -20.208 -8.853  0.230   1.00 24.94 ? 4   U   A H6     1 
ATOM   93  P P      . G   A 1 4  ? -16.669 -9.611  3.901   1.00 14.29 ? 5   G   A P      1 
ATOM   94  O OP1    . G   A 1 4  ? -16.166 -9.732  5.292   1.00 15.89 ? 5   G   A OP1    1 
ATOM   95  O OP2    . G   A 1 4  ? -16.689 -8.284  3.254   1.00 15.67 ? 5   G   A OP2    1 
ATOM   96  O "O5'"  . G   A 1 4  ? -15.824 -10.544 2.931   1.00 13.42 ? 5   G   A "O5'"  1 
ATOM   97  C "C5'"  . G   A 1 4  ? -15.628 -11.901 3.239   1.00 13.80 ? 5   G   A "C5'"  1 
ATOM   98  C "C4'"  . G   A 1 4  ? -15.005 -12.629 2.094   1.00 11.97 ? 5   G   A "C4'"  1 
ATOM   99  O "O4'"  . G   A 1 4  ? -15.877 -12.636 0.941   1.00 12.39 ? 5   G   A "O4'"  1 
ATOM   100 C "C3'"  . G   A 1 4  ? -13.726 -12.040 1.559   1.00 11.79 ? 5   G   A "C3'"  1 
ATOM   101 O "O3'"  . G   A 1 4  ? -12.632 -12.285 2.445   1.00 10.59 ? 5   G   A "O3'"  1 
ATOM   102 C "C2'"  . G   A 1 4  ? -13.643 -12.706 0.188   1.00 12.06 ? 5   G   A "C2'"  1 
ATOM   103 O "O2'"  . G   A 1 4  ? -13.175 -14.033 0.296   1.00 14.20 ? 5   G   A "O2'"  1 
ATOM   104 C "C1'"  . G   A 1 4  ? -15.113 -12.733 -0.232  1.00 11.87 ? 5   G   A "C1'"  1 
ATOM   105 N N9     . G   A 1 4  ? -15.396 -11.584 -1.094  1.00 11.17 ? 5   G   A N9     1 
ATOM   106 C C8     . G   A 1 4  ? -15.813 -10.354 -0.698  1.00 11.29 ? 5   G   A C8     1 
ATOM   107 N N7     . G   A 1 4  ? -15.891 -9.505  -1.694  1.00 12.49 ? 5   G   A N7     1 
ATOM   108 C C5     . G   A 1 4  ? -15.469 -10.219 -2.802  1.00 11.87 ? 5   G   A C5     1 
ATOM   109 C C6     . G   A 1 4  ? -15.317 -9.816  -4.150  1.00 13.32 ? 5   G   A C6     1 
ATOM   110 O O6     . G   A 1 4  ? -15.517 -8.693  -4.646  1.00 14.49 ? 5   G   A O6     1 
ATOM   111 N N1     . G   A 1 4  ? -14.827 -10.870 -4.913  1.00 12.03 ? 5   G   A N1     1 
ATOM   112 C C2     . G   A 1 4  ? -14.546 -12.131 -4.479  1.00 11.93 ? 5   G   A C2     1 
ATOM   113 N N2     . G   A 1 4  ? -14.103 -12.998 -5.405  1.00 12.44 ? 5   G   A N2     1 
ATOM   114 N N3     . G   A 1 4  ? -14.692 -12.508 -3.228  1.00 12.53 ? 5   G   A N3     1 
ATOM   115 C C4     . G   A 1 4  ? -15.151 -11.506 -2.447  1.00 11.28 ? 5   G   A C4     1 
ATOM   116 H "H5'"  . G   A 1 4  ? -16.484 -12.307 3.445   1.00 16.56 ? 5   G   A "H5'"  1 
ATOM   117 H "H5''" . G   A 1 4  ? -15.048 -11.971 4.014   1.00 16.56 ? 5   G   A "H5''" 1 
ATOM   118 H "H4'"  . G   A 1 4  ? -14.836 -13.546 2.362   1.00 14.37 ? 5   G   A "H4'"  1 
ATOM   119 H "H3'"  . G   A 1 4  ? -13.838 -11.084 1.444   1.00 14.14 ? 5   G   A "H3'"  1 
ATOM   120 H "H2'"  . G   A 1 4  ? -13.107 -12.185 -0.429  1.00 14.48 ? 5   G   A "H2'"  1 
ATOM   121 H "HO2'" . G   A 1 4  ? -12.491 -14.042 0.782   1.00 17.04 ? 5   G   A "HO2'" 1 
ATOM   122 H "H1'"  . G   A 1 4  ? -15.315 -13.561 -0.696  1.00 14.24 ? 5   G   A "H1'"  1 
ATOM   123 H H8     . G   A 1 4  ? -16.045 -10.145 0.178   1.00 13.55 ? 5   G   A H8     1 
ATOM   124 H H1     . G   A 1 4  ? -14.726 -10.722 -5.755  1.00 14.43 ? 5   G   A H1     1 
ATOM   125 H H21    . G   A 1 4  ? -14.009 -12.745 -6.222  1.00 14.92 ? 5   G   A H21    1 
ATOM   126 H H22    . G   A 1 4  ? -13.915 -13.807 -5.182  1.00 14.92 ? 5   G   A H22    1 
ATOM   127 P P      . A   A 1 5  ? -11.243 -11.509 2.267   1.00 10.70 ? 6   A   A P      1 
ATOM   128 O OP1    . A   A 1 5  ? -10.378 -11.983 3.386   1.00 11.90 ? 6   A   A OP1    1 
ATOM   129 O OP2    . A   A 1 5  ? -11.470 -10.037 2.098   1.00 11.79 ? 6   A   A OP2    1 
ATOM   130 O "O5'"  . A   A 1 5  ? -10.750 -12.126 0.901   1.00 11.46 ? 6   A   A "O5'"  1 
ATOM   131 C "C5'"  . A   A 1 5  ? -9.952  -11.408 0.003   1.00 11.04 ? 6   A   A "C5'"  1 
ATOM   132 C "C4'"  . A   A 1 5  ? -9.889  -12.142 -1.305  1.00 10.08 ? 6   A   A "C4'"  1 
ATOM   133 O "O4'"  . A   A 1 5  ? -11.195 -12.124 -1.963  1.00 10.11 ? 6   A   A "O4'"  1 
ATOM   134 C "C3'"  . A   A 1 5  ? -8.941  -11.542 -2.321  1.00 9.04  ? 6   A   A "C3'"  1 
ATOM   135 O "O3'"  . A   A 1 5  ? -7.599  -11.915 -2.066  1.00 9.77  ? 6   A   A "O3'"  1 
ATOM   136 C "C2'"  . A   A 1 5  ? -9.512  -12.035 -3.635  1.00 10.51 ? 6   A   A "C2'"  1 
ATOM   137 O "O2'"  . A   A 1 5  ? -9.183  -13.413 -3.799  1.00 10.06 ? 6   A   A "O2'"  1 
ATOM   138 C "C1'"  . A   A 1 5  ? -11.014 -11.893 -3.354  1.00 10.02 ? 6   A   A "C1'"  1 
ATOM   139 N N9     . A   A 1 5  ? -11.511 -10.529 -3.655  1.00 9.29  ? 6   A   A N9     1 
ATOM   140 C C8     . A   A 1 5  ? -12.017 -9.618  -2.770  1.00 9.49  ? 6   A   A C8     1 
ATOM   141 N N7     . A   A 1 5  ? -12.367 -8.486  -3.325  1.00 8.94  ? 6   A   A N7     1 
ATOM   142 C C5     . A   A 1 5  ? -12.081 -8.640  -4.661  1.00 8.07  ? 6   A   A C5     1 
ATOM   143 C C6     . A   A 1 5  ? -12.238 -7.799  -5.768  1.00 8.79  ? 6   A   A C6     1 
ATOM   144 N N6     . A   A 1 5  ? -12.734 -6.568  -5.706  1.00 9.44  ? 6   A   A N6     1 
ATOM   145 N N1     . A   A 1 5  ? -11.863 -8.253  -6.986  1.00 8.65  ? 6   A   A N1     1 
ATOM   146 C C2     . A   A 1 5  ? -11.354 -9.491  -7.055  1.00 9.23  ? 6   A   A C2     1 
ATOM   147 N N3     . A   A 1 5  ? -11.181 -10.394 -6.085  1.00 9.04  ? 6   A   A N3     1 
ATOM   148 C C4     . A   A 1 5  ? -11.537 -9.903  -4.894  1.00 8.42  ? 6   A   A C4     1 
ATOM   149 H "H5'"  . A   A 1 5  ? -9.057  -11.316 0.366   1.00 13.25 ? 6   A   A "H5'"  1 
ATOM   150 H "H5''" . A   A 1 5  ? -10.337 -10.528 -0.139  1.00 13.25 ? 6   A   A "H5''" 1 
ATOM   151 H "H4'"  . A   A 1 5  ? -9.632  -13.063 -1.139  1.00 12.10 ? 6   A   A "H4'"  1 
ATOM   152 H "H3'"  . A   A 1 5  ? -9.013  -10.576 -2.288  1.00 10.85 ? 6   A   A "H3'"  1 
ATOM   153 H "H2'"  . A   A 1 5  ? -9.226  -11.492 -4.384  1.00 12.61 ? 6   A   A "H2'"  1 
ATOM   154 H "HO2'" . A   A 1 5  ? -8.958  -13.547 -4.598  1.00 12.07 ? 6   A   A "HO2'" 1 
ATOM   155 H "H1'"  . A   A 1 5  ? -11.512 -12.549 -3.867  1.00 12.02 ? 6   A   A "H1'"  1 
ATOM   156 H H8     . A   A 1 5  ? -12.095 -9.782  -1.858  1.00 11.39 ? 6   A   A H8     1 
ATOM   157 H H61    . A   A 1 5  ? -12.804 -6.096  -6.421  1.00 11.33 ? 6   A   A H61    1 
ATOM   158 H H62    . A   A 1 5  ? -12.985 -6.243  -4.950  1.00 11.33 ? 6   A   A H62    1 
ATOM   159 H H2     . A   A 1 5  ? -11.112 -9.772  -7.908  1.00 11.08 ? 6   A   A H2     1 
ATOM   160 P P      . G   A 1 6  ? -6.405  -10.947 -2.472  1.00 11.27 ? 7   G   A P      1 
ATOM   161 O OP1    . G   A 1 6  ? -5.199  -11.636 -1.924  1.00 13.08 ? 7   G   A OP1    1 
ATOM   162 O OP2    . G   A 1 6  ? -6.698  -9.537  -2.126  1.00 12.51 ? 7   G   A OP2    1 
ATOM   163 O "O5'"  . G   A 1 6  ? -6.400  -10.992 -4.065  1.00 9.85  ? 7   G   A "O5'"  1 
ATOM   164 C "C5'"  . G   A 1 6  ? -6.078  -12.186 -4.744  1.00 9.31  ? 7   G   A "C5'"  1 
ATOM   165 C "C4'"  . G   A 1 6  ? -6.122  -11.969 -6.216  1.00 9.43  ? 7   G   A "C4'"  1 
ATOM   166 O "O4'"  . G   A 1 6  ? -7.449  -11.534 -6.635  1.00 10.14 ? 7   G   A "O4'"  1 
ATOM   167 C "C3'"  . G   A 1 6  ? -5.217  -10.889 -6.748  1.00 9.70  ? 7   G   A "C3'"  1 
ATOM   168 O "O3'"  . G   A 1 6  ? -3.849  -11.262 -6.730  1.00 10.72 ? 7   G   A "O3'"  1 
ATOM   169 C "C2'"  . G   A 1 6  ? -5.823  -10.636 -8.116  1.00 9.54  ? 7   G   A "C2'"  1 
ATOM   170 O "O2'"  . G   A 1 6  ? -5.521  -11.706 -9.013  1.00 10.93 ? 7   G   A "O2'"  1 
ATOM   171 C "C1'"  . G   A 1 6  ? -7.308  -10.692 -7.760  1.00 9.00  ? 7   G   A "C1'"  1 
ATOM   172 N N9     . G   A 1 6  ? -7.848  -9.369  -7.441  1.00 8.20  ? 7   G   A N9     1 
ATOM   173 C C8     . G   A 1 6  ? -8.206  -8.876  -6.226  1.00 8.14  ? 7   G   A C8     1 
ATOM   174 N N7     . G   A 1 6  ? -8.710  -7.670  -6.313  1.00 9.25  ? 7   G   A N7     1 
ATOM   175 C C5     . G   A 1 6  ? -8.669  -7.359  -7.667  1.00 7.93  ? 7   G   A C5     1 
ATOM   176 C C6     . G   A 1 6  ? -9.059  -6.198  -8.363  1.00 8.22  ? 7   G   A C6     1 
ATOM   177 O O6     . G   A 1 6  ? -9.587  -5.154  -7.917  1.00 8.92  ? 7   G   A O6     1 
ATOM   178 N N1     . G   A 1 6  ? -8.807  -6.314  -9.726  1.00 8.17  ? 7   G   A N1     1 
ATOM   179 C C2     . G   A 1 6  ? -8.249  -7.402  -10.353 1.00 8.59  ? 7   G   A C2     1 
ATOM   180 N N2     . G   A 1 6  ? -8.086  -7.299  -11.692 1.00 8.50  ? 7   G   A N2     1 
ATOM   181 N N3     . G   A 1 6  ? -7.906  -8.500  -9.711  1.00 9.20  ? 7   G   A N3     1 
ATOM   182 C C4     . G   A 1 6  ? -8.147  -8.410  -8.384  1.00 8.48  ? 7   G   A C4     1 
ATOM   183 H "H5'"  . G   A 1 6  ? -6.717  -12.875 -4.501  1.00 11.17 ? 7   G   A "H5'"  1 
ATOM   184 H "H5''" . G   A 1 6  ? -5.187  -12.470 -4.487  1.00 11.17 ? 7   G   A "H5''" 1 
ATOM   185 H "H4'"  . G   A 1 6  ? -5.910  -12.804 -6.662  1.00 11.31 ? 7   G   A "H4'"  1 
ATOM   186 H "H3'"  . G   A 1 6  ? -5.329  -10.093 -6.206  1.00 11.64 ? 7   G   A "H3'"  1 
ATOM   187 H "H2'"  . G   A 1 6  ? -5.567  -9.772  -8.474  1.00 11.45 ? 7   G   A "H2'"  1 
ATOM   188 H "HO2'" . G   A 1 6  ? -5.976  -11.613 -9.713  1.00 13.12 ? 7   G   A "HO2'" 1 
ATOM   189 H "H1'"  . G   A 1 6  ? -7.802  -11.067 -8.505  1.00 10.80 ? 7   G   A "H1'"  1 
ATOM   190 H H8     . G   A 1 6  ? -8.156  -9.360  -5.434  1.00 9.76  ? 7   G   A H8     1 
ATOM   191 H H1     . G   A 1 6  ? -9.016  -5.643  -10.221 1.00 9.81  ? 7   G   A H1     1 
ATOM   192 H H21    . G   A 1 6  ? -8.315  -6.575  -12.098 1.00 10.21 ? 7   G   A H21    1 
ATOM   193 H H22    . G   A 1 6  ? -7.755  -7.955  -12.136 1.00 10.21 ? 7   G   A H22    1 
ATOM   194 P P      . U   A 1 7  ? -2.722  -10.175 -6.383  1.00 13.00 ? 8   U   A P      1 
ATOM   195 O OP1    . U   A 1 7  ? -1.436  -10.943 -6.376  1.00 16.37 ? 8   U   A OP1    1 
ATOM   196 O OP2    . U   A 1 7  ? -3.116  -9.356  -5.224  1.00 13.63 ? 8   U   A OP2    1 
ATOM   197 O "O5'"  . U   A 1 7  ? -2.776  -9.164  -7.607  1.00 11.47 ? 8   U   A "O5'"  1 
ATOM   198 C "C5'"  . U   A 1 7  ? -2.417  -9.603  -8.902  1.00 11.27 ? 8   U   A "C5'"  1 
ATOM   199 C "C4'"  . U   A 1 7  ? -2.679  -8.527  -9.907  1.00 10.63 ? 8   U   A "C4'"  1 
ATOM   200 O "O4'"  . U   A 1 7  ? -4.104  -8.240  -9.976  1.00 11.07 ? 8   U   A "O4'"  1 
ATOM   201 C "C3'"  . U   A 1 7  ? -2.068  -7.173  -9.619  1.00 12.01 ? 8   U   A "C3'"  1 
ATOM   202 O "O3'"  . U   A 1 7  ? -0.684  -7.111  -9.862  1.00 12.69 ? 8   U   A "O3'"  1 
ATOM   203 C "C2'"  . U   A 1 7  ? -2.905  -6.261  -10.495 1.00 11.92 ? 8   U   A "C2'"  1 
ATOM   204 O "O2'"  . U   A 1 7  ? -2.496  -6.391  -11.854 1.00 14.07 ? 8   U   A "O2'"  1 
ATOM   205 C "C1'"  . U   A 1 7  ? -4.296  -6.875  -10.295 1.00 11.24 ? 8   U   A "C1'"  1 
ATOM   206 N N1     . U   A 1 7  ? -5.000  -6.227  -9.170  1.00 9.64  ? 8   U   A N1     1 
ATOM   207 C C2     . U   A 1 7  ? -5.615  -5.040  -9.441  1.00 10.54 ? 8   U   A C2     1 
ATOM   208 O O2     . U   A 1 7  ? -5.550  -4.535  -10.540 1.00 12.08 ? 8   U   A O2     1 
ATOM   209 N N3     . U   A 1 7  ? -6.227  -4.425  -8.385  1.00 9.59  ? 8   U   A N3     1 
ATOM   210 C C4     . U   A 1 7  ? -6.283  -4.898  -7.084  1.00 9.96  ? 8   U   A C4     1 
ATOM   211 O O4     . U   A 1 7  ? -6.883  -4.228  -6.252  1.00 11.19 ? 8   U   A O4     1 
ATOM   212 C C5     . U   A 1 7  ? -5.650  -6.156  -6.886  1.00 10.94 ? 8   U   A C5     1 
ATOM   213 C C6     . U   A 1 7  ? -5.001  -6.745  -7.903  1.00 9.64  ? 8   U   A C6     1 
ATOM   214 H "H5'"  . U   A 1 7  ? -2.938  -10.388 -9.131  1.00 13.53 ? 8   U   A "H5'"  1 
ATOM   215 H "H5''" . U   A 1 7  ? -1.473  -9.830  -8.914  1.00 13.53 ? 8   U   A "H5''" 1 
ATOM   216 H "H4'"  . U   A 1 7  ? -2.376  -8.829  -10.777 1.00 12.75 ? 8   U   A "H4'"  1 
ATOM   217 H "H3'"  . U   A 1 7  ? -2.230  -6.947  -8.690  1.00 14.41 ? 8   U   A "H3'"  1 
ATOM   218 H "H2'"  . U   A 1 7  ? -2.870  -5.340  -10.191 1.00 14.30 ? 8   U   A "H2'"  1 
ATOM   219 H "HO2'" . U   A 1 7  ? -3.101  -6.782  -12.285 1.00 16.88 ? 8   U   A "HO2'" 1 
ATOM   220 H "H1'"  . U   A 1 7  ? -4.818  -6.792  -11.107 1.00 13.49 ? 8   U   A "H1'"  1 
ATOM   221 H H3     . U   A 1 7  ? -6.603  -3.668  -8.540  1.00 11.51 ? 8   U   A H3     1 
ATOM   222 H H5     . U   A 1 7  ? -5.639  -6.542  -6.040  1.00 13.13 ? 8   U   A H5     1 
ATOM   223 H H6     . U   A 1 7  ? -4.595  -7.568  -7.757  1.00 11.57 ? 8   U   A H6     1 
ATOM   224 P P      A U   A 1 8  ? 0.224   -6.147  -8.967  0.48 14.64 ? 9   U   A P      1 
ATOM   225 P P      B U   A 1 8  ? 0.246   -6.135  -8.997  0.52 14.56 ? 9   U   A P      1 
ATOM   226 O OP1    A U   A 1 8  ? 1.602   -6.513  -9.401  0.48 15.69 ? 9   U   A OP1    1 
ATOM   227 O OP1    B U   A 1 8  ? 1.631   -6.506  -9.403  0.52 18.58 ? 9   U   A OP1    1 
ATOM   228 O OP2    A U   A 1 8  ? -0.146  -6.225  -7.538  0.48 16.84 ? 9   U   A OP2    1 
ATOM   229 O OP2    B U   A 1 8  ? -0.143  -6.148  -7.573  0.52 16.75 ? 9   U   A OP2    1 
ATOM   230 O "O5'"  A U   A 1 8  ? -0.132  -4.680  -9.466  0.48 13.61 ? 9   U   A "O5'"  1 
ATOM   231 O "O5'"  B U   A 1 8  ? -0.096  -4.679  -9.542  0.52 10.96 ? 9   U   A "O5'"  1 
ATOM   232 C "C5'"  A U   A 1 8  ? 0.102   -4.308  -10.819 0.48 14.04 ? 9   U   A "C5'"  1 
ATOM   233 C "C5'"  B U   A 1 8  ? 0.062   -4.366  -10.924 0.52 10.16 ? 9   U   A "C5'"  1 
ATOM   234 C "C4'"  A U   A 1 8  ? -0.542  -2.991  -11.145 0.48 13.47 ? 9   U   A "C4'"  1 
ATOM   235 C "C4'"  B U   A 1 8  ? -0.572  -3.046  -11.247 0.52 9.33  ? 9   U   A "C4'"  1 
ATOM   236 O "O4'"  A U   A 1 8  ? -1.955  -3.045  -10.847 0.48 13.98 ? 9   U   A "O4'"  1 
ATOM   237 O "O4'"  B U   A 1 8  ? -1.986  -3.100  -10.946 0.52 10.45 ? 9   U   A "O4'"  1 
ATOM   238 C "C3'"  A U   A 1 8  ? -0.062  -1.799  -10.347 0.48 13.21 ? 9   U   A "C3'"  1 
ATOM   239 C "C3'"  B U   A 1 8  ? -0.081  -1.872  -10.433 0.52 9.38  ? 9   U   A "C3'"  1 
ATOM   240 O "O3'"  A U   A 1 8  ? 1.181   -1.298  -10.811 0.48 12.78 ? 9   U   A "O3'"  1 
ATOM   241 O "O3'"  B U   A 1 8  ? 1.167   -1.373  -10.901 0.52 9.57  ? 9   U   A "O3'"  1 
ATOM   242 C "C2'"  A U   A 1 8  ? -1.209  -0.820  -10.500 0.48 14.70 ? 9   U   A "C2'"  1 
ATOM   243 C "C2'"  B U   A 1 8  ? -1.225  -0.891  -10.578 0.52 9.75  ? 9   U   A "C2'"  1 
ATOM   244 O "O2'"  A U   A 1 8  ? -1.156  -0.181  -11.766 0.48 16.48 ? 9   U   A "O2'"  1 
ATOM   245 O "O2'"  B U   A 1 8  ? -1.190  -0.312  -11.871 0.52 10.84 ? 9   U   A "O2'"  1 
ATOM   246 C "C1'"  A U   A 1 8  ? -2.411  -1.764  -10.470 0.48 14.34 ? 9   U   A "C1'"  1 
ATOM   247 C "C1'"  B U   A 1 8  ? -2.426  -1.839  -10.493 0.52 9.70  ? 9   U   A "C1'"  1 
ATOM   248 N N1     A U   A 1 8  ? -3.040  -1.849  -9.129  0.48 13.73 ? 9   U   A N1     1 
ATOM   249 N N1     B U   A 1 8  ? -2.950  -1.991  -9.100  0.52 10.78 ? 9   U   A N1     1 
ATOM   250 C C2     A U   A 1 8  ? -3.875  -0.801  -8.787  0.48 14.53 ? 9   U   A C2     1 
ATOM   251 C C2     B U   A 1 8  ? -3.791  -0.992  -8.642  0.52 13.21 ? 9   U   A C2     1 
ATOM   252 O O2     A U   A 1 8  ? -4.091  0.157   -9.512  0.48 15.11 ? 9   U   A O2     1 
ATOM   253 O O2     B U   A 1 8  ? -4.075  -0.021  -9.323  0.52 15.00 ? 9   U   A O2     1 
ATOM   254 N N3     A U   A 1 8  ? -4.458  -0.911  -7.556  0.48 12.80 ? 9   U   A N3     1 
ATOM   255 N N3     B U   A 1 8  ? -4.269  -1.163  -7.365  0.52 13.05 ? 9   U   A N3     1 
ATOM   256 C C4     A U   A 1 8  ? -4.286  -1.928  -6.652  0.48 14.24 ? 9   U   A C4     1 
ATOM   257 C C4     B U   A 1 8  ? -3.999  -2.206  -6.503  0.52 14.83 ? 9   U   A C4     1 
ATOM   258 O O4     A U   A 1 8  ? -4.885  -1.882  -5.569  0.48 13.72 ? 9   U   A O4     1 
ATOM   259 O O4     B U   A 1 8  ? -4.510  -2.205  -5.369  0.52 13.57 ? 9   U   A O4     1 
ATOM   260 C C5     A U   A 1 8  ? -3.417  -2.977  -7.070  0.48 12.96 ? 9   U   A C5     1 
ATOM   261 C C5     B U   A 1 8  ? -3.133  -3.204  -7.040  0.52 15.04 ? 9   U   A C5     1 
ATOM   262 C C6     A U   A 1 8  ? -2.824  -2.895  -8.268  0.48 14.18 ? 9   U   A C6     1 
ATOM   263 C C6     B U   A 1 8  ? -2.646  -3.066  -8.284  0.52 14.29 ? 9   U   A C6     1 
ATOM   264 H "H5'"  A U   A 1 8  ? -0.261  -4.992  -11.403 0.48 16.85 ? 9   U   A "H5'"  1 
ATOM   265 H "H5'"  B U   A 1 8  ? -0.356  -5.060  -11.458 0.52 12.19 ? 9   U   A "H5'"  1 
ATOM   266 H "H5''" A U   A 1 8  ? 1.059   -4.240  -10.967 0.48 16.85 ? 9   U   A "H5''" 1 
ATOM   267 H "H5''" B U   A 1 8  ? 1.008   -4.327  -11.136 0.52 12.19 ? 9   U   A "H5''" 1 
ATOM   268 H "H4'"  A U   A 1 8  ? -0.424  -2.807  -12.091 0.48 16.17 ? 9   U   A "H4'"  1 
ATOM   269 H "H4'"  B U   A 1 8  ? -0.452  -2.855  -12.191 0.52 11.20 ? 9   U   A "H4'"  1 
ATOM   270 H "H3'"  A U   A 1 8  ? 0.022   -2.053  -9.414  0.48 15.86 ? 9   U   A "H3'"  1 
ATOM   271 H "H3'"  B U   A 1 8  ? 0.003   -2.135  -9.503  0.52 11.26 ? 9   U   A "H3'"  1 
ATOM   272 H "H2'"  A U   A 1 8  ? -1.237  -0.181  -9.771  0.48 17.63 ? 9   U   A "H2'"  1 
ATOM   273 H "H2'"  B U   A 1 8  ? -1.230  -0.227  -9.872  0.52 11.70 ? 9   U   A "H2'"  1 
ATOM   274 H "HO2'" A U   A 1 8  ? -0.496  0.338   -11.784 0.48 19.78 ? 9   U   A "HO2'" 1 
ATOM   275 H "HO2'" B U   A 1 8  ? -0.532  0.207   -11.920 0.52 13.01 ? 9   U   A "HO2'" 1 
ATOM   276 H "H1'"  A U   A 1 8  ? -3.072  -1.460  -11.113 0.48 17.21 ? 9   U   A "H1'"  1 
ATOM   277 H "H1'"  B U   A 1 8  ? -3.134  -1.516  -11.072 0.52 11.64 ? 9   U   A "H1'"  1 
ATOM   278 H H3     A U   A 1 8  ? -4.977  -0.268  -7.318  0.48 15.36 ? 9   U   A H3     1 
ATOM   279 H H3     B U   A 1 8  ? -4.783  -0.543  -7.065  0.52 15.66 ? 9   U   A H3     1 
ATOM   280 H H5     A U   A 1 8  ? -3.251  -3.702  -6.512  0.48 15.56 ? 9   U   A H5     1 
ATOM   281 H H5     B U   A 1 8  ? -2.901  -3.945  -6.529  0.52 18.04 ? 9   U   A H5     1 
ATOM   282 H H6     A U   A 1 8  ? -2.265  -3.588  -8.538  0.48 17.02 ? 9   U   A H6     1 
ATOM   283 H H6     B U   A 1 8  ? -2.087  -3.730  -8.617  0.52 17.15 ? 9   U   A H6     1 
ATOM   284 P P      A C   A 1 9  ? 2.154   -0.528  -9.793  0.48 10.98 ? 10  C   A P      1 
ATOM   285 P P      B C   A 1 9  ? 2.145   -0.640  -9.858  0.52 11.07 ? 10  C   A P      1 
ATOM   286 O OP1    A C   A 1 9  ? 3.442   -0.353  -10.494 0.48 11.75 ? 10  C   A OP1    1 
ATOM   287 O OP1    B C   A 1 9  ? 3.368   -0.288  -10.616 0.52 13.60 ? 10  C   A OP1    1 
ATOM   288 O OP2    A C   A 1 9  ? 2.117   -1.197  -8.468  0.48 9.00  ? 10  C   A OP2    1 
ATOM   289 O OP2    B C   A 1 9  ? 2.221   -1.411  -8.583  0.52 14.23 ? 10  C   A OP2    1 
ATOM   290 O "O5'"  A C   A 1 9  ? 1.437   0.876   -9.486  0.48 11.18 ? 10  C   A "O5'"  1 
ATOM   291 O "O5'"  B C   A 1 9  ? 1.310   0.648   -9.418  0.52 15.85 ? 10  C   A "O5'"  1 
ATOM   292 C "C5'"  A C   A 1 9  ? 1.354   1.909   -10.450 0.48 12.82 ? 10  C   A "C5'"  1 
ATOM   293 C "C5'"  B C   A 1 9  ? 1.495   1.862   -10.094 0.52 16.21 ? 10  C   A "C5'"  1 
ATOM   294 C "C4'"  A C   A 1 9  ? 0.443   3.026   -9.986  0.48 14.32 ? 10  C   A "C4'"  1 
ATOM   295 C "C4'"  B C   A 1 9  ? 0.483   2.934   -9.746  0.52 11.30 ? 10  C   A "C4'"  1 
ATOM   296 O "O4'"  A C   A 1 9  ? -0.895  2.520   -9.749  0.48 13.79 ? 10  C   A "O4'"  1 
ATOM   297 O "O4'"  B C   A 1 9  ? -0.852  2.452   -9.451  0.52 11.35 ? 10  C   A "O4'"  1 
ATOM   298 C "C3'"  A C   A 1 9  ? 0.767   3.757   -8.684  0.48 13.25 ? 10  C   A "C3'"  1 
ATOM   299 C "C3'"  B C   A 1 9  ? 0.734   3.875   -8.588  0.52 8.18  ? 10  C   A "C3'"  1 
ATOM   300 O "O3'"  A C   A 1 9  ? 1.842   4.682   -8.801  0.48 12.95 ? 10  C   A "O3'"  1 
ATOM   301 O "O3'"  B C   A 1 9  ? 1.878   4.675   -8.802  0.52 7.92  ? 10  C   A "O3'"  1 
ATOM   302 C "C2'"  A C   A 1 9  ? -0.562  4.423   -8.387  0.48 13.59 ? 10  C   A "C2'"  1 
ATOM   303 C "C2'"  B C   A 1 9  ? -0.566  4.656   -8.603  0.52 9.37  ? 10  C   A "C2'"  1 
ATOM   304 O "O2'"  A C   A 1 9  ? -0.785  5.485   -9.293  0.48 15.01 ? 10  C   A "O2'"  1 
ATOM   305 O "O2'"  B C   A 1 9  ? -0.592  5.524   -9.729  0.52 9.73  ? 10  C   A "O2'"  1 
ATOM   306 C "C1'"  A C   A 1 9  ? -1.527  3.304   -8.756  0.48 13.42 ? 10  C   A "C1'"  1 
ATOM   307 C "C1'"  B C   A 1 9  ? -1.576  3.516   -8.836  0.52 10.99 ? 10  C   A "C1'"  1 
ATOM   308 N N1     A C   A 1 9  ? -1.833  2.459   -7.584  0.48 12.19 ? 10  C   A N1     1 
ATOM   309 N N1     B C   A 1 9  ? -2.181  3.109   -7.543  0.52 11.93 ? 10  C   A N1     1 
ATOM   310 C C2     A C   A 1 9  ? -2.794  2.916   -6.683  0.48 12.39 ? 10  C   A C2     1 
ATOM   311 C C2     B C   A 1 9  ? -3.066  4.051   -6.968  0.52 13.52 ? 10  C   A C2     1 
ATOM   312 O O2     A C   A 1 9  ? -3.381  4.000   -6.881  0.48 12.72 ? 10  C   A O2     1 
ATOM   313 O O2     B C   A 1 9  ? -3.335  5.099   -7.575  0.52 14.86 ? 10  C   A O2     1 
ATOM   314 N N3     A C   A 1 9  ? -3.068  2.169   -5.600  0.48 14.88 ? 10  C   A N3     1 
ATOM   315 N N3     B C   A 1 9  ? -3.638  3.821   -5.770  0.52 12.85 ? 10  C   A N3     1 
ATOM   316 C C4     A C   A 1 9  ? -2.450  1.024   -5.393  0.48 14.00 ? 10  C   A C4     1 
ATOM   317 C C4     B C   A 1 9  ? -3.355  2.696   -5.124  0.52 13.74 ? 10  C   A C4     1 
ATOM   318 N N4     A C   A 1 9  ? -2.766  0.331   -4.310  0.48 14.64 ? 10  C   A N4     1 
ATOM   319 N N4     B C   A 1 9  ? -3.944  2.525   -3.944  0.52 14.77 ? 10  C   A N4     1 
ATOM   320 C C5     A C   A 1 9  ? -1.466  0.532   -6.276  0.48 12.96 ? 10  C   A C5     1 
ATOM   321 C C5     B C   A 1 9  ? -2.470  1.710   -5.671  0.52 12.24 ? 10  C   A C5     1 
ATOM   322 C C6     A C   A 1 9  ? -1.176  1.275   -7.358  0.48 11.20 ? 10  C   A C6     1 
ATOM   323 C C6     B C   A 1 9  ? -1.897  1.965   -6.860  0.52 11.67 ? 10  C   A C6     1 
ATOM   324 H "H5'"  A C   A 1 9  ? 1.009   1.543   -11.279 0.48 15.39 ? 10  C   A "H5'"  1 
ATOM   325 H "H5'"  B C   A 1 9  ? 1.447   1.692   -11.048 0.52 19.45 ? 10  C   A "H5'"  1 
ATOM   326 H "H5''" A C   A 1 9  ? 2.241   2.268   -10.606 0.48 15.39 ? 10  C   A "H5''" 1 
ATOM   327 H "H5''" B C   A 1 9  ? 2.381   2.198   -9.886  0.52 19.45 ? 10  C   A "H5''" 1 
ATOM   328 H "H4'"  A C   A 1 9  ? 0.396   3.685   -10.696 0.48 17.18 ? 10  C   A "H4'"  1 
ATOM   329 H "H4'"  B C   A 1 9  ? 0.405   3.491   -10.536 0.52 13.56 ? 10  C   A "H4'"  1 
ATOM   330 H "H3'"  A C   A 1 9  ? 0.969   3.110   -7.990  0.48 15.90 ? 10  C   A "H3'"  1 
ATOM   331 H "H3'"  B C   A 1 9  ? 0.819   3.376   -7.762  0.52 9.81  ? 10  C   A "H3'"  1 
ATOM   332 H "H2'"  A C   A 1 9  ? -0.645  4.695   -7.459  0.48 16.30 ? 10  C   A "H2'"  1 
ATOM   333 H "H2'"  B C   A 1 9  ? -0.725  5.123   -7.767  0.52 11.24 ? 10  C   A "H2'"  1 
ATOM   334 H "HO2'" A C   A 1 9  ? -0.823  5.176   -10.073 0.48 18.01 ? 10  C   A "HO2'" 1 
ATOM   335 H "HO2'" B C   A 1 9  ? -0.429  5.079   -10.423 0.52 11.68 ? 10  C   A "HO2'" 1 
ATOM   336 H "H1'"  A C   A 1 9  ? -2.346  3.683   -9.110  0.48 16.10 ? 10  C   A "H1'"  1 
ATOM   337 H "H1'"  B C   A 1 9  ? -2.273  3.822   -9.437  0.52 13.19 ? 10  C   A "H1'"  1 
ATOM   338 H H41    A C   A 1 9  ? -2.378  -0.419  -4.150  0.48 17.57 ? 10  C   A H41    1 
ATOM   339 H H41    B C   A 1 9  ? -3.792  1.812   -3.488  0.52 17.72 ? 10  C   A H41    1 
ATOM   340 H H42    A C   A 1 9  ? -3.358  0.632   -3.764  0.48 17.57 ? 10  C   A H42    1 
ATOM   341 H H42    B C   A 1 9  ? -4.476  3.127   -3.638  0.52 17.72 ? 10  C   A H42    1 
ATOM   342 H H5     A C   A 1 9  ? -1.033  -0.276  -6.116  0.48 15.55 ? 10  C   A H5     1 
ATOM   343 H H5     B C   A 1 9  ? -2.271  0.932   -5.201  0.52 14.69 ? 10  C   A H5     1 
ATOM   344 H H6     A C   A 1 9  ? -0.534  0.979   -7.963  0.48 13.44 ? 10  C   A H6     1 
ATOM   345 H H6     B C   A 1 9  ? -1.303  1.350   -7.224  0.52 14.01 ? 10  C   A H6     1 
ATOM   346 P P      A A   A 1 10 ? 2.681   5.179   -7.518  0.48 13.63 ? 11  A   A P      1 
ATOM   347 P P      B A   A 1 10 ? 2.735   5.276   -7.585  0.52 10.47 ? 11  A   A P      1 
ATOM   348 O OP1    A A   A 1 10 ? 3.905   5.846   -8.009  0.48 14.88 ? 11  A   A OP1    1 
ATOM   349 O OP1    B A   A 1 10 ? 3.791   6.079   -8.226  0.52 11.81 ? 11  A   A OP1    1 
ATOM   350 O OP2    A A   A 1 10 ? 2.775   4.074   -6.542  0.48 13.05 ? 11  A   A OP2    1 
ATOM   351 O OP2    B A   A 1 10 ? 3.066   4.192   -6.630  0.52 13.46 ? 11  A   A OP2    1 
ATOM   352 O "O5'"  A A   A 1 10 ? 1.711   6.212   -6.784  0.48 13.54 ? 11  A   A "O5'"  1 
ATOM   353 O "O5'"  B A   A 1 10 ? 1.721   6.265   -6.840  0.52 10.33 ? 11  A   A "O5'"  1 
ATOM   354 C "C5'"  A A   A 1 10 ? 1.256   7.383   -7.440  0.48 13.73 ? 11  A   A "C5'"  1 
ATOM   355 C "C5'"  B A   A 1 10 ? 1.231   7.426   -7.507  0.52 10.85 ? 11  A   A "C5'"  1 
ATOM   356 C "C4'"  A A   A 1 10 ? 0.218   8.089   -6.609  0.48 13.25 ? 11  A   A "C4'"  1 
ATOM   357 C "C4'"  B A   A 1 10 ? 0.216   8.130   -6.647  0.52 11.40 ? 11  A   A "C4'"  1 
ATOM   358 O "O4'"  A A   A 1 10 ? -0.910  7.208   -6.356  0.48 13.90 ? 11  A   A "O4'"  1 
ATOM   359 O "O4'"  B A   A 1 10 ? -0.916  7.253   -6.410  0.52 12.19 ? 11  A   A "O4'"  1 
ATOM   360 C "C3'"  A A   A 1 10 ? 0.659   8.495   -5.219  0.48 12.78 ? 11  A   A "C3'"  1 
ATOM   361 C "C3'"  B A   A 1 10 ? 0.677   8.486   -5.250  0.52 11.40 ? 11  A   A "C3'"  1 
ATOM   362 O "O3'"  A A   A 1 10 ? 1.491   9.636   -5.215  0.48 11.33 ? 11  A   A "O3'"  1 
ATOM   363 O "O3'"  B A   A 1 10 ? 1.503   9.632   -5.225  0.52 10.56 ? 11  A   A "O3'"  1 
ATOM   364 C "C2'"  A A   A 1 10 ? -0.670  8.668   -4.509  0.48 13.28 ? 11  A   A "C2'"  1 
ATOM   365 C "C2'"  B A   A 1 10 ? -0.637  8.631   -4.513  0.52 11.79 ? 11  A   A "C2'"  1 
ATOM   366 O "O2'"  A A   A 1 10 ? -1.316  9.867   -4.912  0.48 15.07 ? 11  A   A "O2'"  1 
ATOM   367 O "O2'"  B A   A 1 10 ? -1.296  9.837   -4.866  0.52 13.21 ? 11  A   A "O2'"  1 
ATOM   368 C "C1'"  A A   A 1 10 ? -1.450  7.487   -5.078  0.48 13.54 ? 11  A   A "C1'"  1 
ATOM   369 C "C1'"  B A   A 1 10 ? -1.421  7.470   -5.107  0.52 11.41 ? 11  A   A "C1'"  1 
ATOM   370 N N9     A A   A 1 10 ? -1.340  6.286   -4.233  0.48 13.61 ? 11  A   A N9     1 
ATOM   371 N N9     B A   A 1 10 ? -1.271  6.235   -4.324  0.52 10.55 ? 11  A   A N9     1 
ATOM   372 C C8     A A   A 1 10 ? -0.688  5.120   -4.508  0.48 12.68 ? 11  A   A C8     1 
ATOM   373 C C8     B A   A 1 10 ? -0.588  5.108   -4.650  0.52 12.08 ? 11  A   A C8     1 
ATOM   374 N N7     A A   A 1 10 ? -0.778  4.208   -3.554  0.48 11.75 ? 11  A   A N7     1 
ATOM   375 N N7     B A   A 1 10 ? -0.676  4.151   -3.747  0.52 12.23 ? 11  A   A N7     1 
ATOM   376 C C5     A A   A 1 10 ? -1.567  4.822   -2.589  0.48 13.11 ? 11  A   A C5     1 
ATOM   377 C C5     B A   A 1 10 ? -1.485  4.684   -2.759  0.52 11.43 ? 11  A   A C5     1 
ATOM   378 C C6     A A   A 1 10 ? -2.038  4.393   -1.328  0.48 13.07 ? 11  A   A C6     1 
ATOM   379 C C6     B A   A 1 10 ? -1.970  4.182   -1.530  0.52 11.62 ? 11  A   A C6     1 
ATOM   380 N N6     A A   A 1 10 ? -1.824  3.191   -0.807  0.48 13.41 ? 11  A   A N6     1 
ATOM   381 N N6     B A   A 1 10 ? -1.736  2.951   -1.075  0.52 11.95 ? 11  A   A N6     1 
ATOM   382 N N1     A A   A 1 10 ? -2.791  5.235   -0.618  0.48 14.67 ? 11  A   A N1     1 
ATOM   383 N N1     B A   A 1 10 ? -2.760  4.977   -0.793  0.52 11.05 ? 11  A   A N1     1 
ATOM   384 C C2     A A   A 1 10 ? -3.040  6.444   -1.135  0.48 13.39 ? 11  A   A C2     1 
ATOM   385 C C2     B A   A 1 10 ? -3.035  6.203   -1.255  0.52 10.06 ? 11  A   A C2     1 
ATOM   386 N N3     A A   A 1 10 ? -2.660  6.972   -2.304  0.48 15.22 ? 11  A   A N3     1 
ATOM   387 N N3     B A   A 1 10 ? -2.639  6.781   -2.398  0.52 10.83 ? 11  A   A N3     1 
ATOM   388 C C4     A A   A 1 10 ? -1.918  6.094   -2.996  0.48 14.12 ? 11  A   A C4     1 
ATOM   389 C C4     B A   A 1 10 ? -1.872  5.957   -3.113  0.52 10.74 ? 11  A   A C4     1 
ATOM   390 H "H5'"  A A   A 1 10 ? 0.869   7.140   -8.296  0.48 16.47 ? 11  A   A "H5'"  1 
ATOM   391 H "H5'"  B A   A 1 10 ? 0.817   7.165   -8.344  0.52 13.02 ? 11  A   A "H5'"  1 
ATOM   392 H "H5''" A A   A 1 10 ? 2.008   7.979   -7.586  0.48 16.47 ? 11  A   A "H5''" 1 
ATOM   393 H "H5''" B A   A 1 10 ? 1.971   8.028   -7.688  0.52 13.02 ? 11  A   A "H5''" 1 
ATOM   394 H "H4'"  A A   A 1 10 ? -0.093  8.875   -7.087  0.48 15.90 ? 11  A   A "H4'"  1 
ATOM   395 H "H4'"  B A   A 1 10 ? -0.089  8.932   -7.100  0.52 13.68 ? 11  A   A "H4'"  1 
ATOM   396 H "H3'"  A A   A 1 10 ? 1.137   7.754   -4.813  0.48 15.34 ? 11  A   A "H3'"  1 
ATOM   397 H "H3'"  B A   A 1 10 ? 1.168   7.736   -4.879  0.52 13.68 ? 11  A   A "H3'"  1 
ATOM   398 H "H2'"  A A   A 1 10 ? -0.576  8.607   -3.546  0.48 15.93 ? 11  A   A "H2'"  1 
ATOM   399 H "H2'"  B A   A 1 10 ? -0.527  8.539   -3.554  0.52 14.15 ? 11  A   A "H2'"  1 
ATOM   400 H "HO2'" A A   A 1 10 ? -0.893  10.523  -4.603  0.48 18.09 ? 11  A   A "HO2'" 1 
ATOM   401 H "HO2'" B A   A 1 10 ? -0.871  10.486  -4.542  0.52 15.86 ? 11  A   A "HO2'" 1 
ATOM   402 H "H1'"  A A   A 1 10 ? -2.383  7.732   -5.170  0.48 16.25 ? 11  A   A "H1'"  1 
ATOM   403 H "H1'"  B A   A 1 10 ? -2.360  7.708   -5.160  0.52 13.69 ? 11  A   A "H1'"  1 
ATOM   404 H H8     A A   A 1 10 ? -0.214  4.981   -5.297  0.48 15.22 ? 11  A   A H8     1 
ATOM   405 H H8     B A   A 1 10 ? -0.102  5.019   -5.437  0.52 14.49 ? 11  A   A H8     1 
ATOM   406 H H61    A A   A 1 10 ? -2.166  2.986   -0.045  0.48 16.09 ? 11  A   A H61    1 
ATOM   407 H H61    B A   A 1 10 ? -2.086  2.693   -0.333  0.52 14.34 ? 11  A   A H61    1 
ATOM   408 H H62    A A   A 1 10 ? -1.345  2.617   -1.231  0.48 16.09 ? 11  A   A H62    1 
ATOM   409 H H62    B A   A 1 10 ? -1.233  2.415   -1.522  0.52 14.34 ? 11  A   A H62    1 
ATOM   410 H H2     A A   A 1 10 ? -3.569  6.998   -0.607  0.48 16.07 ? 11  A   A H2     1 
ATOM   411 H H2     B A   A 1 10 ? -3.587  6.720   -0.714  0.52 12.08 ? 11  A   A H2     1 
ATOM   412 P P      . A   A 1 11 ? 2.584   9.859   -4.053  1.00 11.74 ? 12  A   A P      1 
ATOM   413 O OP1    . A   A 1 11 ? 3.433   10.972  -4.548  1.00 14.71 ? 12  A   A OP1    1 
ATOM   414 O OP2    . A   A 1 11 ? 3.197   8.569   -3.654  1.00 13.36 ? 12  A   A OP2    1 
ATOM   415 O "O5'"  . A   A 1 11 ? 1.710   10.292  -2.788  1.00 10.09 ? 12  A   A "O5'"  1 
ATOM   416 C "C5'"  . A   A 1 11 ? 1.017   11.542  -2.810  1.00 10.29 ? 12  A   A "C5'"  1 
ATOM   417 C "C4'"  . A   A 1 11 ? 0.194   11.698  -1.565  1.00 9.55  ? 12  A   A "C4'"  1 
ATOM   418 O "O4'"  . A   A 1 11 ? -0.785  10.624  -1.461  1.00 10.03 ? 12  A   A "O4'"  1 
ATOM   419 C "C3'"  . A   A 1 11 ? 0.979   11.579  -0.278  1.00 8.58  ? 12  A   A "C3'"  1 
ATOM   420 O "O3'"  . A   A 1 11 ? 1.668   12.783  0.021   1.00 8.55  ? 12  A   A "O3'"  1 
ATOM   421 C "C2'"  . A   A 1 11 ? -0.087  11.199  0.727   1.00 9.54  ? 12  A   A "C2'"  1 
ATOM   422 O "O2'"  . A   A 1 11 ? -0.845  12.353  1.060   1.00 9.96  ? 12  A   A "O2'"  1 
ATOM   423 C "C1'"  . A   A 1 11 ? -0.937  10.248  -0.104  1.00 9.70  ? 12  A   A "C1'"  1 
ATOM   424 N N9     . A   A 1 11 ? -0.508  8.843   0.055   1.00 9.51  ? 12  A   A N9     1 
ATOM   425 C C8     . A   A 1 11 ? 0.280   8.080   -0.775  1.00 10.42 ? 12  A   A C8     1 
ATOM   426 N N7     . A   A 1 11 ? 0.422   6.839   -0.323  1.00 9.34  ? 12  A   A N7     1 
ATOM   427 C C5     . A   A 1 11 ? -0.293  6.780   0.845   1.00 9.32  ? 12  A   A C5     1 
ATOM   428 C C6     . A   A 1 11 ? -0.504  5.753   1.774   1.00 9.85  ? 12  A   A C6     1 
ATOM   429 N N6     . A   A 1 11 ? -0.042  4.520   1.658   1.00 10.30 ? 12  A   A N6     1 
ATOM   430 N N1     . A   A 1 11 ? -1.254  6.028   2.861   1.00 10.82 ? 12  A   A N1     1 
ATOM   431 C C2     . A   A 1 11 ? -1.753  7.268   2.961   1.00 11.07 ? 12  A   A C2     1 
ATOM   432 N N3     . A   A 1 11 ? -1.603  8.325   2.156   1.00 10.94 ? 12  A   A N3     1 
ATOM   433 C C4     . A   A 1 11 ? -0.859  8.006   1.094   1.00 10.17 ? 12  A   A C4     1 
ATOM   434 H "H5'"  . A   A 1 11 ? 0.435   11.574  -3.586  1.00 12.35 ? 12  A   A "H5'"  1 
ATOM   435 H "H5''" . A   A 1 11 ? 1.661   12.266  -2.862  1.00 12.35 ? 12  A   A "H5''" 1 
ATOM   436 H "H4'"  . A   A 1 11 ? -0.264  12.552  -1.586  1.00 11.47 ? 12  A   A "H4'"  1 
ATOM   437 H "H3'"  . A   A 1 11 ? 1.618   10.855  -0.358  1.00 10.29 ? 12  A   A "H3'"  1 
ATOM   438 H "H2'"  . A   A 1 11 ? 0.289   10.764  1.509   1.00 11.45 ? 12  A   A "H2'"  1 
ATOM   439 H "HO2'" . A   A 1 11 ? -0.368  12.870  1.518   1.00 11.95 ? 12  A   A "HO2'" 1 
ATOM   440 H "H1'"  . A   A 1 11 ? -1.868  10.334  0.154   1.00 11.65 ? 12  A   A "H1'"  1 
ATOM   441 H H8     . A   A 1 11 ? 0.641   8.387   -1.575  1.00 12.50 ? 12  A   A H8     1 
ATOM   442 H H61    . A   A 1 11 ? -0.223  3.934   2.262   1.00 12.36 ? 12  A   A H61    1 
ATOM   443 H H62    . A   A 1 11 ? 0.441   4.303   0.980   1.00 12.36 ? 12  A   A H62    1 
ATOM   444 H H2     . A   A 1 11 ? -2.270  7.422   3.720   1.00 13.28 ? 12  A   A H2     1 
ATOM   445 P P      . U   A 1 12 ? 3.151   12.738  0.662   1.00 9.55  ? 13  U   A P      1 
ATOM   446 O OP1    . U   A 1 12 ? 3.628   14.159  0.626   1.00 9.85  ? 13  U   A OP1    1 
ATOM   447 O OP2    . U   A 1 12 ? 3.986   11.692  0.019   1.00 10.07 ? 13  U   A OP2    1 
ATOM   448 O "O5'"  . U   A 1 12 ? 2.918   12.260  2.162   1.00 8.42  ? 13  U   A "O5'"  1 
ATOM   449 C "C5'"  . U   A 1 12 ? 2.161   13.064  3.062   1.00 8.59  ? 13  U   A "C5'"  1 
ATOM   450 C "C4'"  . U   A 1 12 ? 1.718   12.264  4.264   1.00 8.79  ? 13  U   A "C4'"  1 
ATOM   451 O "O4'"  . U   A 1 12 ? 0.906   11.134  3.842   1.00 8.90  ? 13  U   A "O4'"  1 
ATOM   452 C "C3'"  . U   A 1 12 ? 2.806   11.622  5.101   1.00 8.08  ? 13  U   A "C3'"  1 
ATOM   453 O "O3'"  . U   A 1 12 ? 3.443   12.560  5.965   1.00 7.77  ? 13  U   A "O3'"  1 
ATOM   454 C "C2'"  . U   A 1 12 ? 2.035   10.542  5.833   1.00 7.89  ? 13  U   A "C2'"  1 
ATOM   455 O "O2'"  . U   A 1 12 ? 1.224   11.115  6.851   1.00 8.91  ? 13  U   A "O2'"  1 
ATOM   456 C "C1'"  . U   A 1 12 ? 1.123   10.037  4.720   1.00 7.86  ? 13  U   A "C1'"  1 
ATOM   457 N N1     . U   A 1 12 ? 1.704   8.891   3.963   1.00 8.43  ? 13  U   A N1     1 
ATOM   458 C C2     . U   A 1 12 ? 1.554   7.648   4.506   1.00 8.77  ? 13  U   A C2     1 
ATOM   459 O O2     . U   A 1 12 ? 1.030   7.470   5.591   1.00 9.50  ? 13  U   A O2     1 
ATOM   460 N N3     . U   A 1 12 ? 2.080   6.619   3.772   1.00 8.90  ? 13  U   A N3     1 
ATOM   461 C C4     . U   A 1 12 ? 2.712   6.707   2.551   1.00 8.95  ? 13  U   A C4     1 
ATOM   462 O O4     . U   A 1 12 ? 3.118   5.648   2.006   1.00 10.68 ? 13  U   A O4     1 
ATOM   463 C C5     . U   A 1 12 ? 2.841   8.035   2.031   1.00 8.92  ? 13  U   A C5     1 
ATOM   464 C C6     . U   A 1 12 ? 2.345   9.053   2.748   1.00 9.00  ? 13  U   A C6     1 
ATOM   465 H "H5'"  . U   A 1 12 ? 1.378   13.406  2.602   1.00 10.30 ? 13  U   A "H5'"  1 
ATOM   466 H "H5''" . U   A 1 12 ? 2.706   13.809  3.359   1.00 10.30 ? 13  U   A "H5''" 1 
ATOM   467 H "H4'"  . U   A 1 12 ? 1.182   12.836  4.836   1.00 10.55 ? 13  U   A "H4'"  1 
ATOM   468 H "H3'"  . U   A 1 12 ? 3.467   11.214  4.519   1.00 9.69  ? 13  U   A "H3'"  1 
ATOM   469 H "H2'"  . U   A 1 12 ? 2.616   9.842   6.172   1.00 9.47  ? 13  U   A "H2'"  1 
ATOM   470 H "HO2'" . U   A 1 12 ? 1.719   11.396  7.469   1.00 10.69 ? 13  U   A "HO2'" 1 
ATOM   471 H "H1'"  . U   A 1 12 ? 0.274   9.767   5.105   1.00 9.43  ? 13  U   A "H1'"  1 
ATOM   472 H H3     . U   A 1 12 ? 1.999   5.830   4.105   1.00 10.68 ? 13  U   A H3     1 
ATOM   473 H H5     . U   A 1 12 ? 3.248   8.187   1.208   1.00 10.70 ? 13  U   A H5     1 
ATOM   474 H H6     . U   A 1 12 ? 2.405   9.911   2.395   1.00 10.81 ? 13  U   A H6     1 
ATOM   475 P P      . U   A 1 13 ? 4.953   12.343  6.437   1.00 8.24  ? 14  U   A P      1 
ATOM   476 O OP1    . U   A 1 13 ? 5.347   13.580  7.146   1.00 8.36  ? 14  U   A OP1    1 
ATOM   477 O OP2    . U   A 1 13 ? 5.772   11.852  5.293   1.00 8.84  ? 14  U   A OP2    1 
ATOM   478 O "O5'"  . U   A 1 13 ? 4.863   11.138  7.461   1.00 7.80  ? 14  U   A "O5'"  1 
ATOM   479 C "C5'"  . U   A 1 13 ? 4.323   11.371  8.753   1.00 8.30  ? 14  U   A "C5'"  1 
ATOM   480 C "C4'"  . U   A 1 13 ? 4.126   10.102  9.544   1.00 7.57  ? 14  U   A "C4'"  1 
ATOM   481 O "O4'"  . U   A 1 13 ? 3.245   9.174   8.829   1.00 7.67  ? 14  U   A "O4'"  1 
ATOM   482 C "C3'"  . U   A 1 13 ? 5.333   9.244   9.858   1.00 7.78  ? 14  U   A "C3'"  1 
ATOM   483 O "O3'"  . U   A 1 13 ? 6.126   9.816   10.872  1.00 9.20  ? 14  U   A "O3'"  1 
ATOM   484 C "C2'"  . U   A 1 13 ? 4.678   7.947   10.266  1.00 7.55  ? 14  U   A "C2'"  1 
ATOM   485 O "O2'"  . U   A 1 13 ? 4.020   8.119   11.515  1.00 8.74  ? 14  U   A "O2'"  1 
ATOM   486 C "C1'"  . U   A 1 13 ? 3.610   7.844   9.180   1.00 8.03  ? 14  U   A "C1'"  1 
ATOM   487 N N1     . U   A 1 13 ? 4.084   7.139   7.971   1.00 7.26  ? 14  U   A N1     1 
ATOM   488 C C2     . U   A 1 13 ? 4.049   5.761   7.998   1.00 7.97  ? 14  U   A C2     1 
ATOM   489 O O2     . U   A 1 13 ? 3.743   5.148   8.999   1.00 8.09  ? 14  U   A O2     1 
ATOM   490 N N3     . U   A 1 13 ? 4.468   5.136   6.857   1.00 8.80  ? 14  U   A N3     1 
ATOM   491 C C4     . U   A 1 13 ? 4.859   5.746   5.686   1.00 8.08  ? 14  U   A C4     1 
ATOM   492 O O4     . U   A 1 13 ? 5.165   5.048   4.696   1.00 9.28  ? 14  U   A O4     1 
ATOM   493 C C5     . U   A 1 13 ? 4.862   7.163   5.730   1.00 8.62  ? 14  U   A C5     1 
ATOM   494 C C6     . U   A 1 13 ? 4.487   7.806   6.851   1.00 9.15  ? 14  U   A C6     1 
ATOM   495 H "H5'"  . U   A 1 13 ? 3.466   11.816  8.658   1.00 9.97  ? 14  U   A "H5'"  1 
ATOM   496 H "H5''" . U   A 1 13 ? 4.925   11.953  9.243   1.00 9.97  ? 14  U   A "H5''" 1 
ATOM   497 H "H4'"  . U   A 1 13 ? 3.698   10.337  10.382  1.00 9.08  ? 14  U   A "H4'"  1 
ATOM   498 H "H3'"  . U   A 1 13 ? 5.862   9.110   9.056   1.00 9.34  ? 14  U   A "H3'"  1 
ATOM   499 H "H2'"  . U   A 1 13 ? 5.292   7.197   10.257  1.00 9.06  ? 14  U   A "H2'"  1 
ATOM   500 H "HO2'" . U   A 1 13 ? 4.597   8.177   12.122  1.00 10.49 ? 14  U   A "HO2'" 1 
ATOM   501 H "H1'"  . U   A 1 13 ? 2.835   7.383   9.538   1.00 9.63  ? 14  U   A "H1'"  1 
ATOM   502 H H3     . U   A 1 13 ? 4.453   4.276   6.859   1.00 10.56 ? 14  U   A H3     1 
ATOM   503 H H5     . U   A 1 13 ? 5.105   7.651   4.976   1.00 10.34 ? 14  U   A H5     1 
ATOM   504 H H6     . U   A 1 13 ? 4.461   8.735   6.848   1.00 10.99 ? 14  U   A H6     1 
ATOM   505 P P      . C   A 1 14 ? 7.672   9.374   11.092  1.00 11.99 ? 15  C   A P      1 
ATOM   506 O OP1    . C   A 1 14 ? 8.200   10.324  12.097  1.00 14.08 ? 15  C   A OP1    1 
ATOM   507 O OP2    . C   A 1 14 ? 8.365   9.266   9.763   1.00 14.26 ? 15  C   A OP2    1 
ATOM   508 O "O5'"  . C   A 1 14 ? 7.596   7.868   11.647  1.00 11.39 ? 15  C   A "O5'"  1 
ATOM   509 C "C5'"  . C   A 1 14 ? 7.129   7.604   12.958  1.00 13.00 ? 15  C   A "C5'"  1 
ATOM   510 C "C4'"  . C   A 1 14 ? 7.053   6.123   13.193  1.00 12.27 ? 15  C   A "C4'"  1 
ATOM   511 O "O4'"  . C   A 1 14 ? 6.178   5.488   12.215  1.00 12.71 ? 15  C   A "O4'"  1 
ATOM   512 C "C3'"  . C   A 1 14 ? 8.341   5.351   13.051  1.00 13.15 ? 15  C   A "C3'"  1 
ATOM   513 O "O3'"  . C   A 1 14 ? 9.195   5.509   14.161  1.00 15.80 ? 15  C   A "O3'"  1 
ATOM   514 C "C2'"  . C   A 1 14 ? 7.834   3.923   12.864  1.00 13.61 ? 15  C   A "C2'"  1 
ATOM   515 O "O2'"  . C   A 1 14 ? 7.369   3.386   14.093  1.00 15.91 ? 15  C   A "O2'"  1 
ATOM   516 C "C1'"  . C   A 1 14 ? 6.631   4.173   11.959  1.00 13.66 ? 15  C   A "C1'"  1 
ATOM   517 N N1     . C   A 1 14 ? 7.003   4.065   10.537  1.00 12.35 ? 15  C   A N1     1 
ATOM   518 C C2     . C   A 1 14 ? 7.128   2.776   10.032  1.00 11.80 ? 15  C   A C2     1 
ATOM   519 O O2     . C   A 1 14 ? 6.946   1.833   10.806  1.00 12.03 ? 15  C   A O2     1 
ATOM   520 N N3     . C   A 1 14 ? 7.470   2.595   8.745   1.00 10.68 ? 15  C   A N3     1 
ATOM   521 C C4     . C   A 1 14 ? 7.663   3.641   7.945   1.00 10.70 ? 15  C   A C4     1 
ATOM   522 N N4     . C   A 1 14 ? 7.977   3.410   6.676   1.00 12.18 ? 15  C   A N4     1 
ATOM   523 C C5     . C   A 1 14 ? 7.548   4.975   8.452   1.00 11.69 ? 15  C   A C5     1 
ATOM   524 C C6     . C   A 1 14 ? 7.247   5.135   9.733   1.00 11.50 ? 15  C   A C6     1 
ATOM   525 H "H5'"  . C   A 1 14 ? 6.247   7.993   13.069  1.00 15.60 ? 15  C   A "H5'"  1 
ATOM   526 H "H5''" . C   A 1 14 ? 7.737   8.001   13.600  1.00 15.60 ? 15  C   A "H5''" 1 
ATOM   527 H "H4'"  . C   A 1 14 ? 6.693   5.968   14.080  1.00 14.73 ? 15  C   A "H4'"  1 
ATOM   528 H "H3'"  . C   A 1 14 ? 8.801   5.636   12.246  1.00 15.78 ? 15  C   A "H3'"  1 
ATOM   529 H "H2'"  . C   A 1 14 ? 8.495   3.354   12.439  1.00 16.33 ? 15  C   A "H2'"  1 
ATOM   530 H "HO2'" . C   A 1 14 ? 6.532   3.319   14.063  1.00 19.09 ? 15  C   A "HO2'" 1 
ATOM   531 H "H1'"  . C   A 1 14 ? 5.928   3.538   12.165  1.00 16.39 ? 15  C   A "H1'"  1 
ATOM   532 H H41    . C   A 1 14 ? 8.108   4.069   6.139   1.00 14.61 ? 15  C   A H41    1 
ATOM   533 H H42    . C   A 1 14 ? 8.051   2.602   6.392   1.00 14.61 ? 15  C   A H42    1 
ATOM   534 H H5     . C   A 1 14 ? 7.690   5.709   7.899   1.00 14.03 ? 15  C   A H5     1 
ATOM   535 H H6     . C   A 1 14 ? 7.139   5.994   10.072  1.00 13.80 ? 15  C   A H6     1 
ATOM   536 P P      . U   A 1 15 ? 10.794  5.427   13.979  1.00 19.06 ? 16  U   A P      1 
ATOM   537 O OP1    . U   A 1 15 ? 11.386  5.661   15.320  1.00 21.58 ? 16  U   A OP1    1 
ATOM   538 O OP2    . U   A 1 15 ? 11.237  6.202   12.800  1.00 19.61 ? 16  U   A OP2    1 
ATOM   539 O "O5'"  . U   A 1 15 ? 11.078  3.937   13.490  1.00 19.48 ? 16  U   A "O5'"  1 
ATOM   540 C "C5'"  . U   A 1 15 ? 10.914  2.828   14.367  1.00 20.57 ? 16  U   A "C5'"  1 
ATOM   541 C "C4'"  . U   A 1 15 ? 11.224  1.534   13.657  1.00 22.25 ? 16  U   A "C4'"  1 
ATOM   542 O "O4'"  . U   A 1 15 ? 10.294  1.322   12.564  1.00 21.06 ? 16  U   A "O4'"  1 
ATOM   543 C "C3'"  . U   A 1 15 ? 12.579  1.476   12.981  1.00 25.40 ? 16  U   A "C3'"  1 
ATOM   544 O "O3'"  . U   A 1 15 ? 13.624  1.175   13.885  1.00 30.86 ? 16  U   A "O3'"  1 
ATOM   545 C "C2'"  . U   A 1 15 ? 12.375  0.395   11.931  1.00 24.50 ? 16  U   A "C2'"  1 
ATOM   546 O "O2'"  . U   A 1 15 ? 12.421  -0.914  12.494  1.00 27.39 ? 16  U   A "O2'"  1 
ATOM   547 C "C1'"  . U   A 1 15 ? 10.954  0.668   11.488  1.00 20.16 ? 16  U   A "C1'"  1 
ATOM   548 N N1     . U   A 1 15 ? 10.955  1.531   10.275  1.00 17.54 ? 16  U   A N1     1 
ATOM   549 C C2     . U   A 1 15 ? 11.204  0.925   9.049   1.00 18.05 ? 16  U   A C2     1 
ATOM   550 O O2     . U   A 1 15 ? 11.386  -0.274  8.922   1.00 20.14 ? 16  U   A O2     1 
ATOM   551 N N3     . U   A 1 15 ? 11.201  1.746   7.956   1.00 18.91 ? 16  U   A N3     1 
ATOM   552 C C4     . U   A 1 15 ? 11.065  3.113   7.955   1.00 19.79 ? 16  U   A C4     1 
ATOM   553 O O4     . U   A 1 15 ? 11.145  3.721   6.881   1.00 20.73 ? 16  U   A O4     1 
ATOM   554 C C5     . U   A 1 15 ? 10.804  3.684   9.248   1.00 19.21 ? 16  U   A C5     1 
ATOM   555 C C6     . U   A 1 15 ? 10.780  2.898   10.326  1.00 17.76 ? 16  U   A C6     1 
ATOM   556 H "H5'"  . U   A 1 15 ? 9.998   2.806   14.685  1.00 24.69 ? 16  U   A "H5'"  1 
ATOM   557 H "H5''" . U   A 1 15 ? 11.513  2.928   15.124  1.00 24.69 ? 16  U   A "H5''" 1 
ATOM   558 H "H4'"  . U   A 1 15 ? 11.149  0.800   14.286  1.00 26.70 ? 16  U   A "H4'"  1 
ATOM   559 H "H3'"  . U   A 1 15 ? 12.760  2.323   12.544  1.00 30.48 ? 16  U   A "H3'"  1 
ATOM   560 H "H2'"  . U   A 1 15 ? 12.999  0.491   11.196  1.00 29.40 ? 16  U   A "H2'"  1 
ATOM   561 H "HO2'" . U   A 1 15 ? 13.206  -1.076  12.745  1.00 32.87 ? 16  U   A "HO2'" 1 
ATOM   562 H "H1'"  . U   A 1 15 ? 10.506  -0.169  11.292  1.00 24.19 ? 16  U   A "H1'"  1 
ATOM   563 H H3     . U   A 1 15 ? 11.382  1.377   7.200   1.00 22.69 ? 16  U   A H3     1 
ATOM   564 H H5     . U   A 1 15 ? 10.686  4.602   9.337   1.00 23.05 ? 16  U   A H5     1 
ATOM   565 H H6     . U   A 1 15 ? 10.627  3.292   11.155  1.00 21.31 ? 16  U   A H6     1 
ATOM   566 P P      . A   A 1 16 ? 14.915  2.131   14.028  1.00 38.49 ? 17  A   A P      1 
ATOM   567 O OP1    . A   A 1 16 ? 14.851  2.684   15.401  1.00 40.56 ? 17  A   A OP1    1 
ATOM   568 O OP2    . A   A 1 16 ? 15.047  3.052   12.863  1.00 39.79 ? 17  A   A OP2    1 
ATOM   569 O "O5'"  . A   A 1 16 ? 16.157  1.157   13.893  1.00 38.18 ? 17  A   A "O5'"  1 
ATOM   570 C "C5'"  . A   A 1 16 ? 16.228  -0.036  14.637  1.00 33.33 ? 17  A   A "C5'"  1 
ATOM   571 C "C4'"  . A   A 1 16 ? 16.563  -1.188  13.737  1.00 30.77 ? 17  A   A "C4'"  1 
ATOM   572 O "O4'"  . A   A 1 16 ? 15.518  -1.372  12.751  1.00 33.17 ? 17  A   A "O4'"  1 
ATOM   573 C "C3'"  . A   A 1 16 ? 17.799  -1.031  12.885  1.00 30.37 ? 17  A   A "C3'"  1 
ATOM   574 O "O3'"  . A   A 1 16 ? 19.003  -1.183  13.598  1.00 27.59 ? 17  A   A "O3'"  1 
ATOM   575 C "C2'"  . A   A 1 16 ? 17.572  -2.090  11.823  1.00 35.01 ? 17  A   A "C2'"  1 
ATOM   576 O "O2'"  . A   A 1 16 ? 17.773  -3.381  12.358  1.00 36.76 ? 17  A   A "O2'"  1 
ATOM   577 C "C1'"  . A   A 1 16 ? 16.081  -1.940  11.579  1.00 35.56 ? 17  A   A "C1'"  1 
ATOM   578 N N9     . A   A 1 16 ? 15.803  -1.085  10.416  1.00 36.07 ? 17  A   A N9     1 
ATOM   579 C C8     . A   A 1 16 ? 15.268  0.169   10.402  1.00 35.28 ? 17  A   A C8     1 
ATOM   580 N N7     . A   A 1 16 ? 15.125  0.668   9.198   1.00 37.77 ? 17  A   A N7     1 
ATOM   581 C C5     . A   A 1 16 ? 15.615  -0.330  8.371   1.00 37.78 ? 17  A   A C5     1 
ATOM   582 C C6     . A   A 1 16 ? 15.745  -0.401  6.971   1.00 38.91 ? 17  A   A C6     1 
ATOM   583 N N6     . A   A 1 16 ? 15.382  0.598   6.153   1.00 38.66 ? 17  A   A N6     1 
ATOM   584 N N1     . A   A 1 16 ? 16.284  -1.538  6.457   1.00 40.17 ? 17  A   A N1     1 
ATOM   585 C C2     . A   A 1 16 ? 16.651  -2.530  7.294   1.00 39.09 ? 17  A   A C2     1 
ATOM   586 N N3     . A   A 1 16 ? 16.565  -2.566  8.632   1.00 38.37 ? 17  A   A N3     1 
ATOM   587 C C4     . A   A 1 16 ? 16.033  -1.421  9.103   1.00 36.53 ? 17  A   A C4     1 
ATOM   588 H "H5'"  . A   A 1 16 ? 15.373  -0.201  15.063  1.00 40.00 ? 17  A   A "H5'"  1 
ATOM   589 H "H5''" . A   A 1 16 ? 16.914  0.050   15.316  1.00 40.00 ? 17  A   A "H5''" 1 
ATOM   590 H "H4'"  . A   A 1 16 ? 16.644  -1.995  14.270  1.00 36.93 ? 17  A   A "H4'"  1 
ATOM   591 H "H3'"  . A   A 1 16 ? 17.787  -0.155  12.467  1.00 36.44 ? 17  A   A "H3'"  1 
ATOM   592 H "H2'"  . A   A 1 16 ? 18.094  -1.931  11.021  1.00 42.02 ? 17  A   A "H2'"  1 
ATOM   593 H "HO2'" . A   A 1 16 ? 18.594  -3.491  12.503  1.00 44.11 ? 17  A   A "HO2'" 1 
ATOM   594 H "H1'"  . A   A 1 16 ? 15.692  -2.816  11.431  1.00 42.67 ? 17  A   A "H1'"  1 
ATOM   595 H H8     . A   A 1 16 ? 15.009  0.619   11.174  1.00 42.33 ? 17  A   A H8     1 
ATOM   596 H H61    . A   A 1 16 ? 15.490  0.520   5.304   1.00 46.40 ? 17  A   A H61    1 
ATOM   597 H H62    . A   A 1 16 ? 15.041  1.317   6.478   1.00 46.40 ? 17  A   A H62    1 
ATOM   598 H H2     . A   A 1 16 ? 17.005  -3.289  6.892   1.00 46.90 ? 17  A   A H2     1 
ATOM   599 P P      . G   A 1 17 ? 20.243  -0.188  13.302  1.00 25.40 ? 18  G   A P      1 
ATOM   600 O OP1    . G   A 1 17 ? 21.333  -0.636  14.231  1.00 28.02 ? 18  G   A OP1    1 
ATOM   601 O OP2    . G   A 1 17 ? 19.832  1.242   13.186  1.00 28.62 ? 18  G   A OP2    1 
ATOM   602 O "O5'"  . G   A 1 17 ? 20.673  -0.564  11.816  1.00 21.31 ? 18  G   A "O5'"  1 
ATOM   603 C "C5'"  . G   A 1 17 ? 21.290  -1.814  11.568  1.00 22.22 ? 18  G   A "C5'"  1 
ATOM   604 C "C4'"  . G   A 1 17 ? 21.510  -2.034  10.099  1.00 22.86 ? 18  G   A "C4'"  1 
ATOM   605 O "O4'"  . G   A 1 17 ? 20.243  -2.024  9.398   1.00 24.40 ? 18  G   A "O4'"  1 
ATOM   606 C "C3'"  . G   A 1 17 ? 22.320  -0.987  9.372   1.00 24.05 ? 18  G   A "C3'"  1 
ATOM   607 O "O3'"  . G   A 1 17 ? 23.702  -1.132  9.582   1.00 26.62 ? 18  G   A "O3'"  1 
ATOM   608 C "C2'"  . G   A 1 17 ? 21.906  -1.201  7.926   1.00 24.70 ? 18  G   A "C2'"  1 
ATOM   609 O "O2'"  . G   A 1 17 ? 22.554  -2.341  7.365   1.00 26.39 ? 18  G   A "O2'"  1 
ATOM   610 C "C1'"  . G   A 1 17 ? 20.422  -1.508  8.099   1.00 24.46 ? 18  G   A "C1'"  1 
ATOM   611 N N9     . G   A 1 17 ? 19.614  -0.288  7.957   1.00 25.62 ? 18  G   A N9     1 
ATOM   612 C C8     . G   A 1 17 ? 18.978  0.453   8.938   1.00 25.64 ? 18  G   A C8     1 
ATOM   613 N N7     . G   A 1 17 ? 18.353  1.501   8.457   1.00 26.39 ? 18  G   A N7     1 
ATOM   614 C C5     . G   A 1 17 ? 18.610  1.442   7.094   1.00 24.27 ? 18  G   A C5     1 
ATOM   615 C C6     . G   A 1 17 ? 18.205  2.288   6.037   1.00 26.01 ? 18  G   A C6     1 
ATOM   616 O O6     . G   A 1 17 ? 17.514  3.296   6.118   1.00 28.12 ? 18  G   A O6     1 
ATOM   617 N N1     . G   A 1 17 ? 18.677  1.883   4.789   1.00 27.32 ? 18  G   A N1     1 
ATOM   618 C C2     . G   A 1 17 ? 19.458  0.778   4.575   1.00 29.16 ? 18  G   A C2     1 
ATOM   619 N N2     . G   A 1 17 ? 19.824  0.545   3.295   1.00 28.90 ? 18  G   A N2     1 
ATOM   620 N N3     . G   A 1 17 ? 19.834  -0.046  5.555   1.00 27.45 ? 18  G   A N3     1 
ATOM   621 C C4     . G   A 1 17 ? 19.386  0.359   6.769   1.00 26.00 ? 18  G   A C4     1 
ATOM   622 H "H5'"  . G   A 1 17 ? 20.723  -2.522  11.913  1.00 26.67 ? 18  G   A "H5'"  1 
ATOM   623 H "H5''" . G   A 1 17 ? 22.144  -1.843  12.025  1.00 26.67 ? 18  G   A "H5''" 1 
ATOM   624 H "H4'"  . G   A 1 17 ? 21.931  -2.899  9.972   1.00 27.43 ? 18  G   A "H4'"  1 
ATOM   625 H "H3'"  . G   A 1 17 ? 22.040  -0.105  9.660   1.00 28.86 ? 18  G   A "H3'"  1 
ATOM   626 H "H2'"  . G   A 1 17 ? 22.045  -0.405  7.392   1.00 29.64 ? 18  G   A "H2'"  1 
ATOM   627 H "HO2'" . G   A 1 17 ? 22.107  -2.614  6.709   1.00 31.67 ? 18  G   A "HO2'" 1 
ATOM   628 H "H1'"  . G   A 1 17 ? 20.143  -2.167  7.443   1.00 29.35 ? 18  G   A "H1'"  1 
ATOM   629 H H8     . G   A 1 17 ? 18.980  0.224   9.839   1.00 30.76 ? 18  G   A H8     1 
ATOM   630 H H1     . G   A 1 17 ? 18.468  2.362   4.107   1.00 32.79 ? 18  G   A H1     1 
ATOM   631 H H21    . G   A 1 17 ? 19.576  1.084   2.673   1.00 34.68 ? 18  G   A H21    1 
ATOM   632 H H22    . G   A 1 17 ? 20.306  -0.140  3.104   1.00 34.68 ? 18  G   A H22    1 
ATOM   633 P P      . C   A 1 18 ? 24.671  0.149   9.577   1.00 25.84 ? 19  C   A P      1 
ATOM   634 O OP1    . C   A 1 18 ? 25.996  -0.367  9.961   1.00 29.22 ? 19  C   A OP1    1 
ATOM   635 O OP2    . C   A 1 18 ? 24.047  1.302   10.293  1.00 25.09 ? 19  C   A OP2    1 
ATOM   636 O "O5'"  . C   A 1 18 ? 24.773  0.615   8.061   1.00 22.53 ? 19  C   A "O5'"  1 
ATOM   637 C "C5'"  . C   A 1 18 ? 25.237  -0.281  7.058   1.00 25.73 ? 19  C   A "C5'"  1 
ATOM   638 C "C4'"  . C   A 1 18 ? 24.971  0.224   5.658   1.00 27.12 ? 19  C   A "C4'"  1 
ATOM   639 O "O4'"  . C   A 1 18 ? 23.542  0.354   5.443   1.00 27.36 ? 19  C   A "O4'"  1 
ATOM   640 C "C3'"  . C   A 1 18 ? 25.511  1.603   5.317   1.00 28.93 ? 19  C   A "C3'"  1 
ATOM   641 O "O3'"  . C   A 1 18 ? 26.885  1.607   5.000   1.00 31.53 ? 19  C   A "O3'"  1 
ATOM   642 C "C2'"  . C   A 1 18 ? 24.622  2.027   4.159   1.00 28.33 ? 19  C   A "C2'"  1 
ATOM   643 O "O2'"  . C   A 1 18 ? 25.014  1.379   2.959   1.00 30.97 ? 19  C   A "O2'"  1 
ATOM   644 C "C1'"  . C   A 1 18 ? 23.283  1.456   4.594   1.00 26.51 ? 19  C   A "C1'"  1 
ATOM   645 N N1     . C   A 1 18 ? 22.442  2.444   5.309   1.00 25.21 ? 19  C   A N1     1 
ATOM   646 C C2     . C   A 1 18 ? 21.810  3.437   4.553   1.00 27.00 ? 19  C   A C2     1 
ATOM   647 O O2     . C   A 1 18 ? 21.998  3.451   3.330   1.00 29.44 ? 19  C   A O2     1 
ATOM   648 N N3     . C   A 1 18 ? 21.002  4.356   5.144   1.00 24.94 ? 19  C   A N3     1 
ATOM   649 C C4     . C   A 1 18 ? 20.827  4.305   6.453   1.00 24.50 ? 19  C   A C4     1 
ATOM   650 N N4     . C   A 1 18 ? 20.021  5.213   6.998   1.00 25.79 ? 19  C   A N4     1 
ATOM   651 C C5     . C   A 1 18 ? 21.464  3.311   7.254   1.00 24.28 ? 19  C   A C5     1 
ATOM   652 C C6     . C   A 1 18 ? 22.258  2.412   6.653   1.00 23.49 ? 19  C   A C6     1 
ATOM   653 H "H5'"  . C   A 1 18 ? 24.792  -1.135  7.172   1.00 30.87 ? 19  C   A "H5'"  1 
ATOM   654 H "H5''" . C   A 1 18 ? 26.192  -0.407  7.169   1.00 30.87 ? 19  C   A "H5''" 1 
ATOM   655 H "H4'"  . C   A 1 18 ? 25.326  -0.416  5.022   1.00 32.54 ? 19  C   A "H4'"  1 
ATOM   656 H "H3'"  . C   A 1 18 ? 25.357  2.198   6.067   1.00 34.71 ? 19  C   A "H3'"  1 
ATOM   657 H "H2'"  . C   A 1 18 ? 24.589  2.991   4.062   1.00 33.99 ? 19  C   A "H2'"  1 
ATOM   658 H "HO2'" . C   A 1 18 ? 24.425  0.820   2.744   1.00 37.16 ? 19  C   A "HO2'" 1 
ATOM   659 H "H1'"  . C   A 1 18 ? 22.805  1.145   3.809   1.00 31.81 ? 19  C   A "H1'"  1 
ATOM   660 H H41    . C   A 1 18 ? 19.884  5.211   7.847   1.00 30.95 ? 19  C   A H41    1 
ATOM   661 H H42    . C   A 1 18 ? 19.638  5.801   6.503   1.00 30.95 ? 19  C   A H42    1 
ATOM   662 H H5     . C   A 1 18 ? 21.328  3.282   8.174   1.00 29.13 ? 19  C   A H5     1 
ATOM   663 H H6     . C   A 1 18 ? 22.669  1.749   7.158   1.00 28.18 ? 19  C   A H6     1 
ATOM   664 P P      . G   A 1 19 ? 27.787  2.882   5.392   1.00 33.96 ? 20  G   A P      1 
ATOM   665 O OP1    . G   A 1 19 ? 29.199  2.492   5.136   1.00 34.68 ? 20  G   A OP1    1 
ATOM   666 O OP2    . G   A 1 19 ? 27.366  3.431   6.718   1.00 35.33 ? 20  G   A OP2    1 
ATOM   667 O "O5'"  . G   A 1 19 ? 27.339  3.990   4.344   1.00 33.29 ? 20  G   A "O5'"  1 
ATOM   668 C "C5'"  . G   A 1 19 ? 27.497  3.777   2.950   1.00 33.87 ? 20  G   A "C5'"  1 
ATOM   669 C "C4'"  . G   A 1 19 ? 26.843  4.884   2.167   1.00 33.94 ? 20  G   A "C4'"  1 
ATOM   670 O "O4'"  . G   A 1 19 ? 25.420  4.881   2.422   1.00 32.72 ? 20  G   A "O4'"  1 
ATOM   671 C "C3'"  . G   A 1 19 ? 27.268  6.294   2.529   1.00 34.67 ? 20  G   A "C3'"  1 
ATOM   672 O "O3'"  . G   A 1 19 ? 28.493  6.653   1.925   1.00 35.44 ? 20  G   A "O3'"  1 
ATOM   673 C "C2'"  . G   A 1 19 ? 26.091  7.121   2.046   1.00 34.34 ? 20  G   A "C2'"  1 
ATOM   674 O "O2'"  . G   A 1 19 ? 26.133  7.277   0.634   1.00 38.38 ? 20  G   A "O2'"  1 
ATOM   675 C "C1'"  . G   A 1 19 ? 24.920  6.196   2.358   1.00 31.74 ? 20  G   A "C1'"  1 
ATOM   676 N N9     . G   A 1 19 ? 24.199  6.512   3.614   1.00 28.30 ? 20  G   A N9     1 
ATOM   677 C C8     . G   A 1 19 ? 24.314  5.916   4.844   1.00 24.85 ? 20  G   A C8     1 
ATOM   678 N N7     . G   A 1 19 ? 23.501  6.404   5.736   1.00 24.05 ? 20  G   A N7     1 
ATOM   679 C C5     . G   A 1 19 ? 22.795  7.377   5.042   1.00 23.49 ? 20  G   A C5     1 
ATOM   680 C C6     . G   A 1 19 ? 21.774  8.257   5.467   1.00 24.14 ? 20  G   A C6     1 
ATOM   681 O O6     . G   A 1 19 ? 21.271  8.341   6.599   1.00 25.88 ? 20  G   A O6     1 
ATOM   682 N N1     . G   A 1 19 ? 21.333  9.091   4.424   1.00 24.80 ? 20  G   A N1     1 
ATOM   683 C C2     . G   A 1 19 ? 21.834  9.071   3.143   1.00 24.57 ? 20  G   A C2     1 
ATOM   684 N N2     . G   A 1 19 ? 21.323  9.933   2.246   1.00 24.34 ? 20  G   A N2     1 
ATOM   685 N N3     . G   A 1 19 ? 22.778  8.250   2.738   1.00 24.65 ? 20  G   A N3     1 
ATOM   686 C C4     . G   A 1 19 ? 23.209  7.451   3.736   1.00 25.65 ? 20  G   A C4     1 
ATOM   687 H "H5'"  . G   A 1 19 ? 27.089  2.931   2.708   1.00 40.65 ? 20  G   A "H5'"  1 
ATOM   688 H "H5''" . G   A 1 19 ? 28.442  3.749   2.736   1.00 40.65 ? 20  G   A "H5''" 1 
ATOM   689 H "H4'"  . G   A 1 19 ? 26.996  4.739   1.221   1.00 40.72 ? 20  G   A "H4'"  1 
ATOM   690 H "H3'"  . G   A 1 19 ? 27.345  6.370   3.493   1.00 41.60 ? 20  G   A "H3'"  1 
ATOM   691 H "HO3'" . G   A 1 19 ? 28.527  7.311   1.403   1.00 42.53 ? 20  G   A "HO3'" 1 
ATOM   692 H "H2'"  . G   A 1 19 ? 26.021  7.970   2.512   1.00 41.21 ? 20  G   A "H2'"  1 
ATOM   693 H "HO2'" . G   A 1 19 ? 26.795  6.857   0.332   1.00 46.06 ? 20  G   A "HO2'" 1 
ATOM   694 H "H1'"  . G   A 1 19 ? 24.287  6.247   1.624   1.00 38.09 ? 20  G   A "H1'"  1 
ATOM   695 H H8     . G   A 1 19 ? 24.916  5.229   5.024   1.00 29.82 ? 20  G   A H8     1 
ATOM   696 H H1     . G   A 1 19 ? 20.715  9.661   4.603   1.00 29.76 ? 20  G   A H1     1 
ATOM   697 H H21    . G   A 1 19 ? 20.705  10.482  2.480   1.00 29.20 ? 20  G   A H21    1 
ATOM   698 H H22    . G   A 1 19 ? 21.615  9.935   1.437   1.00 29.20 ? 20  G   A H22    1 
HETATM 699 O O      . HOH B 2 .  ? 0.569   -10.206 -7.381  1.00 33.96 ? 101 HOH A O      1 
HETATM 700 O O      . HOH B 2 .  ? -21.295 0.409   -6.466  1.00 44.49 ? 102 HOH A O      1 
HETATM 701 O O      . HOH B 2 .  ? 4.804   11.967  -2.730  1.00 30.70 ? 103 HOH A O      1 
HETATM 702 O O      . HOH B 2 .  ? -3.781  9.125   -2.979  1.00 28.81 ? 104 HOH A O      1 
HETATM 703 O O      . HOH B 2 .  ? 19.515  4.778   9.451   1.00 40.29 ? 105 HOH A O      1 
HETATM 704 O O      . HOH B 2 .  ? 3.376   6.036   -3.966  1.00 26.21 ? 106 HOH A O      1 
HETATM 705 O O      . HOH B 2 .  ? 3.897   -3.378  -8.360  1.00 20.10 ? 107 HOH A O      1 
HETATM 706 O O      . HOH B 2 .  ? -3.214  1.400   -11.889 1.00 25.74 ? 108 HOH A O      1 
HETATM 707 O O      . HOH B 2 .  ? -4.218  7.465   -8.220  1.00 30.70 ? 109 HOH A O      1 
HETATM 708 O O      . HOH B 2 .  ? -20.361 1.437   -2.849  1.00 45.98 ? 110 HOH A O      1 
HETATM 709 O O      . HOH B 2 .  ? -12.791 -8.671  0.292   1.00 16.52 ? 111 HOH A O      1 
HETATM 710 O O      . HOH B 2 .  ? 2.909   12.061  -6.880  1.00 32.47 ? 112 HOH A O      1 
HETATM 711 O O      . HOH B 2 .  ? -17.388 -9.170  7.552   1.00 20.14 ? 113 HOH A O      1 
HETATM 712 O O      . HOH B 2 .  ? 10.632  7.227   10.453  1.00 24.59 ? 114 HOH A O      1 
HETATM 713 O O      . HOH B 2 .  ? 22.055  -2.442  4.777   1.00 37.06 ? 115 HOH A O      1 
HETATM 714 O O      . HOH B 2 .  ? -4.028  0.309   -1.977  0.50 31.98 ? 116 HOH A O      1 
HETATM 715 O O      . HOH B 2 .  ? 8.191   8.098   7.381   1.00 24.44 ? 117 HOH A O      1 
HETATM 716 O O      . HOH B 2 .  ? -4.781  6.211   -5.531  0.50 24.22 ? 118 HOH A O      1 
HETATM 717 O O      . HOH B 2 .  ? -8.961  -10.342 4.996   1.00 22.65 ? 119 HOH A O      1 
HETATM 718 O O      . HOH B 2 .  ? 5.993   -0.819  -9.735  1.00 23.66 ? 120 HOH A O      1 
HETATM 719 O O      . HOH B 2 .  ? -11.441 -15.060 2.130   0.33 28.45 ? 121 HOH A O      1 
HETATM 720 O O      . HOH B 2 .  ? -17.438 -6.288  1.550   1.00 33.04 ? 122 HOH A O      1 
HETATM 721 O O      . HOH B 2 .  ? 2.731   15.513  -1.564  1.00 28.27 ? 123 HOH A O      1 
HETATM 722 O O      . HOH B 2 .  ? -8.673  -14.099 3.138   0.33 17.66 ? 124 HOH A O      1 
HETATM 723 O O      . HOH B 2 .  ? 3.235   1.156   -12.928 0.33 20.73 ? 125 HOH A O      1 
HETATM 724 O O      . HOH B 2 .  ? 23.064  0.216   16.188  1.00 38.01 ? 126 HOH A O      1 
HETATM 725 O O      . HOH B 2 .  ? 21.675  2.495   11.019  1.00 37.18 ? 127 HOH A O      1 
HETATM 726 O O      . HOH B 2 .  ? -20.616 -2.540  -4.887  1.00 38.67 ? 128 HOH A O      1 
HETATM 727 O O      . HOH B 2 .  ? -20.041 -5.068  -0.895  1.00 38.63 ? 129 HOH A O      1 
HETATM 728 O O      . HOH B 2 .  ? -12.029 -8.814  4.508   1.00 15.99 ? 130 HOH A O      1 
HETATM 729 O O      . HOH B 2 .  ? -2.174  -6.485  -5.669  1.00 18.96 ? 131 HOH A O      1 
HETATM 730 O O      . HOH B 2 .  ? 6.680   13.745  3.485   1.00 14.04 ? 132 HOH A O      1 
HETATM 731 O O      . HOH B 2 .  ? 27.579  -2.602  9.528   1.00 38.26 ? 133 HOH A O      1 
HETATM 732 O O      . HOH B 2 .  ? 6.206   10.520  1.196   1.00 30.19 ? 134 HOH A O      1 
HETATM 733 O O      . HOH B 2 .  ? -7.328  -13.063 -10.627 1.00 30.54 ? 135 HOH A O      1 
HETATM 734 O O      . HOH B 2 .  ? 5.865   9.579   3.700   1.00 22.81 ? 136 HOH A O      1 
HETATM 735 O O      . HOH B 2 .  ? -17.092 -6.436  -4.265  1.00 33.56 ? 137 HOH A O      1 
HETATM 736 O O      . HOH B 2 .  ? 8.006   3.762   16.771  1.00 34.78 ? 138 HOH A O      1 
HETATM 737 O O      . HOH B 2 .  ? 10.642  8.129   16.367  1.00 45.53 ? 139 HOH A O      1 
HETATM 738 O O      . HOH B 2 .  ? -1.412  -13.617 -7.168  1.00 29.56 ? 140 HOH A O      1 
HETATM 739 O O      . HOH B 2 .  ? -2.560  10.850  2.870   1.00 23.94 ? 141 HOH A O      1 
HETATM 740 O O      . HOH B 2 .  ? 0.159   -3.946  -5.881  1.00 30.04 ? 142 HOH A O      1 
HETATM 741 O O      . HOH B 2 .  ? -3.481  9.653   -6.677  1.00 28.68 ? 143 HOH A O      1 
HETATM 742 O O      . HOH B 2 .  ? 23.723  6.013   8.501   1.00 34.74 ? 144 HOH A O      1 
HETATM 743 O O      . HOH B 2 .  ? -5.150  -7.857  -3.987  1.00 18.60 ? 145 HOH A O      1 
HETATM 744 O O      . HOH B 2 .  ? 4.133   9.031   -1.038  1.00 18.42 ? 146 HOH A O      1 
HETATM 745 O O      . HOH B 2 .  ? -9.236  -6.013  -4.093  1.00 22.25 ? 147 HOH A O      1 
HETATM 746 O O      . HOH B 2 .  ? 4.768   14.900  9.574   0.33 12.83 ? 148 HOH A O      1 
HETATM 747 O O      . HOH B 2 .  ? 6.646   5.730   2.391   1.00 26.16 ? 149 HOH A O      1 
HETATM 748 O O      . HOH B 2 .  ? -16.120 -6.699  -1.476  1.00 27.91 ? 150 HOH A O      1 
HETATM 749 O O      . HOH B 2 .  ? 25.394  3.689   9.610   1.00 37.77 ? 151 HOH A O      1 
HETATM 750 O O      . HOH B 2 .  ? -19.938 -7.234  6.884   1.00 26.44 ? 152 HOH A O      1 
HETATM 751 O O      . HOH B 2 .  ? -13.471 -5.987  -2.533  1.00 27.41 ? 153 HOH A O      1 
HETATM 752 O O      . HOH B 2 .  ? 6.517   12.563  12.627  1.00 23.61 ? 154 HOH A O      1 
HETATM 753 O O      . HOH B 2 .  ? -9.133  -8.058  -1.863  1.00 28.93 ? 155 HOH A O      1 
HETATM 754 O O      . HOH B 2 .  ? 2.602   5.226   -1.259  1.00 27.35 ? 156 HOH A O      1 
HETATM 755 O O      . HOH B 2 .  ? -7.173  -4.680  -3.426  1.00 29.88 ? 157 HOH A O      1 
HETATM 756 O O      . HOH B 2 .  ? -3.122  -13.277 -9.260  1.00 22.05 ? 158 HOH A O      1 
HETATM 757 O O      . HOH B 2 .  ? -18.171 -15.054 1.424   1.00 30.71 ? 159 HOH A O      1 
HETATM 758 O O      . HOH B 2 .  ? 5.009   5.832   -0.179  1.00 29.06 ? 160 HOH A O      1 
HETATM 759 O O      . HOH B 2 .  ? 3.284   3.242   11.133  1.00 18.22 ? 161 HOH A O      1 
HETATM 760 O O      . HOH B 2 .  ? 22.836  1.832   1.077   1.00 39.91 ? 162 HOH A O      1 
HETATM 761 O O      . HOH B 2 .  ? 3.909   5.209   14.035  1.00 31.15 ? 163 HOH A O      1 
HETATM 762 O O      . HOH B 2 .  ? -0.594  9.063   7.864   1.00 15.30 ? 164 HOH A O      1 
HETATM 763 O O      . HOH B 2 .  ? -24.301 -10.905 0.720   1.00 35.64 ? 165 HOH A O      1 
HETATM 764 O O      . HOH B 2 .  ? -22.296 -5.821  -7.959  1.00 36.78 ? 166 HOH A O      1 
HETATM 765 O O      . HOH B 2 .  ? 1.253   13.680  8.294   0.33 9.40  ? 167 HOH A O      1 
HETATM 766 O O      . HOH B 2 .  ? -18.626 -14.836 -3.177  1.00 30.44 ? 168 HOH A O      1 
HETATM 767 O O      . HOH B 2 .  ? 5.413   10.434  -6.661  1.00 44.06 ? 169 HOH A O      1 
HETATM 768 O O      . HOH B 2 .  ? 1.649   2.831   -0.075  1.00 21.05 ? 170 HOH A O      1 
HETATM 769 O O      . HOH B 2 .  ? 22.785  -3.183  14.597  0.33 38.04 ? 171 HOH A O      1 
HETATM 770 O O      . HOH B 2 .  ? 0.198   0.702   -1.214  1.00 39.18 ? 172 HOH A O      1 
HETATM 771 O O      . HOH B 2 .  ? 1.026   0.390   -13.732 0.33 13.56 ? 173 HOH A O      1 
HETATM 772 O O      . HOH B 2 .  ? 27.818  1.452   11.473  0.01 34.68 ? 174 HOH A O      1 
HETATM 773 O O      . HOH B 2 .  ? 9.196   11.804  8.410   1.00 35.34 ? 175 HOH A O      1 
HETATM 774 O O      . HOH B 2 .  ? 2.967   2.705   2.537   1.00 18.78 ? 176 HOH A O      1 
HETATM 775 O O      . HOH B 2 .  ? 12.563  8.466   15.949  1.00 45.28 ? 177 HOH A O      1 
HETATM 776 O O      . HOH B 2 .  ? -23.900 3.540   -5.014  1.00 46.31 ? 178 HOH A O      1 
HETATM 777 O O      . HOH B 2 .  ? -13.483 -3.490  -4.768  1.00 28.44 ? 179 HOH A O      1 
HETATM 778 O O      . HOH B 2 .  ? -8.121  -13.734 -9.244  1.00 29.82 ? 180 HOH A O      1 
HETATM 779 O O      . HOH B 2 .  ? 3.806   -7.023  -6.949  1.00 29.34 ? 181 HOH A O      1 
HETATM 780 O O      . HOH B 2 .  ? -23.248 4.585   -2.685  1.00 44.53 ? 182 HOH A O      1 
HETATM 781 O O      . HOH B 2 .  ? -21.685 2.999   -0.315  1.00 43.13 ? 183 HOH A O      1 
HETATM 782 O O      . HOH B 2 .  ? -1.673  -0.551  -1.065  1.00 38.81 ? 184 HOH A O      1 
HETATM 783 O O      . HOH B 2 .  ? -3.271  -14.691 -5.739  1.00 32.38 ? 185 HOH A O      1 
HETATM 784 O O      . HOH B 2 .  ? 18.571  7.316   9.656   0.50 37.73 ? 186 HOH A O      1 
HETATM 785 O O      . HOH B 2 .  ? -25.171 3.894   -1.633  1.00 48.94 ? 187 HOH A O      1 
HETATM 786 O O      . HOH B 2 .  ? 6.068   7.268   0.204   1.00 30.67 ? 188 HOH A O      1 
HETATM 787 O O      . HOH B 2 .  ? 7.857   13.939  10.223  1.00 30.82 ? 189 HOH A O      1 
HETATM 788 O O      . HOH B 2 .  ? -1.676  -4.617  -3.638  1.00 32.52 ? 190 HOH A O      1 
HETATM 789 O O      . HOH B 2 .  ? 7.613   7.948   3.093   1.00 32.70 ? 191 HOH A O      1 
HETATM 790 O O      . HOH B 2 .  ? -26.641 3.361   -2.906  1.00 45.73 ? 192 HOH A O      1 
HETATM 791 O O      . HOH B 2 .  ? -6.474  -11.282 2.080   1.00 30.42 ? 193 HOH A O      1 
HETATM 792 O O      . HOH B 2 .  ? 4.226   5.952   15.927  1.00 32.74 ? 194 HOH A O      1 
HETATM 793 O O      . HOH B 2 .  ? -5.818  -15.550 -5.624  1.00 33.14 ? 195 HOH A O      1 
HETATM 794 O O      . HOH B 2 .  ? 6.355   5.311   -3.914  1.00 39.51 ? 196 HOH A O      1 
HETATM 795 O O      . HOH B 2 .  ? -20.954 5.974   0.205   0.33 43.06 ? 197 HOH A O      1 
# 
loop_
_atom_site_anisotrop.id 
_atom_site_anisotrop.type_symbol 
_atom_site_anisotrop.pdbx_label_atom_id 
_atom_site_anisotrop.pdbx_label_alt_id 
_atom_site_anisotrop.pdbx_label_comp_id 
_atom_site_anisotrop.pdbx_label_asym_id 
_atom_site_anisotrop.pdbx_label_seq_id 
_atom_site_anisotrop.pdbx_PDB_ins_code 
_atom_site_anisotrop.U[1][1] 
_atom_site_anisotrop.U[2][2] 
_atom_site_anisotrop.U[3][3] 
_atom_site_anisotrop.U[1][2] 
_atom_site_anisotrop.U[1][3] 
_atom_site_anisotrop.U[2][3] 
_atom_site_anisotrop.pdbx_auth_seq_id 
_atom_site_anisotrop.pdbx_auth_comp_id 
_atom_site_anisotrop.pdbx_auth_asym_id 
_atom_site_anisotrop.pdbx_auth_atom_id 
1   P P     . C A 1  ? 0.4926 0.7790 0.9459 -0.0433 -0.1582 -0.0411 2  C A P     
2   O OP1   . C A 1  ? 0.5062 0.7832 0.9482 -0.0545 -0.1635 -0.0315 2  C A OP1   
3   O OP2   . C A 1  ? 0.4971 0.7774 0.9450 -0.0477 -0.1553 -0.0323 2  C A OP2   
4   O "O5'" . C A 1  ? 0.4612 0.7459 0.8623 -0.0165 -0.1483 -0.0435 2  C A "O5'" 
5   C "C5'" . C A 1  ? 0.4367 0.6978 0.7686 0.0123  -0.1492 -0.0417 2  C A "C5'" 
6   C "C4'" . C A 1  ? 0.4184 0.6438 0.6551 0.0405  -0.1595 -0.0318 2  C A "C4'" 
7   O "O4'" . C A 1  ? 0.4044 0.6279 0.6075 0.0421  -0.1559 -0.0375 2  C A "O4'" 
8   C "C3'" . C A 1  ? 0.4153 0.6044 0.5694 0.0596  -0.1753 -0.0032 2  C A "C3'" 
9   O "O3'" . C A 1  ? 0.4301 0.5707 0.5333 0.0696  -0.2166 0.0586  2  C A "O3'" 
10  C "C2'" . C A 1  ? 0.3942 0.6104 0.5162 0.0526  -0.1448 -0.0106 2  C A "C2'" 
11  O "O2'" . C A 1  ? 0.3871 0.6366 0.5005 0.0468  -0.1273 -0.0005 2  C A "O2'" 
12  C "C1'" . C A 1  ? 0.3893 0.5960 0.5040 0.0453  -0.1490 -0.0253 2  C A "C1'" 
13  N N1    . C A 1  ? 0.3723 0.5608 0.4149 0.0374  -0.1578 -0.0210 2  C A N1    
14  C C2    . C A 1  ? 0.3702 0.5761 0.3574 0.0197  -0.1576 -0.0143 2  C A C2    
15  O O2    . C A 1  ? 0.3624 0.5947 0.3764 0.0086  -0.1347 -0.0105 2  C A O2    
16  N N3    . C A 1  ? 0.3725 0.5459 0.2523 0.0141  -0.1637 -0.0144 2  C A N3    
17  C C4    . C A 1  ? 0.3638 0.5112 0.2412 0.0137  -0.1626 0.0012  2  C A C4    
18  N N4    . C A 1  ? 0.3382 0.4744 0.2822 0.0429  -0.1742 -0.0327 2  C A N4    
19  C C5    . C A 1  ? 0.3650 0.5203 0.2448 0.0206  -0.1612 -0.0139 2  C A C5    
20  C C6    . C A 1  ? 0.3667 0.5475 0.3352 0.0232  -0.1615 -0.0047 2  C A C6    
32  P P     . C A 2  ? 0.4254 0.5542 0.5190 0.0679  -0.2204 0.0919  3  C A P     
33  O OP1   . C A 2  ? 0.4479 0.5559 0.5978 0.0657  -0.2401 0.0659  3  C A OP1   
34  O OP2   . C A 2  ? 0.4290 0.5867 0.3724 0.0521  -0.1952 0.1253  3  C A OP2   
35  O "O5'" . C A 2  ? 0.3724 0.5329 0.5586 0.0712  -0.1816 0.0740  3  C A "O5'" 
36  C "C5'" . C A 2  ? 0.3098 0.5126 0.5381 0.0866  -0.1425 0.0513  3  C A "C5'" 
37  C "C4'" . C A 2  ? 0.2740 0.4870 0.5835 0.1044  -0.1507 0.0116  3  C A "C4'" 
38  O "O4'" . C A 2  ? 0.2667 0.4962 0.6356 0.1093  -0.1582 -0.0034 3  C A "O4'" 
39  C "C3'" . C A 2  ? 0.2585 0.4433 0.5454 0.1048  -0.1514 0.0125  3  C A "C3'" 
40  O "O3'" . C A 2  ? 0.2547 0.3952 0.5191 0.0739  -0.1326 0.0037  3  C A "O3'" 
41  C "C2'" . C A 2  ? 0.2626 0.4923 0.5654 0.1082  -0.1622 -0.0055 3  C A "C2'" 
42  O "O2'" . C A 2  ? 0.2620 0.5168 0.5439 0.1109  -0.1621 -0.0141 3  C A "O2'" 
43  C "C1'" . C A 2  ? 0.2660 0.5102 0.5758 0.1025  -0.1692 -0.0014 3  C A "C1'" 
44  N N1    . C A 2  ? 0.2801 0.5540 0.4525 0.0777  -0.1784 0.0198  3  C A N1    
45  C C2    . C A 2  ? 0.2893 0.5557 0.4300 0.0661  -0.1900 0.0325  3  C A C2    
46  O O2    . C A 2  ? 0.2712 0.5365 0.4730 0.0872  -0.1782 -0.0046 3  C A O2    
47  N N3    . C A 2  ? 0.3011 0.5462 0.4163 0.0593  -0.1959 0.0451  3  C A N3    
48  C C4    . C A 2  ? 0.2972 0.5679 0.4074 0.0555  -0.1900 0.0328  3  C A C4    
49  N N4    . C A 2  ? 0.2802 0.5863 0.4572 0.0636  -0.1872 0.0136  3  C A N4    
50  C C5    . C A 2  ? 0.3023 0.5768 0.4385 0.0556  -0.2019 0.0324  3  C A C5    
51  C C6    . C A 2  ? 0.2955 0.5697 0.4122 0.0634  -0.1875 0.0287  3  C A C6    
63  P P     . U A 3  ? 0.2548 0.3971 0.3775 0.0090  -0.1079 0.0549  4  U A P     
64  O OP1   . U A 3  ? 0.2751 0.4173 0.4511 0.0101  -0.1477 0.0519  4  U A OP1   
65  O OP2   . U A 3  ? 0.2609 0.4069 0.3695 -0.0115 -0.0984 0.0734  4  U A OP2   
66  O "O5'" . U A 3  ? 0.2121 0.3734 0.3670 0.0316  -0.0985 0.0099  4  U A "O5'" 
67  C "C5'" . U A 3  ? 0.1605 0.3929 0.3257 0.0167  -0.0563 0.0047  4  U A "C5'" 
68  C "C4'" . U A 3  ? 0.1191 0.4019 0.2364 -0.0105 -0.0064 0.0320  4  U A "C4'" 
69  O "O4'" . U A 3  ? 0.1105 0.3992 0.2653 -0.0129 -0.0009 0.0087  4  U A "O4'" 
70  C "C3'" . U A 3  ? 0.1103 0.3571 0.2208 -0.0065 -0.0122 0.0388  4  U A "C3'" 
71  O "O3'" . U A 3  ? 0.1143 0.3310 0.1693 0.0038  -0.0156 0.0152  4  U A "O3'" 
72  C "C2'" . U A 3  ? 0.1149 0.3794 0.1980 -0.0398 0.0066  0.0501  4  U A "C2'" 
73  O "O2'" . U A 3  ? 0.1216 0.3626 0.2512 -0.0450 0.0191  0.0101  4  U A "O2'" 
74  C "C1'" . U A 3  ? 0.1074 0.4129 0.2414 -0.0268 0.0013  0.0080  4  U A "C1'" 
75  N N1    . U A 3  ? 0.1159 0.4310 0.2719 -0.0204 -0.0287 -0.0254 4  U A N1    
76  C C2    . U A 3  ? 0.1339 0.4514 0.2499 -0.0444 -0.0387 -0.0159 4  U A C2    
77  O O2    . U A 3  ? 0.1349 0.4182 0.2938 -0.0575 -0.0136 -0.0462 4  U A O2    
78  N N3    . U A 3  ? 0.1448 0.4473 0.1911 -0.0324 -0.0482 0.0100  4  U A N3    
79  C C4    . U A 3  ? 0.1390 0.4416 0.2384 -0.0213 -0.0584 0.0227  4  U A C4    
80  O O4    . U A 3  ? 0.1604 0.4296 0.2356 -0.0142 -0.0784 0.0442  4  U A O4    
81  C C5    . U A 3  ? 0.1049 0.3965 0.2282 0.0071  -0.0269 -0.0052 4  U A C5    
82  C C6    . U A 3  ? 0.1208 0.4214 0.2474 -0.0090 -0.0463 -0.0012 4  U A C6    
93  P P     . G A 4  ? 0.1158 0.2848 0.1426 0.0245  -0.0222 -0.0117 5  G A P     
94  O OP1   . G A 4  ? 0.1319 0.3053 0.1668 0.0082  -0.0305 -0.0202 5  G A OP1   
95  O OP2   . G A 4  ? 0.1376 0.2767 0.1812 0.0210  -0.0457 -0.0071 5  G A OP2   
96  O "O5'" . G A 4  ? 0.1346 0.2364 0.1391 0.0060  -0.0212 -0.0111 5  G A "O5'" 
97  C "C5'" . G A 4  ? 0.1434 0.2715 0.1094 -0.0247 -0.0124 -0.0121 5  G A "C5'" 
98  C "C4'" . G A 4  ? 0.1232 0.2073 0.1244 -0.0218 -0.0031 -0.0086 5  G A "C4'" 
99  O "O4'" . G A 4  ? 0.1306 0.2394 0.1010 -0.0562 0.0009  0.0098  5  G A "O4'" 
100 C "C3'" . G A 4  ? 0.1188 0.1870 0.1421 -0.0088 -0.0057 -0.0210 5  G A "C3'" 
101 O "O3'" . G A 4  ? 0.1130 0.1636 0.1259 -0.0198 0.0049  0.0118  5  G A "O3'" 
102 C "C2'" . G A 4  ? 0.1243 0.1978 0.1363 -0.0168 0.0070  -0.0308 5  G A "C2'" 
103 O "O2'" . G A 4  ? 0.1503 0.2094 0.1799 -0.0212 -0.0003 -0.0349 5  G A "O2'" 
104 C "C1'" . G A 4  ? 0.1197 0.2351 0.0962 -0.0406 0.0077  0.0143  5  G A "C1'" 
105 N N9    . G A 4  ? 0.1103 0.1904 0.1237 -0.0166 -0.0045 0.0094  5  G A N9    
106 C C8    . G A 4  ? 0.1083 0.2085 0.1124 -0.0111 -0.0100 0.0180  5  G A C8    
107 N N7    . G A 4  ? 0.1062 0.2350 0.1336 -0.0150 -0.0111 0.0137  5  G A N7    
108 C C5    . G A 4  ? 0.1075 0.2279 0.1159 -0.0161 -0.0120 0.0028  5  G A C5    
109 C C6    . G A 4  ? 0.1188 0.2528 0.1348 -0.0106 -0.0267 -0.0236 5  G A C6    
110 O O6    . G A 4  ? 0.1176 0.2879 0.1453 -0.0050 -0.0296 -0.0301 5  G A O6    
111 N N1    . G A 4  ? 0.1177 0.2209 0.1184 -0.0226 -0.0270 0.0294  5  G A N1    
112 C C2    . G A 4  ? 0.1139 0.1973 0.1423 -0.0051 -0.0246 -0.0154 5  G A C2    
113 N N2    . G A 4  ? 0.1094 0.2063 0.1569 -0.0097 -0.0297 0.0269  5  G A N2    
114 N N3    . G A 4  ? 0.1201 0.2169 0.1392 -0.0225 -0.0094 -0.0208 5  G A N3    
115 C C4    . G A 4  ? 0.1070 0.1968 0.1248 -0.0167 -0.0024 0.0030  5  G A C4    
127 P P     . A A 5  ? 0.1184 0.1528 0.1354 -0.0128 0.0107  -0.0184 6  A A P     
128 O OP1   . A A 5  ? 0.1278 0.1637 0.1605 -0.0136 -0.0006 -0.0365 6  A A OP1   
129 O OP2   . A A 5  ? 0.1255 0.1713 0.1512 -0.0101 0.0045  -0.0333 6  A A OP2   
130 O "O5'" . A A 5  ? 0.1191 0.1984 0.1181 -0.0274 0.0222  -0.0175 6  A A "O5'" 
131 C "C5'" . A A 5  ? 0.1145 0.1854 0.1198 -0.0299 0.0265  -0.0093 6  A A "C5'" 
132 C "C4'" . A A 5  ? 0.1030 0.1538 0.1263 0.0058  -0.0008 0.0013  6  A A "C4'" 
133 O "O4'" . A A 5  ? 0.1089 0.1641 0.1111 -0.0131 -0.0016 0.0396  6  A A "O4'" 
134 C "C3'" . A A 5  ? 0.0981 0.1389 0.1068 -0.0062 0.0091  0.0076  6  A A "C3'" 
135 O "O3'" . A A 5  ? 0.0998 0.1400 0.1314 -0.0032 -0.0110 0.0006  6  A A "O3'" 
136 C "C2'" . A A 5  ? 0.1270 0.1426 0.1298 -0.0253 -0.0109 0.0260  6  A A "C2'" 
137 O "O2'" . A A 5  ? 0.1328 0.1251 0.1242 -0.0136 -0.0048 0.0173  6  A A "O2'" 
138 C "C1'" . A A 5  ? 0.1133 0.1419 0.1257 -0.0283 0.0090  0.0378  6  A A "C1'" 
139 N N9    . A A 5  ? 0.1171 0.1274 0.1086 -0.0159 -0.0104 0.0150  6  A A N9    
140 C C8    . A A 5  ? 0.1083 0.1590 0.0933 -0.0018 -0.0165 0.0045  6  A A C8    
141 N N7    . A A 5  ? 0.0916 0.1492 0.0988 -0.0031 0.0080  0.0019  6  A A N7    
142 C C5    . A A 5  ? 0.0979 0.1269 0.0818 -0.0034 -0.0069 0.0323  6  A A C5    
143 C C6    . A A 5  ? 0.0951 0.1226 0.1164 0.0012  -0.0117 0.0205  6  A A C6    
144 N N6    . A A 5  ? 0.1162 0.1301 0.1125 0.0015  -0.0193 0.0056  6  A A N6    
145 N N1    . A A 5  ? 0.1007 0.1444 0.0835 -0.0126 -0.0042 0.0129  6  A A N1    
146 C C2    . A A 5  ? 0.1051 0.1315 0.1142 -0.0008 -0.0119 -0.0015 6  A A C2    
147 N N3    . A A 5  ? 0.0923 0.1458 0.1056 -0.0023 0.0050  0.0109  6  A A N3    
148 C C4    . A A 5  ? 0.0959 0.1208 0.1033 -0.0079 0.0039  0.0272  6  A A C4    
160 P P     . G A 6  ? 0.1048 0.1892 0.1341 -0.0288 -0.0016 0.0048  7  G A P     
161 O OP1   . G A 6  ? 0.1179 0.2499 0.1294 -0.0335 -0.0362 0.0383  7  G A OP1   
162 O OP2   . G A 6  ? 0.1272 0.1899 0.1582 -0.0430 -0.0073 -0.0245 7  G A OP2   
163 O "O5'" . G A 6  ? 0.0905 0.1704 0.1134 -0.0037 0.0075  0.0014  7  G A "O5'" 
164 C "C5'" . G A 6  ? 0.0901 0.1433 0.1203 0.0073  0.0046  0.0039  7  G A "C5'" 
165 C "C4'" . G A 6  ? 0.0848 0.1344 0.1392 -0.0014 0.0073  0.0186  7  G A "C4'" 
166 O "O4'" . G A 6  ? 0.0908 0.1624 0.1321 -0.0145 0.0019  0.0275  7  G A "O4'" 
167 C "C3'" . G A 6  ? 0.0992 0.1349 0.1346 0.0034  0.0092  0.0061  7  G A "C3'" 
168 O "O3'" . G A 6  ? 0.0950 0.1452 0.1669 0.0110  0.0082  0.0019  7  G A "O3'" 
169 C "C2'" . G A 6  ? 0.1051 0.1390 0.1185 0.0054  0.0105  -0.0022 7  G A "C2'" 
170 O "O2'" . G A 6  ? 0.1278 0.1709 0.1168 0.0136  -0.0066 -0.0042 7  G A "O2'" 
171 C "C1'" . G A 6  ? 0.0959 0.1486 0.0973 -0.0094 0.0045  0.0221  7  G A "C1'" 
172 N N9    . G A 6  ? 0.0745 0.1250 0.1123 0.0019  -0.0032 0.0166  7  G A N9    
173 C C8    . G A 6  ? 0.0773 0.1333 0.0985 -0.0070 -0.0056 0.0236  7  G A C8    
174 N N7    . G A 6  ? 0.0963 0.1477 0.1076 -0.0275 -0.0195 0.0117  7  G A N7    
175 C C5    . G A 6  ? 0.0688 0.1140 0.1186 -0.0145 0.0014  0.0125  7  G A C5    
176 C C6    . G A 6  ? 0.0802 0.1171 0.1150 -0.0115 -0.0005 0.0019  7  G A C6    
177 O O6    . G A 6  ? 0.1068 0.1286 0.1034 -0.0100 -0.0162 0.0033  7  G A O6    
178 N N1    . G A 6  ? 0.0716 0.1286 0.1105 -0.0176 0.0078  0.0120  7  G A N1    
179 C C2    . G A 6  ? 0.0763 0.1401 0.1102 -0.0133 0.0060  -0.0292 7  G A C2    
180 N N2    . G A 6  ? 0.0823 0.1348 0.1061 -0.0093 -0.0121 -0.0204 7  G A N2    
181 N N3    . G A 6  ? 0.0813 0.1357 0.1325 -0.0118 -0.0200 0.0011  7  G A N3    
182 C C4    . G A 6  ? 0.0791 0.1240 0.1192 -0.0132 -0.0118 0.0152  7  G A C4    
194 P P     . U A 7  ? 0.1001 0.2122 0.1818 -0.0166 0.0061  0.0387  8  U A P     
195 O OP1   . U A 7  ? 0.0960 0.2295 0.2967 0.0011  -0.0227 0.0384  8  U A OP1   
196 O OP2   . U A 7  ? 0.1238 0.2458 0.1482 -0.0326 0.0095  -0.0156 8  U A OP2   
197 O "O5'" . U A 7  ? 0.0921 0.1825 0.1612 -0.0146 0.0391  0.0038  8  U A "O5'" 
198 C "C5'" . U A 7  ? 0.1069 0.1385 0.1829 -0.0088 0.0309  -0.0034 8  U A "C5'" 
199 C "C4'" . U A 7  ? 0.1167 0.1378 0.1494 -0.0164 0.0284  -0.0153 8  U A "C4'" 
200 O "O4'" . U A 7  ? 0.1277 0.1450 0.1479 -0.0174 0.0131  -0.0245 8  U A "O4'" 
201 C "C3'" . U A 7  ? 0.1016 0.1534 0.2013 -0.0171 0.0371  -0.0171 8  U A "C3'" 
202 O "O3'" . U A 7  ? 0.0951 0.1806 0.2064 -0.0259 0.0406  0.0165  8  U A "O3'" 
203 C "C2'" . U A 7  ? 0.1234 0.1756 0.1537 -0.0422 0.0354  -0.0220 8  U A "C2'" 
204 O "O2'" . U A 7  ? 0.1509 0.1997 0.1840 -0.0748 0.0365  -0.0181 8  U A "O2'" 
205 C "C1'" . U A 7  ? 0.1270 0.1558 0.1444 -0.0295 0.0087  -0.0174 8  U A "C1'" 
206 N N1    . U A 7  ? 0.1077 0.1242 0.1344 -0.0286 0.0009  0.0165  8  U A N1    
207 C C2    . U A 7  ? 0.1173 0.1313 0.1520 -0.0321 -0.0118 0.0338  8  U A C2    
208 O O2    . U A 7  ? 0.1391 0.1562 0.1637 -0.0240 -0.0170 -0.0107 8  U A O2    
209 N N3    . U A 7  ? 0.0825 0.1228 0.1592 -0.0059 -0.0085 0.0153  8  U A N3    
210 C C4    . U A 7  ? 0.1028 0.1268 0.1490 -0.0133 -0.0329 0.0143  8  U A C4    
211 O O4    . U A 7  ? 0.1025 0.1526 0.1701 -0.0053 -0.0284 -0.0368 8  U A O4    
212 C C5    . U A 7  ? 0.1141 0.1377 0.1641 -0.0239 -0.0322 0.0192  8  U A C5    
213 C C6    . U A 7  ? 0.0942 0.1297 0.1424 -0.0156 -0.0036 0.0036  8  U A C6    
224 P P     A U A 8  ? 0.1102 0.2307 0.2152 -0.0576 0.0350  0.0486  9  U A P     
225 P P     B U A 8  ? 0.0936 0.1958 0.2638 -0.0029 -0.0049 0.0399  9  U A P     
226 O OP1   A U A 8  ? 0.1306 0.2166 0.2490 -0.0695 0.0380  0.0521  9  U A OP1   
227 O OP1   B U A 8  ? 0.1030 0.2098 0.3929 -0.0030 -0.0255 0.0389  9  U A OP1   
228 O OP2   A U A 8  ? 0.1387 0.2890 0.2122 -0.0913 0.0175  0.0459  9  U A OP2   
229 O OP2   B U A 8  ? 0.1238 0.2535 0.2591 -0.0286 -0.0292 0.0300  9  U A OP2   
230 O "O5'" A U A 8  ? 0.0993 0.1871 0.2306 -0.0408 0.0360  0.0200  9  U A "O5'" 
231 O "O5'" B U A 8  ? 0.1039 0.1630 0.1497 0.0097  0.0027  0.0030  9  U A "O5'" 
232 C "C5'" A U A 8  ? 0.0943 0.1813 0.2580 -0.0475 0.0313  0.0147  9  U A "C5'" 
233 C "C5'" B U A 8  ? 0.1095 0.1602 0.1164 0.0098  -0.0029 -0.0201 9  U A "C5'" 
234 C "C4'" A U A 8  ? 0.0934 0.1803 0.2382 -0.0539 0.0317  0.0113  9  U A "C4'" 
235 C "C4'" B U A 8  ? 0.1078 0.1419 0.1050 0.0126  0.0002  -0.0536 9  U A "C4'" 
236 O "O4'" A U A 8  ? 0.0994 0.1807 0.2509 -0.0608 0.0251  0.0042  9  U A "O4'" 
237 O "O4'" B U A 8  ? 0.1037 0.1552 0.1381 0.0208  -0.0102 -0.0551 9  U A "O4'" 
238 C "C3'" A U A 8  ? 0.0900 0.1730 0.2391 -0.0482 0.0238  0.0114  9  U A "C3'" 
239 C "C3'" B U A 8  ? 0.1124 0.1639 0.0801 -0.0167 0.0039  -0.0273 9  U A "C3'" 
240 O "O3'" A U A 8  ? 0.0743 0.1249 0.2863 0.0021  -0.0060 0.0078  9  U A "O3'" 
241 O "O3'" B U A 8  ? 0.1147 0.1827 0.0665 -0.0400 -0.0020 0.0018  9  U A "O3'" 
242 C "C2'" A U A 8  ? 0.1083 0.1873 0.2627 -0.0702 0.0155  -0.0001 9  U A "C2'" 
243 C "C2'" B U A 8  ? 0.1063 0.1563 0.1079 -0.0020 -0.0008 -0.0217 9  U A "C2'" 
244 O "O2'" A U A 8  ? 0.1227 0.1909 0.3125 -0.0699 -0.0009 -0.0159 9  U A "O2'" 
245 O "O2'" B U A 8  ? 0.1085 0.1132 0.1903 0.0237  -0.0364 -0.0212 9  U A "O2'" 
246 C "C1'" A U A 8  ? 0.1052 0.1769 0.2629 -0.0622 0.0172  -0.0137 9  U A "C1'" 
247 C "C1'" B U A 8  ? 0.1065 0.1669 0.0952 0.0113  -0.0104 -0.0140 9  U A "C1'" 
248 N N1    A U A 8  ? 0.1022 0.1627 0.2566 -0.0530 0.0333  -0.0370 9  U A N1    
249 N N1    B U A 8  ? 0.0996 0.1627 0.1476 0.0312  -0.0204 0.0136  9  U A N1    
250 C C2    A U A 8  ? 0.1130 0.1673 0.2719 -0.0528 0.0262  -0.0696 9  U A C2    
251 C C2    B U A 8  ? 0.1042 0.1561 0.2417 0.0540  -0.0412 -0.0082 9  U A C2    
252 O O2    A U A 8  ? 0.1282 0.1645 0.2811 -0.0494 0.0165  -0.0882 9  U A O2    
253 O O2    B U A 8  ? 0.1105 0.1761 0.2833 0.0543  -0.0435 -0.0295 9  U A O2    
254 N N3    A U A 8  ? 0.1081 0.1797 0.1986 -0.0576 0.0542  -0.0737 9  U A N3    
255 N N3    B U A 8  ? 0.1098 0.1584 0.2276 0.0407  -0.0396 0.0136  9  U A N3    
256 C C4    A U A 8  ? 0.1123 0.2047 0.2242 -0.0681 0.0433  -0.0493 9  U A C4    
257 C C4    B U A 8  ? 0.1319 0.1743 0.2572 0.0216  -0.0509 0.0019  9  U A C4    
258 O O4    A U A 8  ? 0.1048 0.2123 0.2041 -0.0536 0.0548  -0.0575 9  U A O4    
259 O O4    B U A 8  ? 0.1499 0.1736 0.1921 -0.0039 -0.0413 0.0239  9  U A O4    
260 C C5    A U A 8  ? 0.1092 0.1934 0.1900 -0.0662 0.0474  -0.0211 9  U A C5    
261 C C5    B U A 8  ? 0.1293 0.1829 0.2592 0.0359  -0.0623 -0.0214 9  U A C5    
262 C C6    A U A 8  ? 0.1076 0.2061 0.2251 -0.0675 0.0402  -0.0293 9  U A C6    
263 C C6    B U A 8  ? 0.1178 0.2043 0.2211 0.0248  -0.0429 -0.0068 9  U A C6    
284 P P     A C A 9  ? 0.0853 0.1349 0.1970 -0.0038 -0.0144 0.0757  10 C A P     
285 P P     B C A 9  ? 0.1302 0.1498 0.1408 -0.0281 -0.0237 -0.0580 10 C A P     
286 O OP1   A C A 9  ? 0.0877 0.1479 0.2108 0.0025  -0.0308 0.0832  10 C A OP1   
287 O OP1   B C A 9  ? 0.1320 0.1670 0.2178 -0.0291 -0.0384 -0.0672 10 C A OP1   
288 O OP2   A C A 9  ? 0.0879 0.1328 0.1213 0.0059  0.0008  0.0586  10 C A OP2   
289 O OP2   B C A 9  ? 0.1695 0.2087 0.1624 -0.0446 -0.0549 -0.0693 10 C A OP2   
290 O "O5'" A C A 9  ? 0.0935 0.1667 0.1647 -0.0159 -0.0124 0.0988  10 C A "O5'" 
291 O "O5'" B C A 9  ? 0.1270 0.1507 0.3245 -0.0236 -0.0464 -0.0654 10 C A "O5'" 
292 C "C5'" A C A 9  ? 0.1117 0.2100 0.1656 -0.0207 -0.0141 0.0497  10 C A "C5'" 
293 C "C5'" B C A 9  ? 0.1190 0.1652 0.3315 -0.0298 -0.0394 -0.0578 10 C A "C5'" 
294 C "C4'" A C A 9  ? 0.1057 0.2020 0.2364 -0.0029 -0.0070 -0.0130 10 C A "C4'" 
295 C "C4'" B C A 9  ? 0.0953 0.1552 0.1789 -0.0280 0.0036  -0.0584 10 C A "C4'" 
296 O "O4'" A C A 9  ? 0.1028 0.2007 0.2206 0.0000  0.0015  -0.0380 10 C A "O4'" 
297 O "O4'" B C A 9  ? 0.0928 0.1918 0.1467 -0.0415 0.0065  -0.0493 10 C A "O4'" 
298 C "C3'" A C A 9  ? 0.1167 0.2143 0.1726 -0.0160 -0.0039 0.0071  10 C A "C3'" 
299 C "C3'" B C A 9  ? 0.1005 0.1224 0.0879 -0.0281 0.0028  -0.0449 10 C A "C3'" 
300 O "O3'" A C A 9  ? 0.1156 0.1831 0.1934 -0.0074 0.0013  -0.0143 10 C A "O3'" 
301 O "O3'" B C A 9  ? 0.1147 0.1007 0.0856 -0.0370 -0.0211 -0.0312 10 C A "O3'" 
302 C "C2'" A C A 9  ? 0.1315 0.2201 0.1647 -0.0128 -0.0179 -0.0092 10 C A "C2'" 
303 C "C2'" B C A 9  ? 0.1111 0.1434 0.1015 -0.0366 -0.0067 -0.0393 10 C A "C2'" 
304 O "O2'" A C A 9  ? 0.1514 0.2206 0.1984 0.0003  -0.0543 -0.0235 10 C A "O2'" 
305 O "O2'" B C A 9  ? 0.1309 0.1249 0.1140 -0.0396 -0.0322 -0.0442 10 C A "O2'" 
306 C "C1'" A C A 9  ? 0.1207 0.2074 0.1818 -0.0071 -0.0122 -0.0287 10 C A "C1'" 
307 C "C1'" B C A 9  ? 0.1090 0.1958 0.1129 -0.0425 -0.0094 -0.0463 10 C A "C1'" 
308 N N1    A C A 9  ? 0.1090 0.1971 0.1573 -0.0109 0.0079  -0.0309 10 C A N1    
309 N N1    B C A 9  ? 0.1013 0.2185 0.1337 -0.0468 -0.0071 -0.0382 10 C A N1    
310 C C2    A C A 9  ? 0.1127 0.1950 0.1633 -0.0116 0.0073  -0.0316 10 C A C2    
311 C C2    B C A 9  ? 0.1087 0.2511 0.1539 -0.0509 -0.0030 -0.0474 10 C A C2    
312 O O2    A C A 9  ? 0.1075 0.1818 0.1941 -0.0099 0.0015  -0.0023 10 C A O2    
313 O O2    B C A 9  ? 0.0991 0.2646 0.2010 -0.0274 0.0120  -0.0969 10 C A O2    
314 N N3    A C A 9  ? 0.1223 0.2436 0.1997 -0.0223 -0.0083 -0.0336 10 C A N3    
315 N N3    B C A 9  ? 0.1200 0.2405 0.1279 -0.0578 -0.0162 -0.0558 10 C A N3    
316 C C4    A C A 9  ? 0.1163 0.2727 0.1430 -0.0364 0.0154  -0.0164 10 C A C4    
317 C C4    B C A 9  ? 0.1258 0.2436 0.1528 -0.0633 -0.0328 -0.0444 10 C A C4    
318 N N4    A C A 9  ? 0.1188 0.3128 0.1247 -0.0468 0.0255  -0.0219 10 C A N4    
319 N N4    B C A 9  ? 0.1277 0.2454 0.1880 -0.0575 -0.0399 -0.0586 10 C A N4    
320 C C5    A C A 9  ? 0.0980 0.2344 0.1600 -0.0210 0.0319  -0.0188 10 C A C5    
321 C C5    B C A 9  ? 0.1094 0.2252 0.1304 -0.0496 -0.0176 -0.0576 10 C A C5    
322 C C6    A C A 9  ? 0.0956 0.2165 0.1134 -0.0180 0.0445  -0.0330 10 C A C6    
323 C C6    B C A 9  ? 0.0993 0.2233 0.1209 -0.0505 -0.0082 -0.0434 10 C A C6    
346 P P     A A A 10 ? 0.1194 0.1713 0.2273 0.0092  -0.0052 -0.0430 11 A A P     
347 P P     B A A 10 ? 0.1214 0.1560 0.1203 -0.0460 -0.0442 0.0013  11 A A P     
348 O OP1   A A A 10 ? 0.1178 0.1725 0.2750 -0.0089 0.0001  -0.0295 11 A A OP1   
349 O OP1   B A A 10 ? 0.1234 0.1898 0.1353 -0.0516 -0.0410 -0.0286 11 A A OP1   
350 O OP2   A A A 10 ? 0.1209 0.1640 0.2111 0.0127  -0.0136 -0.0192 11 A A OP2   
351 O OP2   B A A 10 ? 0.1377 0.1686 0.2049 -0.0444 -0.0879 0.0226  11 A A OP2   
352 O "O5'" A A A 10 ? 0.1400 0.1697 0.2047 0.0197  -0.0049 -0.0855 11 A A "O5'" 
353 O "O5'" B A A 10 ? 0.1581 0.1613 0.0730 -0.0634 -0.0377 0.0187  11 A A "O5'" 
354 C "C5'" A A A 10 ? 0.1547 0.1702 0.1968 0.0275  -0.0167 -0.1053 11 A A "C5'" 
355 C "C5'" B A A 10 ? 0.1606 0.1791 0.0726 -0.0648 -0.0296 0.0089  11 A A "C5'" 
356 C "C4'" A A A 10 ? 0.1780 0.1966 0.1291 0.0017  -0.0278 -0.0623 11 A A "C4'" 
357 C "C4'" B A A 10 ? 0.1599 0.1749 0.0984 -0.0588 -0.0245 -0.0088 11 A A "C4'" 
358 O "O4'" A A A 10 ? 0.1959 0.2006 0.1317 -0.0009 -0.0535 -0.0491 11 A A "O4'" 
359 O "O4'" B A A 10 ? 0.1626 0.1662 0.1343 -0.0545 -0.0397 -0.0253 11 A A "O4'" 
360 C "C3'" A A A 10 ? 0.1836 0.1830 0.1192 -0.0128 -0.0302 -0.0457 11 A A "C3'" 
361 C "C3'" B A A 10 ? 0.1537 0.1587 0.1207 -0.0547 -0.0106 -0.0263 11 A A "C3'" 
362 O "O3'" A A A 10 ? 0.1759 0.1520 0.1026 -0.0304 -0.0160 -0.0334 11 A A "O3'" 
363 O "O3'" B A A 10 ? 0.1602 0.1363 0.1048 -0.0518 -0.0036 -0.0290 11 A A "O3'" 
364 C "C2'" A A A 10 ? 0.1996 0.1732 0.1319 0.0022  -0.0575 -0.0453 11 A A "C2'" 
365 C "C2'" B A A 10 ? 0.1501 0.1478 0.1502 -0.0479 -0.0187 -0.0331 11 A A "C2'" 
366 O "O2'" A A A 10 ? 0.2042 0.1614 0.2071 0.0155  -0.0587 -0.0884 11 A A "O2'" 
367 O "O2'" B A A 10 ? 0.1501 0.1750 0.1771 -0.0455 0.0001  -0.0682 11 A A "O2'" 
368 C "C1'" A A A 10 ? 0.1956 0.1682 0.1507 0.0156  -0.0673 -0.0533 11 A A "C1'" 
369 C "C1'" B A A 10 ? 0.1387 0.1437 0.1512 -0.0474 -0.0224 -0.0333 11 A A "C1'" 
370 N N9    A A A 10 ? 0.1953 0.1708 0.1512 0.0291  -0.0851 -0.0527 11 A A N9    
371 N N9    B A A 10 ? 0.1047 0.1860 0.1101 -0.0619 0.0036  -0.0245 11 A A N9    
372 C C8    A A A 10 ? 0.1847 0.1727 0.1246 0.0384  -0.0824 -0.0297 11 A A C8    
373 C C8    B A A 10 ? 0.1099 0.2074 0.1417 -0.0658 -0.0215 -0.0071 11 A A C8    
374 N N7    A A A 10 ? 0.1752 0.1431 0.1281 0.0554  -0.0804 -0.0359 11 A A N7    
375 N N7    B A A 10 ? 0.1030 0.2020 0.1599 -0.0713 -0.0263 0.0063  11 A A N7    
376 C C5    A A A 10 ? 0.1778 0.1694 0.1507 0.0558  -0.0856 -0.0617 11 A A C5    
377 C C5    B A A 10 ? 0.1007 0.2117 0.1220 -0.0658 -0.0181 -0.0178 11 A A C5    
378 C C6    A A A 10 ? 0.1485 0.1768 0.1713 0.0715  -0.0574 -0.0834 11 A A C6    
379 C C6    B A A 10 ? 0.0955 0.1970 0.1492 -0.0586 -0.0328 -0.0109 11 A A C6    
380 N N6    A A A 10 ? 0.1232 0.2142 0.1721 0.0734  -0.0282 -0.0783 11 A A N6    
381 N N6    B A A 10 ? 0.1176 0.1871 0.1492 -0.0411 -0.0627 -0.0252 11 A A N6    
382 N N1    A A A 10 ? 0.1560 0.1862 0.2152 0.0723  -0.0736 -0.0885 11 A A N1    
383 N N1    B A A 10 ? 0.0750 0.2104 0.1345 -0.0498 -0.0031 -0.0199 11 A A N1    
384 C C2    A A A 10 ? 0.1640 0.1561 0.1889 0.0734  -0.0760 -0.0856 11 A A C2    
385 C C2    B A A 10 ? 0.0691 0.2021 0.1112 -0.0416 0.0172  -0.0179 11 A A C2    
386 N N3    A A A 10 ? 0.1839 0.1816 0.2127 0.0519  -0.0919 -0.0738 11 A A N3    
387 N N3    B A A 10 ? 0.0845 0.2236 0.1033 -0.0597 0.0101  -0.0152 11 A A N3    
388 C C4    A A A 10 ? 0.1900 0.1663 0.1804 0.0460  -0.0923 -0.0713 11 A A C4    
389 C C4    B A A 10 ? 0.0921 0.2058 0.1101 -0.0674 0.0051  -0.0226 11 A A C4    
412 P P     . A A 11 ? 0.1577 0.1453 0.1431 -0.0333 -0.0065 -0.0330 12 A A P     
413 O OP1   . A A 11 ? 0.1745 0.1710 0.2134 -0.0568 -0.0020 -0.0729 12 A A OP1   
414 O OP2   . A A 11 ? 0.1547 0.1754 0.1775 -0.0091 -0.0244 -0.0600 12 A A OP2   
415 O "O5'" . A A 11 ? 0.1651 0.1039 0.1145 -0.0116 -0.0218 -0.0287 12 A A "O5'" 
416 C "C5'" . A A 11 ? 0.1591 0.1275 0.1045 -0.0069 -0.0424 -0.0073 12 A A "C5'" 
417 C "C4'" . A A 11 ? 0.1453 0.1092 0.1085 0.0079  -0.0477 -0.0141 12 A A "C4'" 
418 O "O4'" . A A 11 ? 0.1519 0.1170 0.1121 0.0009  -0.0519 0.0001  12 A A "O4'" 
419 C "C3'" . A A 11 ? 0.1308 0.1067 0.0883 -0.0018 -0.0202 -0.0272 12 A A "C3'" 
420 O "O3'" . A A 11 ? 0.1247 0.1034 0.0968 -0.0011 -0.0284 -0.0251 12 A A "O3'" 
421 C "C2'" . A A 11 ? 0.1292 0.1121 0.1214 -0.0011 -0.0266 -0.0203 12 A A "C2'" 
422 O "O2'" . A A 11 ? 0.1489 0.1220 0.1076 0.0064  -0.0557 -0.0144 12 A A "O2'" 
423 C "C1'" . A A 11 ? 0.1249 0.1391 0.1048 -0.0008 -0.0327 0.0034  12 A A "C1'" 
424 N N9    . A A 11 ? 0.1125 0.1119 0.1370 0.0023  -0.0417 0.0039  12 A A N9    
425 C C8    . A A 11 ? 0.1227 0.1260 0.1472 -0.0105 -0.0589 -0.0034 12 A A C8    
426 N N7    . A A 11 ? 0.1165 0.1078 0.1308 -0.0114 -0.0447 -0.0103 12 A A N7    
427 C C5    . A A 11 ? 0.1182 0.1123 0.1238 -0.0341 -0.0299 0.0197  12 A A C5    
428 C C6    . A A 11 ? 0.1305 0.0962 0.1475 -0.0251 -0.0347 -0.0030 12 A A C6    
429 N N6    . A A 11 ? 0.1258 0.1175 0.1480 -0.0196 -0.0189 0.0163  12 A A N6    
430 N N1    . A A 11 ? 0.1029 0.1477 0.1607 -0.0095 -0.0105 -0.0254 12 A A N1    
431 C C2    . A A 11 ? 0.1007 0.1593 0.1606 -0.0150 0.0069  -0.0118 12 A A C2    
432 N N3    . A A 11 ? 0.1248 0.1461 0.1448 -0.0322 -0.0048 0.0093  12 A A N3    
433 C C4    . A A 11 ? 0.1219 0.1125 0.1521 -0.0110 -0.0332 -0.0022 12 A A C4    
445 P P     . U A 12 ? 0.1228 0.1229 0.1172 -0.0200 -0.0186 -0.0139 13 U A P     
446 O OP1   . U A 12 ? 0.1404 0.1412 0.0928 -0.0388 -0.0217 -0.0125 13 U A OP1   
447 O OP2   . U A 12 ? 0.1115 0.1353 0.1359 -0.0117 0.0011  -0.0393 13 U A OP2   
448 O "O5'" . U A 12 ? 0.1140 0.1098 0.0962 -0.0041 -0.0184 -0.0074 13 U A "O5'" 
449 C "C5'" . U A 12 ? 0.1186 0.0925 0.1152 -0.0010 -0.0301 -0.0195 13 U A "C5'" 
450 C "C4'" . U A 12 ? 0.1129 0.1034 0.1177 -0.0113 -0.0408 -0.0011 13 U A "C4'" 
451 O "O4'" . U A 12 ? 0.1080 0.1229 0.1072 -0.0111 -0.0342 -0.0032 13 U A "O4'" 
452 C "C3'" . U A 12 ? 0.0952 0.1219 0.0898 -0.0115 -0.0185 -0.0141 13 U A "C3'" 
453 O "O3'" . U A 12 ? 0.0891 0.1187 0.0876 -0.0066 -0.0075 -0.0180 13 U A "O3'" 
454 C "C2'" . U A 12 ? 0.0747 0.1066 0.1188 0.0040  -0.0055 -0.0144 13 U A "C2'" 
455 O "O2'" . U A 12 ? 0.0981 0.1233 0.1172 -0.0067 -0.0229 -0.0134 13 U A "O2'" 
456 C "C1'" . U A 12 ? 0.0871 0.1251 0.0865 -0.0006 -0.0062 -0.0124 13 U A "C1'" 
457 N N1    . U A 12 ? 0.1013 0.1196 0.0994 -0.0159 -0.0152 -0.0024 13 U A N1    
458 C C2    . U A 12 ? 0.1163 0.0940 0.1231 -0.0131 -0.0226 -0.0042 13 U A C2    
459 O O2    . U A 12 ? 0.1333 0.1124 0.1154 -0.0139 -0.0124 0.0005  13 U A O2    
460 N N3    . U A 12 ? 0.1076 0.1145 0.1160 -0.0184 -0.0219 -0.0044 13 U A N3    
461 C C4    . U A 12 ? 0.1133 0.1157 0.1110 -0.0295 -0.0121 0.0055  13 U A C4    
462 O O4    . U A 12 ? 0.1372 0.1370 0.1318 -0.0185 -0.0321 -0.0146 13 U A O4    
463 C C5    . U A 12 ? 0.1072 0.1184 0.1133 -0.0164 -0.0142 -0.0018 13 U A C5    
464 C C6    . U A 12 ? 0.1100 0.1027 0.1295 -0.0031 -0.0371 -0.0081 13 U A C6    
475 P P     . U A 13 ? 0.0931 0.1096 0.1105 -0.0155 -0.0127 0.0020  14 U A P     
476 O OP1   . U A 13 ? 0.0966 0.0985 0.1224 -0.0222 -0.0259 0.0031  14 U A OP1   
477 O OP2   . U A 13 ? 0.0862 0.1509 0.0986 -0.0067 -0.0010 0.0026  14 U A OP2   
478 O "O5'" . U A 13 ? 0.0854 0.1138 0.0974 -0.0072 -0.0178 -0.0173 14 U A "O5'" 
479 C "C5'" . U A 13 ? 0.0905 0.0869 0.1382 0.0017  -0.0357 -0.0130 14 U A "C5'" 
480 C "C4'" . U A 13 ? 0.0829 0.0960 0.1087 -0.0139 -0.0137 -0.0084 14 U A "C4'" 
481 O "O4'" . U A 13 ? 0.0694 0.1071 0.1150 -0.0135 -0.0082 -0.0107 14 U A "O4'" 
482 C "C3'" . U A 13 ? 0.0824 0.1132 0.1002 -0.0096 -0.0219 -0.0067 14 U A "C3'" 
483 O "O3'" . U A 13 ? 0.0788 0.1523 0.1185 -0.0201 -0.0239 -0.0074 14 U A "O3'" 
484 C "C2'" . U A 13 ? 0.0826 0.1159 0.0882 -0.0031 -0.0230 0.0003  14 U A "C2'" 
485 O "O2'" . U A 13 ? 0.0928 0.1311 0.1083 0.0132  -0.0276 -0.0217 14 U A "O2'" 
486 C "C1'" . U A 13 ? 0.0702 0.0920 0.1429 -0.0096 -0.0184 0.0003  14 U A "C1'" 
487 N N1    . U A 13 ? 0.0645 0.1058 0.1057 -0.0071 -0.0259 0.0115  14 U A N1    
488 C C2    . U A 13 ? 0.0742 0.0957 0.1331 -0.0102 -0.0188 0.0112  14 U A C2    
489 O O2    . U A 13 ? 0.0877 0.0956 0.1239 -0.0168 -0.0055 -0.0086 14 U A O2    
490 N N3    . U A 13 ? 0.0750 0.1358 0.1235 -0.0086 -0.0077 -0.0116 14 U A N3    
491 C C4    . U A 13 ? 0.0874 0.1105 0.1092 -0.0121 -0.0141 -0.0036 14 U A C4    
492 O O4    . U A 13 ? 0.0927 0.1173 0.1425 -0.0063 -0.0043 0.0022  14 U A O4    
493 C C5    . U A 13 ? 0.0881 0.1181 0.1214 -0.0147 -0.0267 0.0026  14 U A C5    
494 C C6    . U A 13 ? 0.0804 0.1247 0.1428 -0.0115 -0.0434 0.0036  14 U A C6    
505 P P     . C A 14 ? 0.1078 0.1751 0.1726 -0.0212 -0.0369 -0.0132 15 C A P     
506 O OP1   . C A 14 ? 0.1429 0.1786 0.2135 -0.0310 -0.0715 -0.0457 15 C A OP1   
507 O OP2   . C A 14 ? 0.1086 0.2184 0.2148 -0.0375 -0.0059 -0.0271 15 C A OP2   
508 O "O5'" . C A 14 ? 0.1117 0.1568 0.1644 -0.0006 -0.0379 -0.0083 15 C A "O5'" 
509 C "C5'" . C A 14 ? 0.1340 0.1309 0.2292 0.0163  -0.0612 -0.0275 15 C A "C5'" 
510 C "C4'" . C A 14 ? 0.1344 0.1248 0.2071 0.0220  -0.0638 -0.0226 15 C A "C4'" 
511 O "O4'" . C A 14 ? 0.1371 0.1358 0.2101 0.0247  -0.0677 -0.0403 15 C A "O4'" 
512 C "C3'" . C A 14 ? 0.1549 0.1709 0.1739 0.0236  -0.0799 -0.0179 15 C A "C3'" 
513 O "O3'" . C A 14 ? 0.1847 0.1672 0.2486 0.0360  -0.1227 -0.0390 15 C A "O3'" 
514 C "C2'" . C A 14 ? 0.1418 0.1693 0.2060 0.0209  -0.0453 -0.0324 15 C A "C2'" 
515 O "O2'" . C A 14 ? 0.1705 0.1932 0.2409 0.0051  -0.0663 0.0140  15 C A "O2'" 
516 C "C1'" . C A 14 ? 0.1319 0.1559 0.2311 0.0264  -0.0493 -0.0498 15 C A "C1'" 
517 N N1    . C A 14 ? 0.1266 0.1409 0.2019 0.0167  -0.0407 -0.0513 15 C A N1    
518 C C2    . C A 14 ? 0.1203 0.1535 0.1747 0.0005  -0.0187 -0.0198 15 C A C2    
519 O O2    . C A 14 ? 0.1223 0.1493 0.1857 0.0106  -0.0276 -0.0134 15 C A O2    
520 N N3    . C A 14 ? 0.1086 0.1307 0.1664 0.0118  -0.0083 -0.0268 15 C A N3    
521 C C4    . C A 14 ? 0.1114 0.1521 0.1430 -0.0195 -0.0104 0.0085  15 C A C4    
522 N N4    . C A 14 ? 0.1112 0.1927 0.1590 -0.0347 -0.0084 0.0246  15 C A N4    
523 C C5    . C A 14 ? 0.1059 0.1229 0.2155 0.0024  -0.0361 -0.0061 15 C A C5    
524 C C6    . C A 14 ? 0.1119 0.1281 0.1969 0.0131  -0.0398 -0.0284 15 C A C6    
536 P P     . U A 15 ? 0.2058 0.1889 0.3295 0.0241  -0.1448 -0.0502 16 U A P     
537 O OP1   . U A 15 ? 0.2348 0.2616 0.3236 -0.0021 -0.1529 -0.0541 16 U A OP1   
538 O OP2   . U A 15 ? 0.1811 0.2109 0.3531 -0.0182 -0.1240 0.0264  16 U A OP2   
539 O "O5'" . U A 15 ? 0.1961 0.1906 0.3533 0.0415  -0.1398 -0.0513 16 U A "O5'" 
540 C "C5'" . U A 15 ? 0.2113 0.2149 0.3556 0.0345  -0.1501 -0.0240 16 U A "C5'" 
541 C "C4'" . U A 15 ? 0.2137 0.2331 0.3986 0.0291  -0.1365 -0.0254 16 U A "C4'" 
542 O "O4'" . U A 15 ? 0.1871 0.2318 0.3814 0.0220  -0.0964 -0.0360 16 U A "O4'" 
543 C "C3'" . U A 15 ? 0.2265 0.2369 0.5017 0.0521  -0.1537 -0.0347 16 U A "C3'" 
544 O "O3'" . U A 15 ? 0.2728 0.3047 0.5949 0.0381  -0.1984 -0.0199 16 U A "O3'" 
545 C "C2'" . U A 15 ? 0.2064 0.2108 0.5138 0.0451  -0.1308 -0.0311 16 U A "C2'" 
546 O "O2'" . U A 15 ? 0.2230 0.2398 0.5780 0.0567  -0.1324 -0.0456 16 U A "O2'" 
547 C "C1'" . U A 15 ? 0.1722 0.1974 0.3965 0.0190  -0.0815 -0.0198 16 U A "C1'" 
548 N N1    . U A 15 ? 0.1238 0.2088 0.3340 -0.0105 -0.0216 -0.0237 16 U A N1    
549 C C2    . U A 15 ? 0.1119 0.2115 0.3624 -0.0271 -0.0182 -0.0186 16 U A C2    
550 O O2    . U A 15 ? 0.1178 0.2050 0.4423 -0.0101 -0.0129 -0.0684 16 U A O2    
551 N N3    . U A 15 ? 0.1070 0.2069 0.4045 -0.0136 -0.0156 -0.0441 16 U A N3    
552 C C4    . U A 15 ? 0.1162 0.2293 0.4065 -0.0074 -0.0293 -0.0666 16 U A C4    
553 O O4    . U A 15 ? 0.1362 0.2594 0.3922 -0.0188 -0.0321 -0.0589 16 U A O4    
554 C C5    . U A 15 ? 0.1168 0.2353 0.3779 -0.0169 -0.0252 -0.0680 16 U A C5    
555 C C6    . U A 15 ? 0.1231 0.2296 0.3222 -0.0282 -0.0232 -0.0266 16 U A C6    
566 P P     . A A 16 ? 0.3234 0.4212 0.7178 -0.0035 -0.2422 0.0081  17 A A P     
567 O OP1   . A A 16 ? 0.3389 0.4117 0.7906 0.0165  -0.2502 -0.0587 17 A A OP1   
568 O OP2   . A A 16 ? 0.3205 0.4686 0.7225 -0.0167 -0.2392 0.0163  17 A A OP2   
569 O "O5'" . A A 16 ? 0.3002 0.4679 0.6827 -0.0344 -0.1869 0.0437  17 A A "O5'" 
570 C "C5'" . A A 16 ? 0.2901 0.5417 0.4348 -0.0894 -0.1127 0.1191  17 A A "C5'" 
571 C "C4'" . A A 16 ? 0.2761 0.5704 0.3228 -0.1184 -0.0535 0.1270  17 A A "C4'" 
572 O "O4'" . A A 16 ? 0.2712 0.5648 0.4245 -0.1210 -0.0397 0.0849  17 A A "O4'" 
573 C "C3'" . A A 16 ? 0.2674 0.5591 0.3273 -0.1027 -0.0564 0.0906  17 A A "C3'" 
574 O "O3'" . A A 16 ? 0.2265 0.5059 0.3161 -0.0427 -0.0605 0.0352  17 A A "O3'" 
575 C "C2'" . A A 16 ? 0.2945 0.5732 0.4627 -0.1186 -0.0757 0.0663  17 A A "C2'" 
576 O "O2'" . A A 16 ? 0.3167 0.5996 0.4806 -0.1251 -0.0909 0.0620  17 A A "O2'" 
577 C "C1'" . A A 16 ? 0.2801 0.5788 0.4920 -0.1379 -0.0435 0.0561  17 A A "C1'" 
578 N N9    . A A 16 ? 0.2684 0.6022 0.5001 -0.1831 -0.0028 0.0413  17 A A N9    
579 C C8    . A A 16 ? 0.2740 0.6010 0.4655 -0.1979 0.0195  0.0527  17 A A C8    
580 N N7    . A A 16 ? 0.2737 0.6201 0.5415 -0.2041 0.0009  0.0184  17 A A N7    
581 C C5    . A A 16 ? 0.2670 0.5966 0.5717 -0.1997 0.0040  0.0091  17 A A C5    
582 C C6    . A A 16 ? 0.2699 0.5822 0.6263 -0.2021 -0.0098 -0.0007 17 A A C6    
583 N N6    . A A 16 ? 0.2598 0.5748 0.6344 -0.1945 -0.0046 0.0017  17 A A N6    
584 N N1    . A A 16 ? 0.2928 0.5919 0.6414 -0.2174 -0.0285 -0.0010 17 A A N1    
585 C C2    . A A 16 ? 0.3049 0.6052 0.5750 -0.2268 -0.0214 0.0173  17 A A C2    
586 N N3    . A A 16 ? 0.2957 0.6056 0.5565 -0.2213 -0.0072 0.0131  17 A A N3    
587 C C4    . A A 16 ? 0.2711 0.5997 0.5174 -0.2012 0.0131  0.0239  17 A A C4    
599 P P     . G A 17 ? 0.2083 0.4424 0.3146 0.0007  -0.0683 -0.0322 18 G A P     
600 O OP1   . G A 17 ? 0.2315 0.5076 0.3255 -0.0090 -0.1001 -0.0083 18 G A OP1   
601 O OP2   . G A 17 ? 0.2321 0.4429 0.4123 0.0048  -0.1040 -0.0659 18 G A OP2   
602 O "O5'" . G A 17 ? 0.2122 0.3221 0.2756 -0.0025 -0.0619 -0.0228 18 G A "O5'" 
603 C "C5'" . G A 17 ? 0.2202 0.2779 0.3464 -0.0341 -0.0566 -0.0155 18 G A "C5'" 
604 C "C4'" . G A 17 ? 0.2247 0.2911 0.3530 -0.0650 -0.0442 -0.0191 18 G A "C4'" 
605 O "O4'" . G A 17 ? 0.2234 0.2862 0.4175 -0.0749 -0.0560 -0.0216 18 G A "O4'" 
606 C "C3'" . G A 17 ? 0.2157 0.2757 0.4224 -0.0459 -0.0528 -0.0440 18 G A "C3'" 
607 O "O3'" . G A 17 ? 0.2100 0.2580 0.5436 -0.0065 -0.0859 -0.0666 18 G A "O3'" 
608 C "C2'" . G A 17 ? 0.2227 0.2823 0.4334 -0.0585 -0.0679 -0.0296 18 G A "C2'" 
609 O "O2'" . G A 17 ? 0.2385 0.2601 0.5043 -0.0386 -0.1077 -0.0438 18 G A "O2'" 
610 C "C1'" . G A 17 ? 0.2188 0.3067 0.4039 -0.0915 -0.0536 -0.0103 18 G A "C1'" 
611 N N9    . G A 17 ? 0.2091 0.3591 0.4053 -0.1244 -0.0617 0.0317  18 G A N9    
612 C C8    . G A 17 ? 0.1982 0.3697 0.4062 -0.1290 -0.0579 0.0500  18 G A C8    
613 N N7    . G A 17 ? 0.2039 0.3404 0.4584 -0.1210 -0.0691 0.0477  18 G A N7    
614 C C5    . G A 17 ? 0.2001 0.3702 0.3519 -0.1389 -0.0400 0.0634  18 G A C5    
615 C C6    . G A 17 ? 0.2030 0.3490 0.4363 -0.1275 -0.0595 0.0559  18 G A C6    
616 O O6    . G A 17 ? 0.2023 0.3411 0.5248 -0.1052 -0.0730 0.0410  18 G A O6    
617 N N1    . G A 17 ? 0.2198 0.3501 0.4683 -0.1246 -0.0906 0.0334  18 G A N1    
618 C C2    . G A 17 ? 0.2420 0.4273 0.4386 -0.1472 -0.1020 0.0128  18 G A C2    
619 N N2    . G A 17 ? 0.2664 0.4716 0.3600 -0.1585 -0.1042 0.0091  18 G A N2    
620 N N3    . G A 17 ? 0.2283 0.4427 0.3719 -0.1501 -0.0807 0.0308  18 G A N3    
621 C C4    . G A 17 ? 0.2117 0.4041 0.3720 -0.1469 -0.0569 0.0449  18 G A C4    
633 P P     . C A 18 ? 0.1952 0.2741 0.5125 0.0010  -0.0761 -0.0472 19 C A P     
634 O OP1   . C A 18 ? 0.2162 0.3066 0.5875 0.0171  -0.1285 -0.0654 19 C A OP1   
635 O OP2   . C A 18 ? 0.1977 0.2928 0.4627 -0.0047 -0.0686 -0.0398 19 C A OP2   
636 O "O5'" . C A 18 ? 0.1781 0.2935 0.3846 -0.0228 -0.0132 -0.0226 19 C A "O5'" 
637 C "C5'" . C A 18 ? 0.1851 0.2961 0.4963 -0.0165 -0.0297 -0.0604 19 C A "C5'" 
638 C "C4'" . C A 18 ? 0.1878 0.3004 0.5424 -0.0234 -0.0305 -0.0788 19 C A "C4'" 
639 O "O4'" . C A 18 ? 0.1843 0.2993 0.5561 -0.0303 -0.0214 -0.0951 19 C A "O4'" 
640 C "C3'" . C A 18 ? 0.1915 0.3188 0.5888 -0.0185 -0.0445 -0.0773 19 C A "C3'" 
641 O "O3'" . C A 18 ? 0.1829 0.3443 0.6706 0.0001  -0.0708 -0.0573 19 C A "O3'" 
642 C "C2'" . C A 18 ? 0.2054 0.3168 0.5542 -0.0280 -0.0371 -0.1044 19 C A "C2'" 
643 O "O2'" . C A 18 ? 0.2316 0.3377 0.6074 -0.0351 -0.0606 -0.1262 19 C A "O2'" 
644 C "C1'" . C A 18 ? 0.1888 0.3124 0.5061 -0.0419 -0.0135 -0.0852 19 C A "C1'" 
645 N N1    . C A 18 ? 0.1720 0.3128 0.4730 -0.0474 0.0086  -0.0948 19 C A N1    
646 C C2    . C A 18 ? 0.1807 0.3152 0.5300 -0.0452 -0.0055 -0.1281 19 C A C2    
647 O O2    . C A 18 ? 0.1978 0.3591 0.5619 -0.0388 -0.0274 -0.1571 19 C A O2    
648 N N3    . C A 18 ? 0.1674 0.2781 0.5023 -0.0476 0.0153  -0.1358 19 C A N3    
649 C C4    . C A 18 ? 0.1670 0.2841 0.4799 -0.0488 0.0187  -0.1396 19 C A C4    
650 N N4    . C A 18 ? 0.1686 0.2965 0.5148 -0.0399 0.0155  -0.1674 19 C A N4    
651 C C5    . C A 18 ? 0.1738 0.2881 0.4606 -0.0470 0.0134  -0.1247 19 C A C5    
652 C C6    . C A 18 ? 0.1594 0.2957 0.4373 -0.0425 0.0256  -0.1004 19 C A C6    
664 P P     . G A 19 ? 0.2082 0.3825 0.6995 -0.0019 -0.1174 -0.0089 20 G A P     
665 O OP1   . G A 19 ? 0.2165 0.3966 0.7045 -0.0033 -0.1290 0.0204  20 G A OP1   
666 O OP2   . G A 19 ? 0.2291 0.3963 0.7168 -0.0168 -0.1424 -0.0106 20 G A OP2   
667 O "O5'" . G A 19 ? 0.2238 0.4224 0.6189 -0.0293 -0.1055 0.0333  20 G A "O5'" 
668 C "C5'" . G A 19 ? 0.2315 0.4249 0.6307 -0.0282 -0.0946 0.0285  20 G A "C5'" 
669 C "C4'" . G A 19 ? 0.2352 0.4264 0.6278 -0.0334 -0.0722 0.0119  20 G A "C4'" 
670 O "O4'" . G A 19 ? 0.2340 0.3926 0.6165 -0.0288 -0.0694 0.0105  20 G A "O4'" 
671 C "C3'" . G A 19 ? 0.2405 0.4756 0.6012 -0.0546 -0.0497 0.0132  20 G A "C3'" 
672 O "O3'" . G A 19 ? 0.2477 0.5301 0.5688 -0.0878 -0.0287 0.0507  20 G A "O3'" 
673 C "C2'" . G A 19 ? 0.2396 0.4581 0.6074 -0.0387 -0.0540 -0.0197 20 G A "C2'" 
674 O "O2'" . G A 19 ? 0.2484 0.4803 0.7297 -0.0193 -0.0681 -0.0919 20 G A "O2'" 
675 C "C1'" . G A 19 ? 0.2280 0.3763 0.6018 -0.0255 -0.0651 -0.0143 20 G A "C1'" 
676 N N9    . G A 19 ? 0.2220 0.3118 0.5417 -0.0358 -0.0767 -0.0101 20 G A N9    
677 C C8    . G A 19 ? 0.2026 0.2888 0.4528 -0.0275 -0.0577 -0.0116 20 G A C8    
678 N N7    . G A 19 ? 0.2040 0.2755 0.4343 -0.0500 -0.0554 -0.0011 20 G A N7    
679 C C5    . G A 19 ? 0.2278 0.2658 0.3990 -0.0777 -0.0793 0.0289  20 G A C5    
680 C C6    . G A 19 ? 0.2425 0.2906 0.3840 -0.1014 -0.1048 0.0451  20 G A C6    
681 O O6    . G A 19 ? 0.2441 0.2986 0.4408 -0.0879 -0.1418 0.0352  20 G A O6    
682 N N1    . G A 19 ? 0.2643 0.2829 0.3950 -0.1101 -0.1328 0.0672  20 G A N1    
683 C C2    . G A 19 ? 0.2753 0.2697 0.3886 -0.0974 -0.1397 0.0598  20 G A C2    
684 N N2    . G A 19 ? 0.2886 0.2796 0.3564 -0.0926 -0.1457 0.0570  20 G A N2    
685 N N3    . G A 19 ? 0.2726 0.2683 0.3959 -0.0886 -0.1328 0.0642  20 G A N3    
686 C C4    . G A 19 ? 0.2428 0.2773 0.4547 -0.0721 -0.0987 0.0352  20 G A C4    
# 
